data_5HFU
#
_entry.id   5HFU
#
_cell.length_a   65.883
_cell.length_b   154.986
_cell.length_c   114.205
_cell.angle_alpha   90.00
_cell.angle_beta   95.70
_cell.angle_gamma   90.00
#
_symmetry.space_group_name_H-M   'P 1 21 1'
#
loop_
_entity.id
_entity.type
_entity.pdbx_description
1 polymer Hexokinase-2
2 non-polymer ~{N}-[(2~{S},3~{R},4~{R},5~{S},6~{R})-6-[[(4-cyanophenyl)sulfonylamino]methyl]-2,4,5-tris(oxidanyl)oxan-3-yl]-3-phenyl-benzamide
3 water water
#
_entity_poly.entity_id   1
_entity_poly.type   'polypeptide(L)'
_entity_poly.pdbx_seq_one_letter_code
;MGSSHHHHHHSSGLENLYFQGSDQVQKVDQYLYHMRLSDETLLEISKRFRKEMEKGLGATTHPTAAVKMLPTFVRSTPDG
TEHGEFLALDLGGTNFRVLWVKVTDNGLQKVEMENQIYAIPEDIMRGSGTQLFDHIAECLANFMDKLQIKDKKLPLGFTF
SFPCHQTKLDESFLVSWTKGFKSSGVEGRDVVALIRKAIQRRGDFDIDIVAVVNDTVGTMMTCGYDDHNCEIGLIVGTGS
NACYMEEMRHIDMVEGDEGRMCINMEWGAFGDDGSLNDIRTEFDQEIDMGSLNPGKQLFEKMISGMYMGELVRLILVKMA
KEELLFGGKLSPELLNTGRFETKDISDIEGEKDGIRKAREVLMRLGLDPTQEDCVATHRICQIVSTRSASLCAATLAAVL
QRIKENKGEERLRSTIGVDGSVYKKHPHFAKRLHKTVRRLVPGCDVRFLRSEDGSGKGAAMVTAVAYRLADQHRARQKTL
EHLQLSHDQLLEVKRRMKVEMERGLSKETHASAPVKMLPTYVCATPDGTEKGDFLALDLGGTNFRVLLVRVRNGKWGGVE
MHNKIYAIPQEVMHGTGDELFDHIVQCIADFLEYMGMKGVSLPLGFTFSFPCQQNSLDESILLKWTKGFKASGCEGEDVV
TLLKEAIHRREEFDLDVVAVVNDTVGTMMTCGFEDPHCEVGLIVGTGSNACYMEEMRNVELVEGEEGRMCVNMEWGAFGD
NGCLDDFRTEFDVAVDELSLNPGKQRFEKMISGMYLGEIVRNILIDFTKRGLLFRGRISERLKTRGIFETKFLSQIESDC
LALLQVRAILQHLGLESTCDDSIIVKEVCTVVARRAAQLCGAGMAAVVDRIRENRGLDALKVTVGVDGTLYKLHPHFAKV
MHETVKDLAPKCDVSFLQSEDGSGKGAALITAVACRIREAGQR
;
_entity_poly.pdbx_strand_id   A,B
#
loop_
_chem_comp.id
_chem_comp.type
_chem_comp.name
_chem_comp.formula
603 non-polymer ~{N}-[(2~{S},3~{R},4~{R},5~{S},6~{R})-6-[[(4-cyanophenyl)sulfonylamino]methyl]-2,4,5-tris(oxidanyl)oxan-3-yl]-3-phenyl-benzamide 'C26 H25 N3 O7 S'
#
# COMPACT_ATOMS: atom_id res chain seq x y z
N ASP A 23 2.07 -44.13 -14.55
CA ASP A 23 1.88 -44.53 -13.17
C ASP A 23 3.08 -44.17 -12.30
N GLN A 24 4.28 -44.34 -12.86
CA GLN A 24 5.44 -43.71 -12.27
C GLN A 24 5.24 -42.20 -12.16
N VAL A 25 4.36 -41.63 -13.00
CA VAL A 25 3.99 -40.22 -12.90
C VAL A 25 3.45 -39.89 -11.51
N GLN A 26 2.31 -40.48 -11.14
CA GLN A 26 1.69 -40.07 -9.89
C GLN A 26 2.57 -40.37 -8.68
N LYS A 27 3.47 -41.36 -8.78
CA LYS A 27 4.49 -41.53 -7.74
C LYS A 27 5.41 -40.30 -7.67
N VAL A 28 5.81 -39.79 -8.84
CA VAL A 28 6.63 -38.59 -8.90
C VAL A 28 5.90 -37.40 -8.30
N ASP A 29 4.65 -37.14 -8.77
CA ASP A 29 3.88 -35.99 -8.28
C ASP A 29 3.67 -36.06 -6.78
N GLN A 30 3.40 -37.25 -6.26
CA GLN A 30 3.25 -37.36 -4.82
C GLN A 30 4.59 -37.12 -4.12
N TYR A 31 5.70 -37.44 -4.79
CA TYR A 31 6.99 -37.14 -4.19
C TYR A 31 7.29 -35.64 -4.24
N LEU A 32 6.97 -34.99 -5.36
CA LEU A 32 7.24 -33.59 -5.66
C LEU A 32 6.10 -32.65 -5.29
N TYR A 33 5.09 -33.13 -4.56
CA TYR A 33 3.85 -32.42 -4.29
C TYR A 33 4.04 -30.95 -3.93
N HIS A 34 5.09 -30.59 -3.19
CA HIS A 34 5.25 -29.18 -2.83
C HIS A 34 5.80 -28.31 -3.96
N MET A 35 6.23 -28.89 -5.08
CA MET A 35 6.58 -28.10 -6.27
C MET A 35 5.48 -28.03 -7.31
N ARG A 36 4.31 -28.58 -7.01
CA ARG A 36 3.11 -28.34 -7.81
C ARG A 36 2.24 -27.33 -7.04
N LEU A 37 2.19 -26.10 -7.53
CA LEU A 37 1.61 -24.99 -6.78
C LEU A 37 0.18 -24.75 -7.27
N SER A 38 -0.77 -24.81 -6.33
CA SER A 38 -2.15 -24.46 -6.60
C SER A 38 -2.27 -22.98 -6.98
N ASP A 39 -3.28 -22.66 -7.78
CA ASP A 39 -3.55 -21.25 -8.08
C ASP A 39 -3.72 -20.44 -6.80
N GLU A 40 -4.25 -21.06 -5.76
CA GLU A 40 -4.35 -20.39 -4.47
C GLU A 40 -2.97 -19.96 -3.97
N THR A 41 -2.00 -20.90 -3.97
CA THR A 41 -0.65 -20.57 -3.52
C THR A 41 -0.06 -19.43 -4.35
N LEU A 42 -0.22 -19.50 -5.68
CA LEU A 42 0.28 -18.45 -6.54
C LEU A 42 -0.29 -17.08 -6.16
N LEU A 43 -1.61 -16.99 -5.96
CA LEU A 43 -2.22 -15.69 -5.64
C LEU A 43 -1.83 -15.20 -4.25
N GLU A 44 -1.52 -16.12 -3.33
CA GLU A 44 -0.92 -15.69 -2.08
C GLU A 44 0.55 -15.27 -2.26
N ILE A 45 1.26 -15.89 -3.21
CA ILE A 45 2.59 -15.38 -3.54
C ILE A 45 2.50 -13.97 -4.14
N SER A 46 1.46 -13.70 -4.95
CA SER A 46 1.28 -12.34 -5.47
C SER A 46 1.10 -11.33 -4.35
N LYS A 47 0.26 -11.66 -3.36
CA LYS A 47 0.06 -10.74 -2.26
C LYS A 47 1.36 -10.50 -1.49
N ARG A 48 2.20 -11.54 -1.34
CA ARG A 48 3.47 -11.33 -0.67
C ARG A 48 4.35 -10.42 -1.51
N PHE A 49 4.43 -10.69 -2.80
CA PHE A 49 5.27 -9.86 -3.65
C PHE A 49 4.79 -8.41 -3.63
N ARG A 50 3.49 -8.19 -3.54
CA ARG A 50 3.04 -6.81 -3.51
C ARG A 50 3.50 -6.11 -2.24
N LYS A 51 3.50 -6.80 -1.10
CA LYS A 51 4.06 -6.18 0.09
C LYS A 51 5.54 -5.90 -0.10
N GLU A 52 6.26 -6.81 -0.75
CA GLU A 52 7.67 -6.58 -0.99
C GLU A 52 7.89 -5.40 -1.92
N MET A 53 7.01 -5.21 -2.92
CA MET A 53 7.09 -4.02 -3.76
C MET A 53 6.92 -2.75 -2.94
N GLU A 54 5.96 -2.74 -2.02
CA GLU A 54 5.73 -1.53 -1.23
C GLU A 54 6.85 -1.31 -0.24
N LYS A 55 7.48 -2.39 0.24
CA LYS A 55 8.63 -2.23 1.13
C LYS A 55 9.80 -1.56 0.42
N GLY A 56 10.01 -1.85 -0.85
CA GLY A 56 11.11 -1.23 -1.57
C GLY A 56 10.80 0.19 -2.00
N LEU A 57 9.54 0.47 -2.30
CA LEU A 57 9.24 1.82 -2.76
C LEU A 57 9.26 2.82 -1.62
N GLY A 58 9.02 2.39 -0.39
CA GLY A 58 8.89 3.32 0.73
C GLY A 58 10.23 3.75 1.34
N ALA A 59 10.29 5.01 1.74
CA ALA A 59 11.54 5.59 2.23
C ALA A 59 12.08 4.82 3.43
N THR A 60 11.23 4.62 4.46
CA THR A 60 11.73 4.02 5.68
C THR A 60 12.01 2.53 5.51
N THR A 61 11.21 1.82 4.71
CA THR A 61 11.43 0.39 4.60
C THR A 61 12.47 0.01 3.54
N HIS A 62 12.82 0.91 2.62
CA HIS A 62 13.65 0.52 1.49
C HIS A 62 15.06 0.05 1.88
N PRO A 63 15.78 0.67 2.82
CA PRO A 63 17.16 0.20 3.09
C PRO A 63 17.27 -1.27 3.45
N THR A 64 16.31 -1.83 4.20
CA THR A 64 16.28 -3.25 4.53
C THR A 64 15.36 -4.09 3.64
N ALA A 65 14.70 -3.49 2.64
CA ALA A 65 13.82 -4.24 1.74
C ALA A 65 14.61 -5.17 0.82
N ALA A 66 14.17 -6.42 0.72
CA ALA A 66 14.83 -7.40 -0.13
C ALA A 66 14.54 -7.19 -1.62
N VAL A 67 13.36 -6.71 -1.99
CA VAL A 67 13.10 -6.36 -3.38
C VAL A 67 13.43 -4.86 -3.52
N LYS A 68 14.50 -4.56 -4.25
CA LYS A 68 15.13 -3.25 -4.09
C LYS A 68 14.30 -2.13 -4.72
N MET A 69 13.50 -2.43 -5.75
CA MET A 69 12.60 -1.46 -6.40
C MET A 69 13.33 -0.18 -6.78
N LEU A 70 14.28 -0.32 -7.70
CA LEU A 70 15.26 0.72 -8.00
C LEU A 70 14.72 1.67 -9.05
N PRO A 71 14.67 2.97 -8.76
CA PRO A 71 14.30 3.94 -9.82
C PRO A 71 15.29 3.91 -10.98
N THR A 72 14.75 3.80 -12.21
CA THR A 72 15.55 3.81 -13.43
C THR A 72 15.68 5.17 -14.11
N PHE A 73 14.86 6.14 -13.72
CA PHE A 73 14.87 7.50 -14.26
C PHE A 73 14.32 7.59 -15.68
N VAL A 74 13.86 6.47 -16.26
CA VAL A 74 13.09 6.54 -17.51
C VAL A 74 11.70 7.10 -17.21
N ARG A 75 11.37 8.22 -17.84
CA ARG A 75 10.10 8.88 -17.53
C ARG A 75 8.95 8.50 -18.47
N SER A 76 9.23 7.81 -19.58
CA SER A 76 8.20 7.45 -20.54
C SER A 76 8.61 6.23 -21.37
N THR A 77 7.64 5.43 -21.75
CA THR A 77 7.75 4.44 -22.82
C THR A 77 7.67 5.13 -24.19
N PRO A 78 7.99 4.42 -25.27
CA PRO A 78 7.95 5.08 -26.59
C PRO A 78 6.52 5.24 -27.08
N ASP A 79 6.25 6.36 -27.78
CA ASP A 79 4.98 6.52 -28.48
C ASP A 79 5.04 6.25 -29.99
N GLY A 80 6.19 5.91 -30.57
CA GLY A 80 6.29 5.55 -31.97
C GLY A 80 6.76 6.65 -32.91
N THR A 81 6.75 7.92 -32.47
CA THR A 81 7.17 9.05 -33.30
C THR A 81 8.63 9.43 -33.09
N GLU A 82 9.37 8.65 -32.28
CA GLU A 82 10.80 8.87 -32.07
C GLU A 82 11.57 8.77 -33.37
N HIS A 83 12.56 9.63 -33.54
CA HIS A 83 13.39 9.64 -34.75
C HIS A 83 14.77 10.16 -34.41
N GLY A 84 15.80 9.58 -35.03
CA GLY A 84 17.16 10.01 -34.83
C GLY A 84 18.14 8.87 -35.01
N GLU A 85 19.42 9.18 -34.78
CA GLU A 85 20.50 8.20 -34.72
C GLU A 85 21.09 8.18 -33.32
N PHE A 86 21.39 6.98 -32.83
CA PHE A 86 21.73 6.75 -31.44
C PHE A 86 22.80 5.68 -31.35
N LEU A 87 23.58 5.72 -30.27
CA LEU A 87 24.67 4.78 -30.02
C LEU A 87 24.35 3.97 -28.79
N ALA A 88 24.95 2.79 -28.69
CA ALA A 88 24.75 1.96 -27.51
C ALA A 88 25.97 1.08 -27.22
N LEU A 89 26.25 0.88 -25.93
CA LEU A 89 27.23 -0.09 -25.44
C LEU A 89 26.53 -1.12 -24.57
N ASP A 90 26.88 -2.39 -24.75
CA ASP A 90 26.42 -3.47 -23.89
C ASP A 90 27.64 -4.17 -23.31
N LEU A 91 27.89 -4.02 -22.00
CA LEU A 91 29.01 -4.71 -21.34
C LEU A 91 28.50 -5.87 -20.48
N GLY A 92 28.66 -7.09 -20.99
CA GLY A 92 28.28 -8.32 -20.30
C GLY A 92 29.48 -9.03 -19.74
N GLY A 93 30.65 -8.57 -20.19
CA GLY A 93 31.97 -9.01 -19.78
C GLY A 93 32.65 -9.95 -20.74
N THR A 94 33.98 -9.79 -20.84
CA THR A 94 34.91 -10.52 -21.68
C THR A 94 34.69 -10.23 -23.17
N ASN A 95 33.52 -9.67 -23.50
CA ASN A 95 33.21 -9.02 -24.78
C ASN A 95 32.07 -8.02 -24.55
N PHE A 96 32.09 -6.94 -25.31
CA PHE A 96 30.96 -6.02 -25.32
C PHE A 96 30.55 -5.78 -26.77
N ARG A 97 29.39 -5.15 -26.94
CA ARG A 97 28.96 -4.71 -28.25
C ARG A 97 28.89 -3.20 -28.30
N VAL A 98 29.06 -2.65 -29.49
CA VAL A 98 28.87 -1.23 -29.76
C VAL A 98 27.87 -1.13 -30.91
N LEU A 99 26.76 -0.45 -30.67
CA LEU A 99 25.62 -0.52 -31.56
C LEU A 99 25.34 0.85 -32.13
N TRP A 100 24.66 0.85 -33.27
CA TRP A 100 24.17 2.07 -33.91
C TRP A 100 22.73 1.83 -34.36
N VAL A 101 21.83 2.70 -33.91
CA VAL A 101 20.39 2.52 -34.11
C VAL A 101 19.90 3.72 -34.89
N LYS A 102 19.41 3.47 -36.10
CA LYS A 102 18.73 4.46 -36.92
C LYS A 102 17.23 4.34 -36.67
N VAL A 103 16.61 5.45 -36.30
CA VAL A 103 15.19 5.46 -35.98
C VAL A 103 14.52 6.49 -36.86
N THR A 104 13.53 6.04 -37.64
CA THR A 104 12.86 6.87 -38.62
C THR A 104 11.38 6.92 -38.29
N ASP A 105 10.77 8.10 -38.31
CA ASP A 105 9.33 8.10 -38.13
C ASP A 105 8.74 8.21 -39.53
N ASN A 106 8.57 7.04 -40.13
CA ASN A 106 7.86 6.84 -41.39
C ASN A 106 6.52 6.14 -41.22
N GLY A 107 6.13 5.78 -40.00
CA GLY A 107 4.94 4.99 -39.78
C GLY A 107 5.18 3.50 -39.68
N LEU A 108 6.33 3.01 -40.14
CA LEU A 108 6.64 1.58 -40.05
C LEU A 108 7.14 1.14 -38.69
N GLN A 109 7.81 2.01 -37.93
CA GLN A 109 8.45 1.61 -36.68
C GLN A 109 9.41 0.44 -36.90
N LYS A 110 10.23 0.55 -37.96
CA LYS A 110 11.20 -0.48 -38.31
C LYS A 110 12.60 0.05 -37.98
N VAL A 111 13.23 -0.56 -36.99
CA VAL A 111 14.51 -0.06 -36.48
C VAL A 111 15.65 -0.63 -37.32
N GLU A 112 16.58 0.26 -37.69
CA GLU A 112 17.78 -0.08 -38.45
C GLU A 112 18.98 -0.16 -37.50
N MET A 113 19.69 -1.29 -37.52
CA MET A 113 20.79 -1.52 -36.60
C MET A 113 22.07 -1.96 -37.31
N GLU A 114 23.17 -1.73 -36.61
CA GLU A 114 24.49 -2.22 -36.95
C GLU A 114 25.22 -2.41 -35.63
N ASN A 115 26.06 -3.43 -35.52
CA ASN A 115 26.86 -3.54 -34.32
C ASN A 115 28.14 -4.33 -34.60
N GLN A 116 28.99 -4.37 -33.58
CA GLN A 116 30.23 -5.10 -33.61
C GLN A 116 30.57 -5.55 -32.20
N ILE A 117 31.08 -6.76 -32.07
CA ILE A 117 31.58 -7.22 -30.79
C ILE A 117 33.07 -6.94 -30.76
N TYR A 118 33.60 -6.55 -29.61
CA TYR A 118 35.04 -6.54 -29.38
C TYR A 118 35.32 -7.09 -28.00
N ALA A 119 36.56 -7.56 -27.78
CA ALA A 119 36.93 -8.29 -26.58
C ALA A 119 37.86 -7.46 -25.69
N ILE A 120 37.61 -7.53 -24.40
CA ILE A 120 38.50 -6.93 -23.39
C ILE A 120 39.40 -8.05 -22.87
N PRO A 121 40.68 -8.07 -23.22
CA PRO A 121 41.59 -9.11 -22.72
C PRO A 121 41.99 -8.88 -21.26
N GLU A 122 42.53 -9.96 -20.64
CA GLU A 122 42.85 -9.93 -19.21
C GLU A 122 43.81 -8.80 -18.86
N ASP A 123 44.70 -8.44 -19.80
CA ASP A 123 45.61 -7.30 -19.63
C ASP A 123 44.85 -6.04 -19.22
N ILE A 124 43.96 -5.56 -20.09
CA ILE A 124 43.11 -4.43 -19.74
C ILE A 124 42.17 -4.79 -18.60
N MET A 125 41.63 -6.03 -18.65
CA MET A 125 40.55 -6.44 -17.76
C MET A 125 40.97 -6.39 -16.29
N ARG A 126 42.10 -7.03 -15.97
CA ARG A 126 42.63 -7.04 -14.61
C ARG A 126 43.44 -5.79 -14.32
N GLY A 127 43.52 -4.88 -15.28
CA GLY A 127 44.31 -3.67 -15.19
C GLY A 127 43.55 -2.57 -14.49
N SER A 128 43.79 -1.33 -14.93
CA SER A 128 43.31 -0.16 -14.22
C SER A 128 42.05 0.36 -14.92
N GLY A 129 41.18 0.96 -14.11
CA GLY A 129 39.93 1.50 -14.62
C GLY A 129 40.11 2.37 -15.84
N THR A 130 40.97 3.38 -15.75
CA THR A 130 41.09 4.30 -16.87
C THR A 130 41.65 3.60 -18.10
N GLN A 131 42.53 2.62 -17.92
CA GLN A 131 42.93 1.80 -19.06
C GLN A 131 41.72 1.08 -19.66
N LEU A 132 40.82 0.59 -18.80
CA LEU A 132 39.66 -0.13 -19.28
C LEU A 132 38.75 0.77 -20.12
N PHE A 133 38.47 1.97 -19.64
CA PHE A 133 37.58 2.84 -20.39
C PHE A 133 38.26 3.44 -21.61
N ASP A 134 39.57 3.72 -21.53
CA ASP A 134 40.29 4.14 -22.73
C ASP A 134 40.16 3.10 -23.81
N HIS A 135 40.16 1.82 -23.42
CA HIS A 135 39.89 0.76 -24.37
C HIS A 135 38.52 0.94 -24.98
N ILE A 136 37.50 1.11 -24.13
CA ILE A 136 36.12 1.18 -24.61
C ILE A 136 35.93 2.40 -25.50
N ALA A 137 36.40 3.55 -25.04
CA ALA A 137 36.35 4.76 -25.86
C ALA A 137 37.01 4.56 -27.23
N GLU A 138 38.05 3.72 -27.31
CA GLU A 138 38.72 3.52 -28.59
C GLU A 138 37.86 2.66 -29.51
N CYS A 139 37.31 1.57 -28.98
CA CYS A 139 36.44 0.70 -29.75
C CYS A 139 35.26 1.48 -30.32
N LEU A 140 34.62 2.27 -29.46
CA LEU A 140 33.53 3.13 -29.92
C LEU A 140 33.98 3.99 -31.09
N ALA A 141 35.18 4.57 -31.02
CA ALA A 141 35.65 5.40 -32.12
C ALA A 141 36.03 4.54 -33.34
N ASN A 142 36.56 3.34 -33.11
CA ASN A 142 36.81 2.45 -34.24
C ASN A 142 35.50 2.04 -34.90
N PHE A 143 34.43 1.97 -34.12
CA PHE A 143 33.12 1.63 -34.65
C PHE A 143 32.52 2.80 -35.42
N MET A 144 32.63 4.01 -34.87
CA MET A 144 32.21 5.21 -35.59
C MET A 144 33.05 5.43 -36.84
N ASP A 145 34.34 5.05 -36.80
CA ASP A 145 35.21 5.16 -37.96
C ASP A 145 34.75 4.21 -39.06
N LYS A 146 34.61 2.91 -38.74
CA LYS A 146 34.04 1.94 -39.69
C LYS A 146 32.65 2.40 -40.15
N LEU A 147 31.82 2.89 -39.23
CA LEU A 147 30.41 3.16 -39.50
C LEU A 147 30.12 4.54 -40.05
N GLN A 148 31.12 5.34 -40.43
CA GLN A 148 30.92 6.62 -41.12
C GLN A 148 30.70 7.81 -40.22
N ILE A 149 30.28 7.63 -38.96
CA ILE A 149 29.46 8.64 -38.31
C ILE A 149 30.26 9.57 -37.39
N LYS A 150 31.58 9.39 -37.32
CA LYS A 150 32.38 9.93 -36.23
C LYS A 150 32.36 11.47 -36.14
N ASP A 151 31.95 12.19 -37.17
CA ASP A 151 31.78 13.64 -37.03
C ASP A 151 30.40 14.05 -36.47
N LYS A 152 29.55 13.08 -36.12
CA LYS A 152 28.25 13.35 -35.54
C LYS A 152 28.28 13.22 -34.02
N LYS A 153 27.56 14.11 -33.33
CA LYS A 153 27.46 14.11 -31.88
C LYS A 153 26.12 13.48 -31.50
N LEU A 154 26.17 12.23 -30.99
CA LEU A 154 25.02 11.34 -30.79
C LEU A 154 24.88 10.88 -29.34
N PRO A 155 23.66 10.57 -28.90
CA PRO A 155 23.46 10.04 -27.55
C PRO A 155 23.92 8.61 -27.40
N LEU A 156 24.16 8.21 -26.15
CA LEU A 156 24.60 6.85 -25.78
C LEU A 156 23.81 6.47 -24.52
N GLY A 157 23.02 5.40 -24.49
CA GLY A 157 23.27 4.18 -25.17
C GLY A 157 23.93 3.15 -24.26
N PHE A 158 23.78 3.23 -22.95
CA PHE A 158 24.67 2.46 -22.11
C PHE A 158 23.87 1.48 -21.26
N THR A 159 23.97 0.19 -21.60
CA THR A 159 23.43 -0.91 -20.79
C THR A 159 24.58 -1.84 -20.42
N PHE A 160 24.93 -1.88 -19.15
CA PHE A 160 25.86 -2.87 -18.65
C PHE A 160 25.29 -3.44 -17.38
N SER A 161 25.38 -4.75 -17.24
CA SER A 161 24.85 -5.37 -16.04
C SER A 161 26.01 -5.87 -15.19
N PHE A 162 26.26 -5.11 -14.13
CA PHE A 162 27.03 -5.35 -12.92
C PHE A 162 26.25 -4.55 -11.85
N PRO A 163 26.22 -5.03 -10.61
CA PRO A 163 25.42 -4.31 -9.61
C PRO A 163 25.82 -2.84 -9.51
N CYS A 164 24.80 -1.97 -9.45
CA CYS A 164 24.97 -0.52 -9.51
C CYS A 164 24.10 0.20 -8.50
N HIS A 165 24.59 1.34 -8.04
CA HIS A 165 23.74 2.33 -7.40
C HIS A 165 23.59 3.49 -8.38
N GLN A 166 22.34 3.76 -8.80
CA GLN A 166 22.06 4.71 -9.87
C GLN A 166 21.32 5.91 -9.31
N THR A 167 21.97 7.08 -9.31
CA THR A 167 21.34 8.31 -8.83
C THR A 167 20.73 9.20 -9.91
N LYS A 168 21.01 8.96 -11.20
CA LYS A 168 20.53 9.82 -12.30
C LYS A 168 20.41 8.95 -13.54
N LEU A 169 19.75 9.45 -14.61
CA LEU A 169 19.83 8.71 -15.87
C LEU A 169 21.27 8.46 -16.27
N ASP A 170 22.09 9.52 -16.20
CA ASP A 170 23.50 9.58 -16.61
C ASP A 170 24.51 9.40 -15.47
N GLU A 171 24.10 9.02 -14.26
CA GLU A 171 25.07 8.77 -13.19
C GLU A 171 24.75 7.44 -12.52
N SER A 172 25.69 6.49 -12.60
CA SER A 172 25.55 5.20 -11.92
C SER A 172 26.89 4.71 -11.38
N PHE A 173 26.90 4.25 -10.13
CA PHE A 173 28.12 3.86 -9.41
C PHE A 173 28.24 2.34 -9.34
N LEU A 174 29.45 1.85 -9.55
CA LEU A 174 29.67 0.41 -9.59
C LEU A 174 29.76 -0.14 -8.18
N VAL A 175 28.86 -1.06 -7.81
CA VAL A 175 28.89 -1.63 -6.47
C VAL A 175 30.00 -2.67 -6.34
N SER A 176 30.03 -3.62 -7.29
CA SER A 176 31.09 -4.62 -7.37
C SER A 176 31.12 -5.14 -8.80
N TRP A 177 32.23 -5.82 -9.14
CA TRP A 177 32.35 -6.47 -10.44
C TRP A 177 31.76 -7.89 -10.40
N THR A 178 31.80 -8.54 -11.56
CA THR A 178 31.33 -9.91 -11.77
C THR A 178 32.13 -10.51 -12.91
N LYS A 179 32.19 -11.84 -12.95
CA LYS A 179 32.62 -12.61 -14.13
C LYS A 179 34.06 -12.27 -14.57
N GLY A 180 34.92 -11.87 -13.63
CA GLY A 180 36.32 -11.69 -13.93
C GLY A 180 36.84 -10.28 -14.15
N PHE A 181 36.12 -9.23 -13.77
CA PHE A 181 36.67 -7.87 -13.84
C PHE A 181 37.33 -7.50 -12.51
N LYS A 182 38.65 -7.28 -12.53
CA LYS A 182 39.39 -6.82 -11.37
C LYS A 182 39.71 -5.32 -11.37
N SER A 183 39.26 -4.56 -12.37
CA SER A 183 39.85 -3.24 -12.65
C SER A 183 39.74 -2.28 -11.47
N SER A 184 40.88 -1.71 -11.08
CA SER A 184 40.93 -0.81 -9.93
C SER A 184 40.46 0.60 -10.30
N GLY A 185 39.97 1.32 -9.30
CA GLY A 185 39.53 2.69 -9.47
C GLY A 185 38.14 2.86 -10.05
N VAL A 186 37.33 1.78 -10.07
CA VAL A 186 36.00 1.78 -10.71
C VAL A 186 34.89 1.64 -9.68
N GLU A 187 34.90 0.56 -8.89
CA GLU A 187 33.88 0.34 -7.86
C GLU A 187 33.71 1.57 -6.95
N GLY A 188 32.45 1.95 -6.72
CA GLY A 188 32.16 3.15 -5.98
C GLY A 188 32.48 4.43 -6.72
N ARG A 189 32.55 4.34 -8.05
CA ARG A 189 32.91 5.45 -8.94
C ARG A 189 31.93 5.48 -10.12
N ASP A 190 31.58 6.68 -10.58
CA ASP A 190 30.50 6.85 -11.56
C ASP A 190 31.01 6.39 -12.93
N VAL A 191 30.36 5.37 -13.49
CA VAL A 191 30.81 4.82 -14.76
C VAL A 191 30.51 5.75 -15.93
N VAL A 192 29.64 6.73 -15.75
CA VAL A 192 29.43 7.66 -16.85
C VAL A 192 30.54 8.68 -16.88
N ALA A 193 30.95 9.16 -15.71
CA ALA A 193 32.13 10.02 -15.62
C ALA A 193 33.38 9.33 -16.17
N LEU A 194 33.48 8.00 -16.04
CA LEU A 194 34.63 7.30 -16.59
C LEU A 194 34.57 7.22 -18.10
N ILE A 195 33.39 6.91 -18.65
CA ILE A 195 33.30 6.82 -20.10
C ILE A 195 33.40 8.20 -20.73
N ARG A 196 32.94 9.23 -20.02
CA ARG A 196 32.99 10.58 -20.58
C ARG A 196 34.39 11.16 -20.53
N LYS A 197 35.08 11.01 -19.39
CA LYS A 197 36.44 11.52 -19.27
C LYS A 197 37.35 10.87 -20.30
N ALA A 198 37.20 9.55 -20.52
CA ALA A 198 37.97 8.87 -21.56
C ALA A 198 37.75 9.51 -22.92
N ILE A 199 36.50 9.83 -23.25
CA ILE A 199 36.18 10.38 -24.56
C ILE A 199 36.76 11.77 -24.73
N GLN A 200 36.74 12.58 -23.67
CA GLN A 200 37.46 13.84 -23.71
C GLN A 200 38.94 13.62 -24.01
N ARG A 201 39.55 12.62 -23.36
CA ARG A 201 40.99 12.44 -23.51
C ARG A 201 41.35 12.11 -24.95
N ARG A 202 40.47 11.43 -25.68
CA ARG A 202 40.81 11.09 -27.05
C ARG A 202 40.77 12.30 -27.96
N GLY A 203 39.75 13.15 -27.79
CA GLY A 203 39.63 14.39 -28.53
C GLY A 203 39.07 14.27 -29.94
N ASP A 204 38.96 13.07 -30.51
CA ASP A 204 38.50 12.97 -31.90
C ASP A 204 36.96 13.06 -32.03
N PHE A 205 36.19 12.49 -31.10
CA PHE A 205 34.74 12.67 -31.22
C PHE A 205 34.14 13.25 -29.95
N ASP A 206 32.81 13.35 -29.95
CA ASP A 206 32.06 13.95 -28.86
C ASP A 206 30.72 13.22 -28.76
N ILE A 207 30.13 13.22 -27.56
CA ILE A 207 28.94 12.43 -27.26
C ILE A 207 27.87 13.32 -26.64
N ASP A 208 26.61 13.05 -26.97
CA ASP A 208 25.46 13.76 -26.42
C ASP A 208 24.93 13.01 -25.18
N ILE A 209 23.70 13.28 -24.77
CA ILE A 209 23.17 12.77 -23.51
C ILE A 209 23.40 11.26 -23.38
N VAL A 210 23.64 10.83 -22.16
CA VAL A 210 23.86 9.42 -21.83
C VAL A 210 22.69 8.90 -21.00
N ALA A 211 22.35 7.63 -21.20
CA ALA A 211 21.37 6.92 -20.38
C ALA A 211 21.92 5.57 -19.96
N VAL A 212 21.80 5.23 -18.68
CA VAL A 212 22.32 3.96 -18.15
C VAL A 212 21.15 3.10 -17.73
N VAL A 213 20.94 2.00 -18.45
CA VAL A 213 19.66 1.33 -18.50
C VAL A 213 19.86 -0.16 -18.23
N ASN A 214 19.09 -0.71 -17.30
CA ASN A 214 19.16 -2.14 -17.04
C ASN A 214 18.48 -2.95 -18.16
N ASP A 215 18.94 -4.20 -18.32
CA ASP A 215 18.54 -5.00 -19.47
C ASP A 215 17.02 -5.25 -19.51
N THR A 216 16.33 -5.28 -18.37
CA THR A 216 14.87 -5.39 -18.45
C THR A 216 14.28 -4.09 -18.99
N VAL A 217 14.75 -2.96 -18.45
CA VAL A 217 14.27 -1.67 -18.94
C VAL A 217 14.54 -1.55 -20.42
N GLY A 218 15.67 -2.08 -20.88
CA GLY A 218 15.93 -2.07 -22.31
C GLY A 218 14.92 -2.89 -23.06
N THR A 219 14.55 -4.05 -22.51
CA THR A 219 13.59 -4.93 -23.16
C THR A 219 12.22 -4.27 -23.25
N MET A 220 11.73 -3.73 -22.14
CA MET A 220 10.48 -2.99 -22.15
C MET A 220 10.50 -1.93 -23.23
N MET A 221 11.59 -1.15 -23.28
CA MET A 221 11.63 -0.01 -24.17
C MET A 221 11.59 -0.45 -25.63
N THR A 222 12.30 -1.51 -25.96
CA THR A 222 12.34 -1.88 -27.36
C THR A 222 11.01 -2.47 -27.80
N CYS A 223 10.37 -3.27 -26.94
CA CYS A 223 9.03 -3.78 -27.26
C CYS A 223 7.99 -2.67 -27.35
N GLY A 224 8.04 -1.71 -26.43
CA GLY A 224 7.14 -0.57 -26.45
C GLY A 224 7.29 0.32 -27.66
N TYR A 225 8.34 0.14 -28.46
CA TYR A 225 8.40 0.84 -29.73
C TYR A 225 7.51 0.20 -30.78
N ASP A 226 7.32 -1.12 -30.73
CA ASP A 226 6.31 -1.77 -31.58
C ASP A 226 4.90 -1.62 -31.00
N ASP A 227 4.73 -1.95 -29.73
CA ASP A 227 3.43 -1.96 -29.07
C ASP A 227 3.47 -0.91 -27.96
N HIS A 228 2.64 0.10 -28.08
CA HIS A 228 2.75 1.23 -27.17
C HIS A 228 1.93 1.02 -25.91
N ASN A 229 1.39 -0.17 -25.73
CA ASN A 229 0.77 -0.59 -24.47
C ASN A 229 1.74 -1.32 -23.56
N CYS A 230 3.02 -1.37 -23.90
CA CYS A 230 3.92 -2.25 -23.16
C CYS A 230 4.48 -1.45 -22.00
N GLU A 231 3.97 -1.72 -20.81
CA GLU A 231 4.44 -1.15 -19.56
C GLU A 231 5.23 -2.09 -18.65
N ILE A 232 5.52 -3.32 -19.08
CA ILE A 232 6.33 -4.25 -18.29
C ILE A 232 7.42 -4.87 -19.16
N GLY A 233 8.69 -4.74 -18.73
CA GLY A 233 9.75 -5.60 -19.23
C GLY A 233 9.93 -6.85 -18.40
N LEU A 234 10.29 -7.95 -19.05
CA LEU A 234 10.51 -9.22 -18.37
C LEU A 234 11.69 -9.96 -19.01
N ILE A 235 12.55 -10.53 -18.17
CA ILE A 235 13.59 -11.44 -18.63
C ILE A 235 13.55 -12.71 -17.79
N VAL A 236 13.26 -13.84 -18.42
CA VAL A 236 13.62 -15.12 -17.79
C VAL A 236 14.78 -15.65 -18.63
N GLY A 237 15.98 -15.43 -18.11
CA GLY A 237 17.26 -15.72 -18.72
C GLY A 237 18.00 -16.79 -17.96
N THR A 238 19.33 -16.76 -18.03
CA THR A 238 20.08 -17.45 -16.98
C THR A 238 19.77 -16.79 -15.63
N GLY A 239 19.50 -15.49 -15.61
CA GLY A 239 18.90 -14.81 -14.48
C GLY A 239 17.46 -14.43 -14.74
N SER A 240 16.82 -13.82 -13.74
CA SER A 240 15.47 -13.31 -14.00
C SER A 240 15.16 -12.04 -13.22
N ASN A 241 14.52 -11.09 -13.91
CA ASN A 241 14.20 -9.77 -13.39
C ASN A 241 13.07 -9.21 -14.23
N ALA A 242 12.41 -8.18 -13.71
CA ALA A 242 11.33 -7.51 -14.43
C ALA A 242 11.23 -6.04 -14.03
N CYS A 243 10.78 -5.21 -14.96
CA CYS A 243 10.56 -3.80 -14.67
C CYS A 243 9.17 -3.43 -15.10
N TYR A 244 8.65 -2.34 -14.53
CA TYR A 244 7.35 -1.84 -14.94
C TYR A 244 7.35 -0.31 -14.87
N MET A 245 6.33 0.28 -15.51
CA MET A 245 6.07 1.71 -15.30
C MET A 245 5.35 1.90 -13.96
N GLU A 246 5.63 3.03 -13.32
CA GLU A 246 5.17 3.23 -11.96
C GLU A 246 5.02 4.73 -11.70
N GLU A 247 4.05 5.07 -10.84
CA GLU A 247 3.70 6.46 -10.65
C GLU A 247 4.59 7.12 -9.59
N MET A 248 5.11 8.30 -9.90
CA MET A 248 6.04 8.99 -9.01
C MET A 248 5.47 9.26 -7.63
N ARG A 249 4.15 9.26 -7.46
CA ARG A 249 3.63 9.49 -6.12
C ARG A 249 3.95 8.33 -5.20
N HIS A 250 4.15 7.14 -5.75
CA HIS A 250 4.47 5.96 -4.97
C HIS A 250 5.96 5.76 -4.80
N ILE A 251 6.79 6.55 -5.47
CA ILE A 251 8.22 6.35 -5.41
C ILE A 251 8.75 7.38 -4.43
N ASP A 252 9.07 6.91 -3.23
CA ASP A 252 9.54 7.81 -2.21
C ASP A 252 10.98 8.21 -2.47
N MET A 253 11.80 7.30 -3.02
CA MET A 253 13.23 7.54 -3.12
C MET A 253 13.59 8.59 -4.16
N VAL A 254 12.66 9.05 -4.98
CA VAL A 254 12.94 10.10 -5.94
C VAL A 254 11.96 11.25 -5.71
N GLU A 255 12.47 12.47 -5.79
CA GLU A 255 11.68 13.62 -5.40
C GLU A 255 10.70 14.01 -6.49
N GLY A 256 9.50 14.35 -6.07
CA GLY A 256 8.35 14.73 -6.86
C GLY A 256 7.30 13.64 -7.05
N ASP A 257 6.04 14.08 -7.04
CA ASP A 257 4.87 13.22 -7.15
C ASP A 257 4.21 13.19 -8.52
N GLU A 258 4.65 14.02 -9.47
CA GLU A 258 4.04 14.08 -10.80
C GLU A 258 4.61 13.01 -11.73
N GLY A 259 3.78 12.56 -12.66
CA GLY A 259 4.25 11.69 -13.71
C GLY A 259 4.55 10.30 -13.20
N ARG A 260 5.22 9.51 -14.06
CA ARG A 260 5.57 8.12 -13.79
C ARG A 260 7.05 7.89 -14.10
N MET A 261 7.59 6.79 -13.59
CA MET A 261 8.97 6.41 -13.88
C MET A 261 9.11 4.89 -13.77
N CYS A 262 9.99 4.34 -14.57
CA CYS A 262 10.16 2.89 -14.62
C CYS A 262 10.95 2.44 -13.39
N ILE A 263 10.54 1.32 -12.82
CA ILE A 263 11.24 0.74 -11.68
C ILE A 263 11.90 -0.54 -12.15
N ASN A 264 13.17 -0.70 -11.79
CA ASN A 264 13.85 -1.99 -11.90
C ASN A 264 13.63 -2.71 -10.59
N MET A 265 12.85 -3.79 -10.63
CA MET A 265 12.42 -4.42 -9.38
C MET A 265 13.53 -5.23 -8.77
N GLU A 266 14.41 -5.79 -9.60
CA GLU A 266 15.41 -6.75 -9.14
C GLU A 266 14.74 -7.87 -8.37
N TRP A 267 13.74 -8.50 -9.01
CA TRP A 267 12.97 -9.45 -8.21
C TRP A 267 13.69 -10.77 -7.99
N GLY A 268 14.83 -10.99 -8.65
CA GLY A 268 15.61 -12.18 -8.37
C GLY A 268 15.87 -12.34 -6.88
N ALA A 269 15.96 -11.22 -6.15
CA ALA A 269 16.24 -11.17 -4.73
C ALA A 269 15.00 -11.38 -3.88
N PHE A 270 13.86 -11.64 -4.49
CA PHE A 270 12.63 -11.94 -3.74
C PHE A 270 12.87 -13.14 -2.85
N GLY A 271 12.58 -12.99 -1.56
CA GLY A 271 12.72 -14.09 -0.62
C GLY A 271 14.05 -14.12 0.11
N ASP A 272 14.99 -13.23 -0.23
CA ASP A 272 16.29 -13.23 0.42
C ASP A 272 16.18 -13.09 1.94
N ASP A 273 15.11 -12.46 2.41
CA ASP A 273 14.85 -12.34 3.85
C ASP A 273 14.05 -13.52 4.40
N GLY A 274 13.78 -14.54 3.57
CA GLY A 274 13.03 -15.70 4.00
C GLY A 274 11.53 -15.64 3.80
N SER A 275 11.02 -14.70 3.01
CA SER A 275 9.58 -14.60 2.86
C SER A 275 8.98 -15.74 2.01
N LEU A 276 9.78 -16.39 1.18
CA LEU A 276 9.35 -17.56 0.43
C LEU A 276 9.75 -18.90 1.01
N ASN A 277 10.36 -18.94 2.19
CA ASN A 277 10.92 -20.21 2.68
C ASN A 277 9.87 -21.34 2.89
N ASP A 278 8.58 -21.03 2.96
CA ASP A 278 7.58 -22.11 3.02
C ASP A 278 7.27 -22.68 1.64
N ILE A 279 7.56 -21.94 0.58
CA ILE A 279 7.41 -22.49 -0.77
C ILE A 279 8.63 -23.33 -1.12
N ARG A 280 9.81 -22.84 -0.73
CA ARG A 280 11.07 -23.43 -1.16
C ARG A 280 11.28 -24.79 -0.54
N THR A 281 11.61 -25.77 -1.38
CA THR A 281 11.80 -27.15 -0.95
C THR A 281 13.19 -27.33 -0.39
N GLU A 282 13.60 -28.58 -0.13
CA GLU A 282 14.97 -28.80 0.30
C GLU A 282 15.94 -28.72 -0.86
N PHE A 283 15.54 -29.15 -2.08
CA PHE A 283 16.41 -28.95 -3.24
C PHE A 283 16.71 -27.47 -3.44
N ASP A 284 15.76 -26.61 -3.10
CA ASP A 284 15.99 -25.18 -3.17
C ASP A 284 17.03 -24.74 -2.15
N GLN A 285 16.91 -25.24 -0.92
CA GLN A 285 17.94 -25.04 0.10
C GLN A 285 19.31 -25.47 -0.42
N GLU A 286 19.39 -26.67 -1.01
CA GLU A 286 20.69 -27.24 -1.33
C GLU A 286 21.38 -26.49 -2.47
N ILE A 287 20.63 -25.98 -3.44
CA ILE A 287 21.24 -25.15 -4.47
C ILE A 287 21.76 -23.85 -3.90
N ASP A 288 21.08 -23.29 -2.90
CA ASP A 288 21.55 -22.04 -2.33
C ASP A 288 22.90 -22.23 -1.63
N MET A 289 23.08 -23.37 -0.94
CA MET A 289 24.33 -23.64 -0.24
C MET A 289 25.47 -23.92 -1.21
N GLY A 290 25.18 -24.59 -2.32
CA GLY A 290 26.14 -24.89 -3.35
C GLY A 290 26.50 -23.75 -4.29
N SER A 291 25.88 -22.58 -4.13
CA SER A 291 26.03 -21.51 -5.10
C SER A 291 27.27 -20.67 -4.78
N LEU A 292 27.52 -19.69 -5.65
CA LEU A 292 28.57 -18.70 -5.43
C LEU A 292 28.15 -17.61 -4.45
N ASN A 293 26.85 -17.46 -4.24
CA ASN A 293 26.27 -16.35 -3.50
CA ASN A 293 26.31 -16.35 -3.45
C ASN A 293 25.22 -16.90 -2.53
N PRO A 294 25.64 -17.61 -1.48
CA PRO A 294 24.66 -18.24 -0.58
C PRO A 294 23.73 -17.21 0.04
N GLY A 295 22.44 -17.55 0.08
CA GLY A 295 21.42 -16.69 0.64
C GLY A 295 21.08 -15.46 -0.19
N LYS A 296 21.47 -15.44 -1.45
CA LYS A 296 21.21 -14.32 -2.35
C LYS A 296 20.48 -14.82 -3.59
N GLN A 297 19.55 -14.01 -4.09
CA GLN A 297 18.86 -14.26 -5.36
C GLN A 297 18.08 -15.57 -5.32
N LEU A 298 17.36 -15.80 -4.21
CA LEU A 298 16.69 -17.10 -4.00
C LEU A 298 15.53 -17.30 -4.96
N PHE A 299 14.87 -16.21 -5.37
CA PHE A 299 13.78 -16.31 -6.32
C PHE A 299 14.30 -16.72 -7.70
N GLU A 300 15.39 -16.11 -8.16
CA GLU A 300 16.06 -16.60 -9.36
C GLU A 300 16.29 -18.09 -9.27
N LYS A 301 16.93 -18.51 -8.19
CA LYS A 301 17.38 -19.88 -8.05
C LYS A 301 16.23 -20.86 -8.12
N MET A 302 14.99 -20.40 -7.89
CA MET A 302 13.84 -21.25 -8.17
C MET A 302 13.43 -21.22 -9.65
N ILE A 303 13.42 -20.04 -10.28
CA ILE A 303 12.80 -19.93 -11.59
C ILE A 303 13.70 -19.98 -12.83
N SER A 304 15.01 -19.84 -12.70
CA SER A 304 15.73 -19.33 -13.87
C SER A 304 16.72 -20.34 -14.43
N GLY A 305 17.36 -19.95 -15.55
CA GLY A 305 18.00 -20.92 -16.41
C GLY A 305 19.26 -21.52 -15.81
N MET A 306 20.05 -20.70 -15.14
CA MET A 306 21.26 -21.19 -14.49
C MET A 306 20.95 -22.40 -13.61
N TYR A 307 19.91 -22.29 -12.78
CA TYR A 307 19.70 -23.24 -11.72
C TYR A 307 18.71 -24.34 -12.06
N MET A 308 18.07 -24.28 -13.23
CA MET A 308 16.86 -25.08 -13.36
C MET A 308 17.21 -26.56 -13.59
N GLY A 309 18.11 -26.84 -14.53
CA GLY A 309 18.58 -28.22 -14.70
C GLY A 309 19.30 -28.76 -13.48
N GLU A 310 20.15 -27.92 -12.85
CA GLU A 310 20.75 -28.29 -11.57
C GLU A 310 19.71 -28.73 -10.56
N LEU A 311 18.54 -28.08 -10.59
CA LEU A 311 17.49 -28.42 -9.63
C LEU A 311 16.91 -29.80 -9.94
N VAL A 312 16.90 -30.20 -11.22
CA VAL A 312 16.56 -31.58 -11.57
C VAL A 312 17.66 -32.54 -11.09
N ARG A 313 18.92 -32.11 -11.16
CA ARG A 313 20.03 -32.99 -10.76
C ARG A 313 19.78 -33.49 -9.35
N LEU A 314 19.35 -32.61 -8.47
CA LEU A 314 19.29 -32.96 -7.07
C LEU A 314 18.12 -33.87 -6.78
N ILE A 315 17.00 -33.66 -7.49
CA ILE A 315 15.85 -34.55 -7.36
C ILE A 315 16.21 -35.95 -7.80
N LEU A 316 17.04 -36.07 -8.84
CA LEU A 316 17.52 -37.38 -9.25
C LEU A 316 18.44 -37.99 -8.20
N VAL A 317 19.44 -37.22 -7.76
CA VAL A 317 20.36 -37.73 -6.74
C VAL A 317 19.59 -38.26 -5.54
N LYS A 318 18.67 -37.48 -5.00
CA LYS A 318 18.07 -37.90 -3.75
C LYS A 318 17.16 -39.10 -3.95
N MET A 319 16.38 -39.11 -5.04
CA MET A 319 15.51 -40.25 -5.29
C MET A 319 16.31 -41.55 -5.46
N ALA A 320 17.48 -41.45 -6.07
CA ALA A 320 18.32 -42.65 -6.23
C ALA A 320 18.94 -43.07 -4.90
N LYS A 321 19.34 -42.11 -4.06
CA LYS A 321 19.80 -42.48 -2.72
C LYS A 321 18.70 -43.14 -1.90
N GLU A 322 17.43 -42.92 -2.26
CA GLU A 322 16.31 -43.57 -1.59
C GLU A 322 15.82 -44.82 -2.30
N GLU A 323 16.50 -45.24 -3.37
CA GLU A 323 16.15 -46.42 -4.15
C GLU A 323 14.79 -46.30 -4.87
N LEU A 324 14.31 -45.08 -5.15
CA LEU A 324 13.13 -44.91 -6.00
C LEU A 324 13.48 -44.75 -7.46
N LEU A 325 14.76 -44.60 -7.78
CA LEU A 325 15.27 -44.50 -9.15
C LEU A 325 16.62 -45.19 -9.28
N PHE A 326 16.87 -45.77 -10.47
CA PHE A 326 18.16 -46.29 -10.90
C PHE A 326 18.62 -47.48 -10.08
N GLY A 327 17.70 -48.24 -9.48
CA GLY A 327 18.09 -49.36 -8.65
C GLY A 327 18.96 -48.95 -7.48
N GLY A 328 18.76 -47.74 -6.97
CA GLY A 328 19.59 -47.20 -5.91
C GLY A 328 21.01 -46.87 -6.30
N LYS A 329 21.36 -46.96 -7.57
CA LYS A 329 22.75 -46.84 -8.01
C LYS A 329 22.98 -45.47 -8.63
N LEU A 330 24.15 -44.92 -8.38
CA LEU A 330 24.53 -43.59 -8.86
C LEU A 330 25.67 -43.71 -9.87
N SER A 331 26.13 -42.56 -10.34
CA SER A 331 27.28 -42.49 -11.24
C SER A 331 28.06 -41.23 -10.92
N PRO A 332 29.37 -41.24 -11.14
CA PRO A 332 30.20 -40.09 -10.72
C PRO A 332 29.77 -38.79 -11.37
N GLU A 333 29.19 -38.86 -12.57
CA GLU A 333 28.77 -37.68 -13.30
C GLU A 333 27.44 -37.15 -12.78
N LEU A 334 26.54 -38.06 -12.39
CA LEU A 334 25.30 -37.60 -11.76
C LEU A 334 25.55 -36.80 -10.50
N LEU A 335 26.70 -36.98 -9.85
CA LEU A 335 26.98 -36.26 -8.60
C LEU A 335 27.82 -35.01 -8.79
N ASN A 336 28.14 -34.64 -10.03
CA ASN A 336 28.83 -33.37 -10.31
C ASN A 336 27.82 -32.26 -10.61
N THR A 337 27.94 -31.15 -9.90
CA THR A 337 27.07 -30.02 -10.16
C THR A 337 27.23 -29.56 -11.61
N GLY A 338 26.11 -29.20 -12.23
CA GLY A 338 26.12 -28.68 -13.58
C GLY A 338 26.03 -29.71 -14.68
N ARG A 339 26.12 -31.00 -14.37
CA ARG A 339 26.24 -31.96 -15.46
C ARG A 339 24.91 -32.23 -16.14
N PHE A 340 23.79 -31.99 -15.45
CA PHE A 340 22.45 -32.02 -16.03
C PHE A 340 21.98 -30.59 -16.19
N GLU A 341 21.68 -30.18 -17.42
CA GLU A 341 21.59 -28.78 -17.79
C GLU A 341 20.17 -28.40 -18.13
N THR A 342 19.87 -27.11 -17.96
CA THR A 342 18.62 -26.56 -18.46
C THR A 342 18.39 -27.01 -19.90
N LYS A 343 19.43 -26.95 -20.74
CA LYS A 343 19.26 -27.38 -22.12
C LYS A 343 18.75 -28.81 -22.21
N ASP A 344 19.13 -29.67 -21.26
CA ASP A 344 18.66 -31.04 -21.28
C ASP A 344 17.16 -31.12 -20.96
N ILE A 345 16.64 -30.15 -20.20
CA ILE A 345 15.21 -30.10 -19.96
C ILE A 345 14.46 -29.71 -21.23
N SER A 346 14.89 -28.62 -21.87
CA SER A 346 14.25 -28.19 -23.11
C SER A 346 14.17 -29.31 -24.13
N ASP A 347 15.25 -30.09 -24.27
CA ASP A 347 15.25 -31.23 -25.18
C ASP A 347 14.19 -32.25 -24.75
N ILE A 348 14.29 -32.74 -23.51
CA ILE A 348 13.47 -33.86 -23.06
C ILE A 348 11.98 -33.55 -23.20
N GLU A 349 11.58 -32.33 -22.87
CA GLU A 349 10.19 -31.92 -23.02
C GLU A 349 9.83 -31.58 -24.46
N GLY A 350 10.80 -31.43 -25.35
CA GLY A 350 10.48 -30.97 -26.69
C GLY A 350 10.36 -32.01 -27.78
N GLU A 351 10.93 -33.19 -27.57
CA GLU A 351 10.90 -34.21 -28.61
C GLU A 351 9.56 -34.94 -28.62
N LYS A 352 9.19 -35.45 -29.81
CA LYS A 352 8.04 -36.34 -29.89
C LYS A 352 8.16 -37.50 -28.91
N ASP A 353 9.30 -38.19 -28.93
CA ASP A 353 9.60 -39.22 -27.95
C ASP A 353 10.54 -38.60 -26.94
N GLY A 354 10.00 -38.26 -25.78
CA GLY A 354 10.74 -37.50 -24.80
C GLY A 354 11.51 -38.43 -23.90
N ILE A 355 10.98 -39.64 -23.70
CA ILE A 355 11.67 -40.56 -22.81
C ILE A 355 12.75 -41.35 -23.54
N ARG A 356 12.82 -41.29 -24.87
CA ARG A 356 14.06 -41.74 -25.48
C ARG A 356 15.15 -40.67 -25.32
N LYS A 357 14.80 -39.40 -25.58
CA LYS A 357 15.76 -38.33 -25.34
C LYS A 357 16.11 -38.23 -23.86
N ALA A 358 15.21 -38.69 -22.98
CA ALA A 358 15.54 -38.82 -21.57
C ALA A 358 16.60 -39.91 -21.35
N ARG A 359 16.33 -41.11 -21.85
CA ARG A 359 17.31 -42.20 -21.73
C ARG A 359 18.69 -41.73 -22.18
N GLU A 360 18.76 -41.12 -23.36
CA GLU A 360 20.02 -40.65 -23.92
C GLU A 360 20.75 -39.71 -22.96
N VAL A 361 20.04 -38.75 -22.36
CA VAL A 361 20.69 -37.79 -21.46
C VAL A 361 21.14 -38.48 -20.18
N LEU A 362 20.32 -39.39 -19.65
CA LEU A 362 20.71 -40.13 -18.46
C LEU A 362 21.95 -41.00 -18.71
N MET A 363 21.97 -41.71 -19.84
CA MET A 363 23.12 -42.56 -20.14
C MET A 363 24.39 -41.73 -20.20
N ARG A 364 24.32 -40.56 -20.83
CA ARG A 364 25.48 -39.69 -20.93
C ARG A 364 26.08 -39.41 -19.55
N LEU A 365 25.24 -39.41 -18.52
CA LEU A 365 25.63 -39.22 -17.13
C LEU A 365 26.12 -40.49 -16.48
N GLY A 366 26.25 -41.57 -17.25
CA GLY A 366 26.81 -42.78 -16.71
C GLY A 366 25.83 -43.68 -16.00
N LEU A 367 24.57 -43.72 -16.43
CA LEU A 367 23.58 -44.55 -15.78
C LEU A 367 22.97 -45.53 -16.79
N ASP A 368 22.32 -46.58 -16.26
CA ASP A 368 21.67 -47.62 -17.08
C ASP A 368 20.18 -47.56 -16.79
N PRO A 369 19.47 -46.64 -17.41
CA PRO A 369 18.07 -46.38 -17.03
C PRO A 369 17.10 -47.41 -17.58
N THR A 370 15.97 -47.52 -16.89
CA THR A 370 14.84 -48.33 -17.33
C THR A 370 13.75 -47.41 -17.89
N GLN A 371 12.69 -47.99 -18.43
CA GLN A 371 11.62 -47.15 -18.96
C GLN A 371 11.00 -46.32 -17.84
N GLU A 372 10.73 -46.94 -16.69
CA GLU A 372 10.19 -46.20 -15.55
C GLU A 372 11.17 -45.15 -15.05
N ASP A 373 12.49 -45.42 -15.12
CA ASP A 373 13.44 -44.36 -14.78
C ASP A 373 13.33 -43.18 -15.75
N CYS A 374 13.01 -43.45 -17.02
CA CYS A 374 12.95 -42.35 -17.98
C CYS A 374 11.64 -41.57 -17.92
N VAL A 375 10.49 -42.24 -17.78
CA VAL A 375 9.28 -41.44 -17.64
C VAL A 375 9.35 -40.63 -16.36
N ALA A 376 10.08 -41.14 -15.36
CA ALA A 376 10.24 -40.38 -14.12
C ALA A 376 11.10 -39.13 -14.37
N THR A 377 12.27 -39.30 -14.98
CA THR A 377 13.11 -38.16 -15.30
C THR A 377 12.39 -37.15 -16.18
N HIS A 378 11.57 -37.62 -17.13
CA HIS A 378 10.79 -36.71 -17.98
C HIS A 378 9.82 -35.88 -17.15
N ARG A 379 9.16 -36.54 -16.19
CA ARG A 379 8.13 -35.87 -15.42
C ARG A 379 8.73 -34.83 -14.50
N ILE A 380 9.80 -35.19 -13.79
CA ILE A 380 10.50 -34.23 -12.93
C ILE A 380 10.84 -32.98 -13.73
N CYS A 381 11.19 -33.15 -15.00
CA CYS A 381 11.50 -31.97 -15.81
C CYS A 381 10.28 -31.07 -15.94
N GLN A 382 9.13 -31.62 -16.32
CA GLN A 382 7.92 -30.81 -16.45
C GLN A 382 7.58 -30.11 -15.14
N ILE A 383 7.75 -30.80 -14.03
CA ILE A 383 7.40 -30.21 -12.74
C ILE A 383 8.28 -29.00 -12.46
N VAL A 384 9.58 -29.11 -12.69
CA VAL A 384 10.48 -28.01 -12.40
C VAL A 384 10.24 -26.85 -13.36
N SER A 385 10.02 -27.14 -14.64
CA SER A 385 9.83 -26.06 -15.59
C SER A 385 8.46 -25.42 -15.43
N THR A 386 7.45 -26.20 -15.08
CA THR A 386 6.14 -25.62 -14.82
C THR A 386 6.16 -24.78 -13.56
N ARG A 387 6.91 -25.20 -12.53
CA ARG A 387 6.98 -24.37 -11.34
C ARG A 387 7.66 -23.03 -11.64
N SER A 388 8.61 -23.03 -12.56
CA SER A 388 9.28 -21.78 -12.88
C SER A 388 8.33 -20.83 -13.59
N ALA A 389 7.56 -21.34 -14.54
CA ALA A 389 6.64 -20.47 -15.25
C ALA A 389 5.49 -20.03 -14.36
N SER A 390 5.16 -20.82 -13.34
CA SER A 390 4.05 -20.43 -12.47
C SER A 390 4.47 -19.36 -11.49
N LEU A 391 5.70 -19.44 -10.96
CA LEU A 391 6.17 -18.39 -10.06
C LEU A 391 6.25 -17.05 -10.78
N CYS A 392 6.73 -17.04 -12.03
CA CYS A 392 6.73 -15.81 -12.81
C CYS A 392 5.34 -15.23 -12.91
N ALA A 393 4.38 -16.08 -13.29
CA ALA A 393 2.99 -15.65 -13.30
C ALA A 393 2.61 -15.00 -11.99
N ALA A 394 2.97 -15.62 -10.87
CA ALA A 394 2.56 -15.07 -9.58
C ALA A 394 3.06 -13.64 -9.42
N THR A 395 4.34 -13.39 -9.67
CA THR A 395 4.83 -12.03 -9.46
C THR A 395 4.46 -11.10 -10.60
N LEU A 396 4.29 -11.62 -11.84
CA LEU A 396 3.66 -10.84 -12.90
C LEU A 396 2.24 -10.45 -12.53
N ALA A 397 1.56 -11.31 -11.78
CA ALA A 397 0.20 -11.00 -11.39
C ALA A 397 0.17 -9.79 -10.47
N ALA A 398 1.09 -9.73 -9.51
CA ALA A 398 1.11 -8.58 -8.61
C ALA A 398 1.42 -7.31 -9.37
N VAL A 399 2.40 -7.35 -10.28
CA VAL A 399 2.73 -6.16 -11.07
C VAL A 399 1.53 -5.72 -11.90
N LEU A 400 0.95 -6.65 -12.67
CA LEU A 400 -0.25 -6.32 -13.43
C LEU A 400 -1.32 -5.70 -12.52
N GLN A 401 -1.57 -6.33 -11.37
CA GLN A 401 -2.59 -5.84 -10.45
C GLN A 401 -2.36 -4.38 -10.05
N ARG A 402 -1.11 -4.01 -9.80
CA ARG A 402 -0.85 -2.64 -9.35
C ARG A 402 -0.99 -1.64 -10.48
N ILE A 403 -0.51 -2.00 -11.67
CA ILE A 403 -0.75 -1.16 -12.84
C ILE A 403 -2.24 -0.92 -13.01
N LYS A 404 -3.07 -1.92 -12.71
CA LYS A 404 -4.53 -1.77 -12.77
C LYS A 404 -5.01 -0.73 -11.78
N GLU A 405 -4.63 -0.88 -10.51
CA GLU A 405 -5.08 0.08 -9.51
C GLU A 405 -4.58 1.49 -9.79
N ASN A 406 -3.41 1.64 -10.40
CA ASN A 406 -2.92 2.99 -10.66
C ASN A 406 -3.69 3.65 -11.78
N LYS A 407 -4.01 2.91 -12.84
CA LYS A 407 -4.81 3.48 -13.90
C LYS A 407 -6.28 3.60 -13.51
N GLY A 408 -6.72 2.79 -12.55
CA GLY A 408 -8.00 3.01 -11.91
C GLY A 408 -9.22 2.64 -12.74
N GLU A 409 -9.10 1.72 -13.69
CA GLU A 409 -10.28 1.20 -14.36
C GLU A 409 -10.30 -0.32 -14.31
N GLU A 410 -11.50 -0.88 -14.52
CA GLU A 410 -11.77 -2.27 -14.17
C GLU A 410 -11.15 -3.24 -15.17
N ARG A 411 -11.11 -2.89 -16.45
CA ARG A 411 -10.51 -3.73 -17.48
C ARG A 411 -9.21 -3.08 -17.95
N LEU A 412 -8.17 -3.90 -18.11
CA LEU A 412 -6.80 -3.46 -18.37
C LEU A 412 -6.25 -4.11 -19.64
N ARG A 413 -5.81 -3.28 -20.60
CA ARG A 413 -4.98 -3.74 -21.71
C ARG A 413 -3.54 -3.37 -21.40
N SER A 414 -2.67 -4.37 -21.26
CA SER A 414 -1.26 -4.07 -21.04
C SER A 414 -0.40 -5.15 -21.70
N THR A 415 0.70 -4.73 -22.31
CA THR A 415 1.60 -5.64 -23.02
C THR A 415 2.92 -5.79 -22.26
N ILE A 416 3.41 -7.02 -22.24
CA ILE A 416 4.62 -7.40 -21.53
C ILE A 416 5.69 -7.76 -22.55
N GLY A 417 6.77 -7.00 -22.61
CA GLY A 417 7.90 -7.41 -23.45
C GLY A 417 8.80 -8.39 -22.72
N VAL A 418 9.26 -9.41 -23.44
CA VAL A 418 9.87 -10.57 -22.81
C VAL A 418 11.13 -10.97 -23.58
N ASP A 419 12.16 -11.37 -22.85
CA ASP A 419 13.37 -11.89 -23.44
C ASP A 419 13.95 -12.93 -22.50
N GLY A 420 15.04 -13.54 -22.93
CA GLY A 420 15.77 -14.55 -22.19
C GLY A 420 15.59 -15.94 -22.76
N SER A 421 16.61 -16.78 -22.54
CA SER A 421 16.72 -18.06 -23.25
C SER A 421 15.70 -19.07 -22.74
N VAL A 422 15.36 -19.03 -21.45
CA VAL A 422 14.33 -19.94 -20.96
C VAL A 422 13.05 -19.75 -21.74
N TYR A 423 12.55 -18.52 -21.84
CA TYR A 423 11.22 -18.37 -22.43
C TYR A 423 11.26 -18.53 -23.93
N LYS A 424 12.35 -18.11 -24.59
CA LYS A 424 12.43 -18.22 -26.04
C LYS A 424 12.70 -19.65 -26.50
N LYS A 425 13.67 -20.32 -25.86
CA LYS A 425 14.08 -21.63 -26.31
C LYS A 425 13.46 -22.78 -25.52
N HIS A 426 12.69 -22.51 -24.46
CA HIS A 426 12.12 -23.73 -23.90
C HIS A 426 10.76 -23.97 -24.52
N PRO A 427 10.43 -25.23 -24.86
CA PRO A 427 9.26 -25.46 -25.73
C PRO A 427 7.94 -24.99 -25.15
N HIS A 428 7.62 -25.34 -23.90
CA HIS A 428 6.31 -25.05 -23.36
C HIS A 428 6.23 -23.88 -22.40
N PHE A 429 7.35 -23.25 -22.02
CA PHE A 429 7.25 -22.41 -20.83
C PHE A 429 6.54 -21.10 -21.15
N ALA A 430 6.87 -20.45 -22.27
CA ALA A 430 6.12 -19.25 -22.65
C ALA A 430 4.62 -19.50 -22.60
N LYS A 431 4.17 -20.61 -23.22
CA LYS A 431 2.73 -20.85 -23.28
C LYS A 431 2.18 -21.07 -21.87
N ARG A 432 2.89 -21.83 -21.05
CA ARG A 432 2.44 -22.01 -19.67
C ARG A 432 2.33 -20.67 -18.95
N LEU A 433 3.33 -19.81 -19.12
CA LEU A 433 3.27 -18.49 -18.49
C LEU A 433 2.03 -17.74 -18.99
N HIS A 434 1.82 -17.70 -20.31
CA HIS A 434 0.67 -17.01 -20.86
C HIS A 434 -0.62 -17.52 -20.23
N LYS A 435 -0.81 -18.84 -20.21
CA LYS A 435 -2.08 -19.38 -19.71
C LYS A 435 -2.23 -19.12 -18.21
N THR A 436 -1.14 -19.21 -17.44
CA THR A 436 -1.28 -19.07 -16.00
C THR A 436 -1.53 -17.62 -15.59
N VAL A 437 -0.78 -16.67 -16.16
CA VAL A 437 -1.03 -15.27 -15.87
C VAL A 437 -2.48 -14.93 -16.14
N ARG A 438 -3.02 -15.42 -17.26
CA ARG A 438 -4.35 -14.97 -17.67
C ARG A 438 -5.44 -15.51 -16.74
N ARG A 439 -5.28 -16.73 -16.19
CA ARG A 439 -6.12 -17.15 -15.07
C ARG A 439 -5.98 -16.21 -13.87
N LEU A 440 -4.74 -16.03 -13.39
CA LEU A 440 -4.54 -15.34 -12.13
C LEU A 440 -5.08 -13.93 -12.16
N VAL A 441 -5.15 -13.30 -13.33
CA VAL A 441 -5.76 -11.96 -13.44
C VAL A 441 -6.83 -11.95 -14.54
N PRO A 442 -8.06 -12.36 -14.22
CA PRO A 442 -9.15 -12.30 -15.20
C PRO A 442 -9.58 -10.89 -15.55
N GLY A 443 -9.21 -9.89 -14.76
CA GLY A 443 -9.57 -8.51 -15.03
C GLY A 443 -8.59 -7.79 -15.94
N CYS A 444 -7.87 -8.57 -16.75
CA CYS A 444 -6.86 -8.04 -17.64
C CYS A 444 -6.90 -8.71 -19.00
N ASP A 445 -6.70 -7.91 -20.04
CA ASP A 445 -6.37 -8.38 -21.37
C ASP A 445 -4.87 -8.12 -21.56
N VAL A 446 -4.07 -9.20 -21.54
CA VAL A 446 -2.61 -9.11 -21.45
C VAL A 446 -2.00 -9.77 -22.67
N ARG A 447 -1.07 -9.06 -23.33
CA ARG A 447 -0.38 -9.56 -24.51
C ARG A 447 1.11 -9.72 -24.23
N PHE A 448 1.73 -10.76 -24.77
CA PHE A 448 3.16 -10.96 -24.63
C PHE A 448 3.85 -10.82 -25.98
N LEU A 449 4.98 -10.15 -25.96
CA LEU A 449 5.73 -9.77 -27.15
C LEU A 449 7.20 -10.06 -26.87
N ARG A 450 7.83 -10.91 -27.69
CA ARG A 450 9.23 -11.23 -27.44
C ARG A 450 10.13 -10.21 -28.14
N SER A 451 11.22 -9.82 -27.47
CA SER A 451 12.21 -8.89 -28.03
C SER A 451 13.35 -9.68 -28.64
N GLU A 452 13.77 -9.33 -29.85
CA GLU A 452 14.86 -10.11 -30.45
C GLU A 452 16.23 -9.49 -30.14
N ASP A 453 16.50 -8.32 -30.71
CA ASP A 453 17.86 -7.78 -30.69
C ASP A 453 18.28 -7.27 -29.31
N GLY A 454 17.34 -7.26 -28.36
CA GLY A 454 17.67 -7.20 -26.95
C GLY A 454 17.88 -5.79 -26.43
N SER A 455 18.79 -5.68 -25.47
CA SER A 455 19.06 -4.44 -24.78
C SER A 455 20.05 -3.56 -25.53
N GLY A 456 20.55 -4.00 -26.68
CA GLY A 456 21.29 -3.07 -27.53
C GLY A 456 20.38 -1.99 -28.08
N LYS A 457 19.29 -2.41 -28.76
CA LYS A 457 18.25 -1.47 -29.15
C LYS A 457 17.75 -0.67 -27.97
N GLY A 458 17.44 -1.35 -26.86
CA GLY A 458 16.65 -0.73 -25.81
C GLY A 458 17.32 0.50 -25.23
N ALA A 459 18.59 0.36 -24.80
CA ALA A 459 19.32 1.47 -24.23
C ALA A 459 19.30 2.68 -25.17
N ALA A 460 19.56 2.44 -26.45
CA ALA A 460 19.45 3.51 -27.43
C ALA A 460 18.05 4.16 -27.40
N MET A 461 17.00 3.33 -27.38
CA MET A 461 15.65 3.86 -27.46
C MET A 461 15.33 4.77 -26.28
N VAL A 462 16.00 4.60 -25.15
CA VAL A 462 15.74 5.47 -24.00
C VAL A 462 16.16 6.89 -24.31
N THR A 463 17.27 7.06 -25.03
CA THR A 463 17.67 8.42 -25.39
C THR A 463 16.83 8.96 -26.54
N ALA A 464 16.27 8.10 -27.39
CA ALA A 464 15.33 8.59 -28.41
C ALA A 464 14.10 9.19 -27.76
N VAL A 465 13.52 8.48 -26.79
CA VAL A 465 12.35 8.99 -26.08
C VAL A 465 12.71 10.24 -25.30
N ALA A 466 13.94 10.30 -24.80
CA ALA A 466 14.38 11.50 -24.09
C ALA A 466 14.33 12.72 -25.00
N TYR A 467 14.74 12.56 -26.26
CA TYR A 467 14.66 13.69 -27.19
C TYR A 467 13.21 13.97 -27.57
N ARG A 468 12.39 12.92 -27.74
CA ARG A 468 10.99 13.13 -28.11
C ARG A 468 10.26 13.95 -27.08
N LEU A 469 10.42 13.59 -25.79
CA LEU A 469 9.82 14.38 -24.72
C LEU A 469 10.25 15.84 -24.80
N ALA A 470 11.53 16.09 -25.08
CA ALA A 470 12.00 17.46 -25.24
C ALA A 470 11.34 18.13 -26.44
N ASP A 471 11.44 17.51 -27.63
CA ASP A 471 10.82 18.11 -28.81
C ASP A 471 9.36 18.46 -28.56
N GLN A 472 8.64 17.57 -27.86
CA GLN A 472 7.21 17.79 -27.68
C GLN A 472 6.95 18.85 -26.61
N HIS A 473 7.73 18.82 -25.53
CA HIS A 473 7.64 19.87 -24.53
C HIS A 473 7.83 21.25 -25.16
N ARG A 474 8.91 21.44 -25.94
CA ARG A 474 9.14 22.74 -26.56
C ARG A 474 8.03 23.05 -27.57
N ALA A 475 7.59 22.03 -28.32
CA ALA A 475 6.51 22.23 -29.28
C ALA A 475 5.30 22.83 -28.60
N ARG A 476 4.83 22.21 -27.53
CA ARG A 476 3.62 22.73 -26.91
C ARG A 476 3.90 23.96 -26.07
N GLN A 477 5.13 24.17 -25.60
CA GLN A 477 5.37 25.43 -24.92
C GLN A 477 5.48 26.59 -25.91
N LYS A 478 5.70 26.32 -27.20
CA LYS A 478 5.72 27.38 -28.20
C LYS A 478 4.31 27.85 -28.53
N THR A 479 3.30 26.99 -28.36
CA THR A 479 1.92 27.45 -28.54
C THR A 479 1.49 28.30 -27.35
N LEU A 480 1.76 27.82 -26.15
CA LEU A 480 1.36 28.53 -24.96
C LEU A 480 2.03 29.89 -24.80
N GLU A 481 3.03 30.22 -25.62
CA GLU A 481 3.58 31.56 -25.56
C GLU A 481 2.63 32.60 -26.15
N HIS A 482 1.83 32.21 -27.15
CA HIS A 482 0.84 33.11 -27.69
C HIS A 482 -0.16 33.57 -26.63
N LEU A 483 -0.34 32.79 -25.57
CA LEU A 483 -1.21 33.15 -24.47
C LEU A 483 -0.46 33.77 -23.31
N GLN A 484 0.85 33.99 -23.45
CA GLN A 484 1.68 34.66 -22.45
C GLN A 484 2.02 36.06 -22.94
N LEU A 485 1.59 37.09 -22.21
CA LEU A 485 1.74 38.46 -22.64
C LEU A 485 2.77 39.24 -21.83
N SER A 486 3.54 40.05 -22.54
CA SER A 486 4.58 40.88 -21.95
C SER A 486 3.97 42.08 -21.21
N HIS A 487 4.79 42.62 -20.28
CA HIS A 487 4.49 43.92 -19.68
C HIS A 487 4.17 44.98 -20.73
N ASP A 488 4.92 45.01 -21.83
CA ASP A 488 4.65 46.01 -22.87
C ASP A 488 3.39 45.66 -23.65
N GLN A 489 3.10 44.37 -23.85
CA GLN A 489 1.86 44.01 -24.54
C GLN A 489 0.65 44.42 -23.72
N LEU A 490 0.73 44.31 -22.40
CA LEU A 490 -0.42 44.67 -21.56
C LEU A 490 -0.62 46.19 -21.52
N LEU A 491 0.47 46.96 -21.43
CA LEU A 491 0.33 48.41 -21.49
C LEU A 491 -0.30 48.85 -22.78
N GLU A 492 -0.03 48.14 -23.88
CA GLU A 492 -0.72 48.47 -25.11
C GLU A 492 -2.22 48.26 -24.97
N VAL A 493 -2.66 47.09 -24.50
CA VAL A 493 -4.10 46.87 -24.35
C VAL A 493 -4.67 47.79 -23.28
N LYS A 494 -3.88 48.13 -22.26
CA LYS A 494 -4.33 49.16 -21.32
C LYS A 494 -4.76 50.41 -22.06
N ARG A 495 -3.89 50.94 -22.92
CA ARG A 495 -4.26 52.20 -23.56
C ARG A 495 -5.33 51.99 -24.64
N ARG A 496 -5.31 50.85 -25.34
CA ARG A 496 -6.41 50.56 -26.25
C ARG A 496 -7.74 50.51 -25.53
N MET A 497 -7.72 50.25 -24.21
CA MET A 497 -8.95 50.41 -23.43
C MET A 497 -9.33 51.88 -23.31
N LYS A 498 -8.39 52.75 -22.86
CA LYS A 498 -8.71 54.16 -22.70
C LYS A 498 -9.19 54.76 -24.02
N VAL A 499 -8.41 54.57 -25.09
CA VAL A 499 -8.78 55.09 -26.41
C VAL A 499 -10.23 54.74 -26.71
N GLU A 500 -10.61 53.53 -26.39
CA GLU A 500 -11.90 53.06 -26.79
C GLU A 500 -12.96 53.29 -25.70
N MET A 501 -12.54 53.81 -24.53
CA MET A 501 -13.47 54.42 -23.60
C MET A 501 -13.86 55.82 -24.06
N GLU A 502 -12.88 56.64 -24.47
CA GLU A 502 -13.16 58.02 -24.87
C GLU A 502 -14.15 58.07 -26.00
N ARG A 503 -13.96 57.25 -26.98
CA ARG A 503 -14.82 57.35 -28.14
C ARG A 503 -16.25 56.83 -27.86
N GLY A 504 -16.46 56.15 -26.73
CA GLY A 504 -17.81 55.76 -26.35
C GLY A 504 -18.56 56.87 -25.64
N LEU A 505 -17.85 57.69 -24.87
CA LEU A 505 -18.48 58.83 -24.20
C LEU A 505 -18.85 59.93 -25.18
N SER A 506 -17.96 60.30 -26.11
CA SER A 506 -18.24 61.43 -26.98
C SER A 506 -19.39 61.10 -27.95
N LYS A 507 -20.17 62.13 -28.28
CA LYS A 507 -21.45 61.99 -28.98
C LYS A 507 -21.28 61.50 -30.42
N GLU A 508 -20.20 61.92 -31.07
CA GLU A 508 -19.95 61.53 -32.46
C GLU A 508 -19.83 60.02 -32.59
N THR A 509 -18.87 59.43 -31.88
CA THR A 509 -18.40 58.07 -32.10
C THR A 509 -19.17 57.02 -31.31
N HIS A 510 -20.04 57.43 -30.38
CA HIS A 510 -20.78 56.50 -29.55
C HIS A 510 -21.48 55.42 -30.39
N ALA A 511 -22.03 55.78 -31.56
CA ALA A 511 -22.89 54.82 -32.27
C ALA A 511 -22.06 53.77 -32.98
N SER A 512 -20.89 54.17 -33.49
CA SER A 512 -19.98 53.21 -34.06
C SER A 512 -19.27 52.38 -32.98
N ALA A 513 -19.34 52.80 -31.66
CA ALA A 513 -18.47 52.31 -30.55
C ALA A 513 -18.90 50.92 -30.09
N PRO A 514 -17.97 49.98 -30.03
CA PRO A 514 -18.22 48.69 -29.34
C PRO A 514 -18.52 48.78 -27.84
N VAL A 515 -17.75 49.61 -27.12
CA VAL A 515 -17.97 49.85 -25.70
C VAL A 515 -18.88 51.07 -25.64
N LYS A 516 -20.14 50.88 -25.23
CA LYS A 516 -21.07 51.99 -25.38
C LYS A 516 -20.91 53.03 -24.28
N MET A 517 -20.38 52.67 -23.11
CA MET A 517 -20.20 53.59 -21.99
C MET A 517 -21.53 54.18 -21.54
N LEU A 518 -22.53 53.31 -21.42
CA LEU A 518 -23.90 53.79 -21.24
C LEU A 518 -24.08 54.48 -19.89
N PRO A 519 -24.74 55.64 -19.86
CA PRO A 519 -25.02 56.32 -18.58
C PRO A 519 -26.02 55.54 -17.74
N THR A 520 -25.69 55.37 -16.45
CA THR A 520 -26.56 54.65 -15.53
C THR A 520 -27.62 55.52 -14.85
N TYR A 521 -27.44 56.84 -14.85
CA TYR A 521 -28.22 57.79 -14.03
C TYR A 521 -28.16 57.46 -12.54
N VAL A 522 -27.05 56.86 -12.08
CA VAL A 522 -26.77 56.74 -10.65
C VAL A 522 -25.72 57.81 -10.36
N CYS A 523 -26.15 58.91 -9.73
CA CYS A 523 -25.29 60.09 -9.58
C CYS A 523 -24.69 60.31 -8.21
N ALA A 524 -25.04 59.52 -7.20
CA ALA A 524 -24.55 59.80 -5.85
C ALA A 524 -24.27 58.49 -5.13
N THR A 525 -23.16 58.45 -4.45
CA THR A 525 -22.67 57.28 -3.74
C THR A 525 -23.12 57.37 -2.26
N PRO A 526 -22.88 56.34 -1.46
CA PRO A 526 -23.38 56.37 -0.07
C PRO A 526 -22.66 57.37 0.82
N ASP A 527 -23.32 57.64 1.95
CA ASP A 527 -22.72 58.21 3.14
C ASP A 527 -23.25 57.40 4.33
N GLY A 528 -22.94 57.78 5.55
CA GLY A 528 -23.39 56.94 6.65
C GLY A 528 -24.88 56.97 6.92
N THR A 529 -25.65 57.79 6.19
CA THR A 529 -26.97 58.23 6.64
C THR A 529 -28.08 57.20 6.47
N GLU A 530 -27.99 56.34 5.45
CA GLU A 530 -29.15 55.60 4.96
C GLU A 530 -29.65 54.58 5.98
N LYS A 531 -30.97 54.52 6.14
CA LYS A 531 -31.60 53.48 6.94
C LYS A 531 -32.93 53.07 6.31
N GLY A 532 -33.47 51.95 6.76
CA GLY A 532 -34.76 51.47 6.36
C GLY A 532 -34.69 50.22 5.48
N ASP A 533 -35.88 49.61 5.31
CA ASP A 533 -36.04 48.36 4.55
C ASP A 533 -36.35 48.64 3.09
N PHE A 534 -35.77 47.83 2.20
CA PHE A 534 -36.02 47.99 0.78
C PHE A 534 -36.22 46.66 0.07
N LEU A 535 -37.17 46.64 -0.86
CA LEU A 535 -37.34 45.51 -1.75
C LEU A 535 -36.39 45.60 -2.93
N ALA A 536 -35.95 44.43 -3.40
CA ALA A 536 -35.16 44.34 -4.62
C ALA A 536 -35.64 43.18 -5.46
N LEU A 537 -35.72 43.39 -6.76
CA LEU A 537 -36.14 42.38 -7.72
C LEU A 537 -34.98 42.18 -8.68
N ASP A 538 -34.37 41.00 -8.64
CA ASP A 538 -33.30 40.66 -9.58
C ASP A 538 -33.91 39.74 -10.62
N LEU A 539 -34.02 40.24 -11.86
CA LEU A 539 -34.72 39.49 -12.89
C LEU A 539 -33.81 39.34 -14.10
N GLY A 540 -33.42 38.11 -14.36
CA GLY A 540 -33.04 37.68 -15.68
C GLY A 540 -33.12 36.18 -15.67
N GLY A 541 -33.36 35.60 -16.82
CA GLY A 541 -33.56 34.17 -16.87
C GLY A 541 -34.85 33.73 -16.19
N THR A 542 -35.06 32.41 -16.22
CA THR A 542 -36.33 31.82 -15.85
C THR A 542 -36.63 31.93 -14.36
N ASN A 543 -35.63 32.18 -13.51
CA ASN A 543 -35.86 32.25 -12.07
C ASN A 543 -35.34 33.58 -11.54
N PHE A 544 -36.23 34.37 -10.96
CA PHE A 544 -35.84 35.59 -10.27
C PHE A 544 -35.72 35.31 -8.77
N ARG A 545 -35.30 36.34 -8.05
CA ARG A 545 -35.38 36.36 -6.60
C ARG A 545 -36.07 37.64 -6.18
N VAL A 546 -36.86 37.55 -5.13
CA VAL A 546 -37.35 38.73 -4.43
C VAL A 546 -36.46 38.92 -3.21
N LEU A 547 -36.11 40.16 -2.91
CA LEU A 547 -35.13 40.44 -1.87
C LEU A 547 -35.68 41.48 -0.91
N LEU A 548 -35.67 41.16 0.38
CA LEU A 548 -35.82 42.17 1.43
C LEU A 548 -34.44 42.54 1.97
N VAL A 549 -34.16 43.84 1.99
CA VAL A 549 -32.88 44.37 2.43
C VAL A 549 -33.12 45.38 3.54
N ARG A 550 -32.60 45.11 4.73
CA ARG A 550 -32.71 46.03 5.87
C ARG A 550 -31.37 46.71 6.10
N VAL A 551 -31.38 48.04 6.22
CA VAL A 551 -30.14 48.79 6.38
C VAL A 551 -30.08 49.39 7.79
N ARG A 552 -28.89 49.31 8.40
CA ARG A 552 -28.58 49.90 9.70
C ARG A 552 -27.61 51.05 9.51
N ASN A 553 -28.08 52.28 9.70
CA ASN A 553 -27.19 53.41 9.44
C ASN A 553 -26.16 53.53 10.56
N GLY A 554 -25.31 54.54 10.43
CA GLY A 554 -24.34 54.84 11.46
C GLY A 554 -23.15 53.88 11.48
N LYS A 555 -22.20 54.21 12.35
CA LYS A 555 -21.02 53.39 12.53
C LYS A 555 -21.42 51.97 12.89
N TRP A 556 -20.62 51.02 12.43
CA TRP A 556 -20.99 49.60 12.49
C TRP A 556 -22.30 49.47 11.71
N GLY A 557 -23.27 48.74 12.23
CA GLY A 557 -24.41 48.57 11.37
C GLY A 557 -23.97 47.82 10.14
N GLY A 558 -24.79 47.90 9.11
CA GLY A 558 -24.53 47.15 7.92
C GLY A 558 -25.84 46.78 7.25
N VAL A 559 -25.77 45.74 6.44
CA VAL A 559 -26.87 45.32 5.59
C VAL A 559 -27.28 43.91 6.00
N GLU A 560 -28.58 43.67 6.00
CA GLU A 560 -29.16 42.38 6.30
C GLU A 560 -30.04 41.98 5.12
N MET A 561 -29.96 40.71 4.70
CA MET A 561 -30.64 40.30 3.48
C MET A 561 -31.47 39.03 3.69
N HIS A 562 -32.69 39.03 3.17
CA HIS A 562 -33.54 37.85 3.06
C HIS A 562 -34.00 37.77 1.61
N ASN A 563 -33.89 36.59 1.01
CA ASN A 563 -34.45 36.43 -0.32
C ASN A 563 -35.43 35.25 -0.33
N LYS A 564 -36.06 35.04 -1.48
CA LYS A 564 -36.63 33.76 -1.85
C LYS A 564 -36.59 33.67 -3.37
N ILE A 565 -36.42 32.47 -3.88
CA ILE A 565 -36.31 32.23 -5.31
C ILE A 565 -37.64 31.74 -5.83
N TYR A 566 -38.06 32.26 -6.98
CA TYR A 566 -39.25 31.79 -7.67
C TYR A 566 -38.91 31.53 -9.13
N ALA A 567 -39.68 30.63 -9.75
CA ALA A 567 -39.50 30.29 -11.16
C ALA A 567 -40.67 30.81 -11.97
N ILE A 568 -40.40 31.29 -13.17
CA ILE A 568 -41.42 31.74 -14.10
C ILE A 568 -41.87 30.51 -14.92
N PRO A 569 -43.13 30.09 -14.82
CA PRO A 569 -43.54 28.86 -15.50
C PRO A 569 -43.32 28.94 -17.01
N GLN A 570 -43.10 27.77 -17.63
CA GLN A 570 -42.84 27.79 -19.07
C GLN A 570 -44.05 28.26 -19.84
N GLU A 571 -45.25 28.01 -19.32
CA GLU A 571 -46.46 28.60 -19.90
C GLU A 571 -46.35 30.11 -19.95
N VAL A 572 -45.82 30.73 -18.89
CA VAL A 572 -46.02 32.16 -18.69
C VAL A 572 -45.13 33.02 -19.58
N MET A 573 -43.95 32.55 -19.95
CA MET A 573 -43.08 33.39 -20.77
C MET A 573 -43.28 33.20 -22.26
N HIS A 574 -44.04 32.19 -22.70
CA HIS A 574 -44.51 32.09 -24.07
C HIS A 574 -45.90 32.70 -24.22
N GLY A 575 -46.43 33.29 -23.15
CA GLY A 575 -47.67 34.02 -23.17
C GLY A 575 -47.45 35.52 -23.19
N THR A 576 -48.49 36.25 -22.81
CA THR A 576 -48.51 37.70 -23.01
C THR A 576 -47.71 38.41 -21.93
N GLY A 577 -47.21 39.61 -22.27
CA GLY A 577 -46.29 40.29 -21.37
C GLY A 577 -46.91 40.76 -20.08
N ASP A 578 -48.20 41.09 -20.08
CA ASP A 578 -48.82 41.51 -18.84
C ASP A 578 -48.97 40.35 -17.88
N GLU A 579 -49.26 39.15 -18.40
CA GLU A 579 -49.28 37.95 -17.56
C GLU A 579 -47.93 37.71 -16.89
N LEU A 580 -46.83 38.01 -17.60
CA LEU A 580 -45.50 37.82 -17.03
C LEU A 580 -45.33 38.65 -15.76
N PHE A 581 -45.67 39.93 -15.81
CA PHE A 581 -45.45 40.80 -14.67
C PHE A 581 -46.50 40.66 -13.58
N ASP A 582 -47.73 40.23 -13.90
CA ASP A 582 -48.62 39.84 -12.81
C ASP A 582 -48.03 38.68 -12.04
N HIS A 583 -47.50 37.69 -12.76
CA HIS A 583 -46.90 36.56 -12.06
C HIS A 583 -45.77 37.03 -11.16
N ILE A 584 -44.92 37.91 -11.69
CA ILE A 584 -43.83 38.50 -10.91
C ILE A 584 -44.37 39.15 -9.65
N VAL A 585 -45.48 39.88 -9.77
CA VAL A 585 -46.02 40.60 -8.63
C VAL A 585 -46.64 39.67 -7.61
N GLN A 586 -47.24 38.55 -8.04
CA GLN A 586 -47.70 37.57 -7.05
C GLN A 586 -46.55 37.12 -6.20
N CYS A 587 -45.38 36.91 -6.81
CA CYS A 587 -44.20 36.47 -6.08
C CYS A 587 -43.75 37.51 -5.06
N ILE A 588 -43.71 38.80 -5.46
CA ILE A 588 -43.43 39.87 -4.50
C ILE A 588 -44.46 39.85 -3.38
N ALA A 589 -45.73 39.65 -3.74
CA ALA A 589 -46.78 39.61 -2.72
C ALA A 589 -46.66 38.38 -1.84
N ASP A 590 -46.22 37.26 -2.41
CA ASP A 590 -45.99 36.08 -1.59
C ASP A 590 -44.79 36.26 -0.68
N PHE A 591 -43.71 36.88 -1.18
CA PHE A 591 -42.51 37.03 -0.39
C PHE A 591 -42.76 37.87 0.87
N LEU A 592 -43.25 39.10 0.70
CA LEU A 592 -43.36 39.95 1.88
C LEU A 592 -44.41 39.45 2.87
N GLU A 593 -45.38 38.64 2.42
CA GLU A 593 -46.25 37.95 3.36
C GLU A 593 -45.55 36.77 4.01
N TYR A 594 -44.49 36.26 3.38
CA TYR A 594 -43.68 35.21 3.98
C TYR A 594 -42.73 35.78 5.01
N MET A 595 -42.24 36.99 4.78
CA MET A 595 -41.54 37.68 5.85
C MET A 595 -42.49 38.15 6.95
N GLY A 596 -43.80 38.15 6.70
CA GLY A 596 -44.78 38.66 7.65
C GLY A 596 -45.10 40.12 7.49
N MET A 597 -44.78 40.72 6.34
CA MET A 597 -45.02 42.13 6.05
C MET A 597 -46.29 42.41 5.25
N LYS A 598 -47.13 41.41 4.98
CA LYS A 598 -48.24 41.61 4.04
C LYS A 598 -49.07 42.82 4.44
N GLY A 599 -49.25 43.74 3.50
CA GLY A 599 -49.90 45.03 3.74
C GLY A 599 -48.95 46.20 3.79
N VAL A 600 -47.64 45.96 3.98
CA VAL A 600 -46.63 47.01 4.03
C VAL A 600 -46.25 47.43 2.62
N SER A 601 -46.14 48.74 2.41
CA SER A 601 -45.63 49.29 1.15
C SER A 601 -44.19 49.77 1.35
N LEU A 602 -43.34 49.50 0.36
CA LEU A 602 -41.90 49.76 0.42
C LEU A 602 -41.44 50.24 -0.95
N PRO A 603 -40.31 50.95 -0.99
CA PRO A 603 -39.66 51.21 -2.28
C PRO A 603 -38.89 50.00 -2.78
N LEU A 604 -38.76 49.91 -4.10
CA LEU A 604 -38.29 48.70 -4.77
C LEU A 604 -37.19 49.03 -5.76
N GLY A 605 -36.03 48.41 -5.59
CA GLY A 605 -35.00 48.44 -6.61
C GLY A 605 -35.12 47.24 -7.53
N PHE A 606 -34.61 47.41 -8.75
CA PHE A 606 -34.95 46.48 -9.82
C PHE A 606 -33.71 46.17 -10.67
N THR A 607 -33.27 44.89 -10.70
CA THR A 607 -32.16 44.45 -11.55
C THR A 607 -32.73 43.60 -12.68
N PHE A 608 -32.68 44.14 -13.89
CA PHE A 608 -33.25 43.53 -15.09
C PHE A 608 -32.10 43.32 -16.06
N SER A 609 -31.68 42.07 -16.30
CA SER A 609 -30.55 41.88 -17.20
C SER A 609 -31.11 41.41 -18.54
N PHE A 610 -31.26 42.38 -19.44
CA PHE A 610 -31.57 42.23 -20.84
C PHE A 610 -30.96 43.43 -21.54
N PRO A 611 -30.70 43.36 -22.85
CA PRO A 611 -30.23 44.56 -23.54
C PRO A 611 -31.27 45.66 -23.41
N CYS A 612 -30.85 46.81 -22.91
CA CYS A 612 -31.79 47.90 -22.66
C CYS A 612 -31.13 49.25 -22.90
N GLN A 613 -31.85 50.14 -23.59
CA GLN A 613 -31.53 51.56 -23.57
C GLN A 613 -32.23 52.18 -22.38
N GLN A 614 -31.45 52.75 -21.47
CA GLN A 614 -31.99 53.29 -20.24
C GLN A 614 -31.89 54.82 -20.33
N ASN A 615 -33.06 55.45 -20.54
CA ASN A 615 -33.18 56.90 -20.77
C ASN A 615 -33.20 57.73 -19.50
N SER A 616 -33.82 57.22 -18.43
CA SER A 616 -33.86 57.82 -17.10
C SER A 616 -33.25 56.85 -16.11
N LEU A 617 -33.23 57.19 -14.83
CA LEU A 617 -32.84 56.14 -13.90
C LEU A 617 -34.00 55.17 -13.69
N ASP A 618 -35.25 55.66 -13.67
CA ASP A 618 -36.42 54.78 -13.62
C ASP A 618 -37.07 54.49 -14.99
N GLU A 619 -36.48 54.93 -16.11
CA GLU A 619 -36.92 54.47 -17.42
C GLU A 619 -35.87 53.59 -18.08
N SER A 620 -36.28 52.38 -18.48
CA SER A 620 -35.45 51.57 -19.35
C SER A 620 -36.36 50.78 -20.29
N ILE A 621 -36.01 50.77 -21.57
CA ILE A 621 -36.80 50.12 -22.60
C ILE A 621 -36.16 48.76 -22.91
N LEU A 622 -36.95 47.71 -22.77
CA LEU A 622 -36.55 46.42 -23.32
C LEU A 622 -36.31 46.57 -24.82
N LEU A 623 -35.12 46.16 -25.27
CA LEU A 623 -34.81 46.19 -26.71
C LEU A 623 -35.21 44.87 -27.36
N LYS A 624 -34.54 43.78 -26.97
CA LYS A 624 -34.89 42.48 -27.52
C LYS A 624 -34.90 41.44 -26.40
N TRP A 625 -35.94 40.60 -26.38
CA TRP A 625 -35.99 39.51 -25.43
C TRP A 625 -34.86 38.51 -25.70
N THR A 626 -34.45 37.80 -24.65
CA THR A 626 -33.34 36.85 -24.73
C THR A 626 -33.69 35.66 -23.84
N LYS A 627 -32.83 34.64 -23.85
CA LYS A 627 -32.89 33.53 -22.89
C LYS A 627 -34.26 32.89 -22.83
N GLY A 628 -34.99 32.88 -23.95
CA GLY A 628 -36.20 32.12 -24.05
C GLY A 628 -37.47 32.79 -23.57
N PHE A 629 -37.49 34.12 -23.45
CA PHE A 629 -38.73 34.83 -23.15
C PHE A 629 -39.36 35.25 -24.48
N LYS A 630 -40.52 34.68 -24.79
CA LYS A 630 -41.32 35.05 -25.95
C LYS A 630 -42.42 36.04 -25.62
N ALA A 631 -42.49 36.51 -24.37
CA ALA A 631 -43.63 37.29 -23.90
C ALA A 631 -43.86 38.53 -24.76
N SER A 632 -45.10 38.68 -25.24
CA SER A 632 -45.43 39.71 -26.20
C SER A 632 -45.74 41.03 -25.50
N GLY A 633 -46.00 42.07 -26.31
CA GLY A 633 -46.31 43.39 -25.79
C GLY A 633 -45.24 44.02 -24.92
N CYS A 634 -44.01 43.48 -24.96
CA CYS A 634 -42.92 43.94 -24.11
C CYS A 634 -41.86 44.73 -24.87
N GLU A 635 -41.20 44.12 -25.86
CA GLU A 635 -40.12 44.78 -26.59
C GLU A 635 -40.56 46.15 -27.08
N GLY A 636 -39.70 47.15 -26.89
CA GLY A 636 -40.04 48.53 -27.20
C GLY A 636 -40.75 49.27 -26.10
N GLU A 637 -40.96 48.66 -24.94
CA GLU A 637 -41.69 49.28 -23.84
C GLU A 637 -40.78 49.54 -22.66
N ASP A 638 -41.16 50.52 -21.85
CA ASP A 638 -40.43 50.80 -20.63
C ASP A 638 -40.73 49.74 -19.59
N VAL A 639 -39.68 49.16 -19.01
CA VAL A 639 -39.90 48.01 -18.15
C VAL A 639 -40.51 48.43 -16.82
N VAL A 640 -40.23 49.63 -16.33
CA VAL A 640 -40.80 49.96 -15.04
C VAL A 640 -42.29 50.23 -15.17
N THR A 641 -42.75 50.86 -16.26
CA THR A 641 -44.18 51.08 -16.42
C THR A 641 -44.92 49.75 -16.43
N LEU A 642 -44.47 48.80 -17.26
CA LEU A 642 -45.04 47.46 -17.24
C LEU A 642 -45.12 46.91 -15.83
N LEU A 643 -44.04 47.12 -15.06
CA LEU A 643 -43.98 46.59 -13.71
C LEU A 643 -44.99 47.27 -12.79
N LYS A 644 -45.01 48.61 -12.76
CA LYS A 644 -45.96 49.23 -11.84
C LYS A 644 -47.38 49.24 -12.40
N GLU A 645 -47.57 49.23 -13.72
CA GLU A 645 -48.90 48.95 -14.23
C GLU A 645 -49.38 47.59 -13.75
N ALA A 646 -48.46 46.63 -13.57
CA ALA A 646 -48.82 45.36 -12.99
C ALA A 646 -48.98 45.43 -11.48
N ILE A 647 -48.34 46.40 -10.82
CA ILE A 647 -48.57 46.58 -9.38
C ILE A 647 -49.89 47.29 -9.15
N HIS A 648 -50.18 48.31 -9.97
CA HIS A 648 -51.46 48.99 -9.86
C HIS A 648 -52.60 47.98 -9.88
N ARG A 649 -52.48 46.96 -10.73
CA ARG A 649 -53.57 46.02 -10.94
C ARG A 649 -53.94 45.26 -9.67
N ARG A 650 -53.01 45.10 -8.72
CA ARG A 650 -53.21 44.02 -7.74
C ARG A 650 -54.13 44.41 -6.56
N GLU A 651 -54.03 45.61 -5.99
CA GLU A 651 -55.22 46.12 -5.27
C GLU A 651 -55.76 45.29 -4.06
N GLU A 652 -55.19 45.40 -2.87
CA GLU A 652 -54.53 46.62 -2.46
C GLU A 652 -53.07 46.33 -2.32
N PHE A 653 -52.35 46.79 -3.32
CA PHE A 653 -50.93 46.57 -3.42
C PHE A 653 -50.36 47.87 -3.98
N ASP A 654 -49.43 48.47 -3.25
CA ASP A 654 -48.69 49.61 -3.76
C ASP A 654 -47.24 49.48 -3.36
N LEU A 655 -46.35 49.54 -4.35
CA LEU A 655 -44.91 49.60 -4.15
C LEU A 655 -44.38 50.73 -5.03
N ASP A 656 -43.39 51.45 -4.53
CA ASP A 656 -42.74 52.52 -5.28
C ASP A 656 -41.55 51.93 -6.04
N VAL A 657 -41.58 51.99 -7.37
CA VAL A 657 -40.46 51.49 -8.16
C VAL A 657 -39.57 52.70 -8.40
N VAL A 658 -38.45 52.74 -7.70
CA VAL A 658 -37.57 53.90 -7.73
C VAL A 658 -36.61 53.86 -8.91
N ALA A 659 -36.02 52.69 -9.19
CA ALA A 659 -34.87 52.66 -10.08
C ALA A 659 -34.70 51.28 -10.69
N VAL A 660 -33.98 51.25 -11.83
CA VAL A 660 -33.56 50.02 -12.48
C VAL A 660 -32.05 50.13 -12.76
N VAL A 661 -31.32 49.00 -12.64
CA VAL A 661 -29.86 49.00 -12.62
C VAL A 661 -29.26 47.84 -13.41
N ASN A 662 -28.06 48.07 -13.92
CA ASN A 662 -27.20 47.00 -14.39
C ASN A 662 -26.48 46.37 -13.19
N ASP A 663 -26.25 45.05 -13.29
CA ASP A 663 -25.79 44.31 -12.11
C ASP A 663 -24.43 44.79 -11.60
N THR A 664 -23.52 45.22 -12.49
CA THR A 664 -22.25 45.77 -12.03
C THR A 664 -22.47 46.99 -11.14
N VAL A 665 -23.34 47.91 -11.57
CA VAL A 665 -23.66 49.11 -10.79
C VAL A 665 -24.04 48.74 -9.38
N GLY A 666 -24.86 47.70 -9.23
CA GLY A 666 -25.22 47.23 -7.91
C GLY A 666 -24.02 46.73 -7.12
N THR A 667 -23.18 45.91 -7.76
CA THR A 667 -21.99 45.39 -7.10
C THR A 667 -21.16 46.51 -6.49
N MET A 668 -21.04 47.63 -7.21
CA MET A 668 -20.26 48.77 -6.71
C MET A 668 -20.95 49.43 -5.54
N MET A 669 -22.24 49.75 -5.71
CA MET A 669 -22.99 50.40 -4.64
C MET A 669 -23.00 49.54 -3.38
N THR A 670 -22.98 48.21 -3.55
CA THR A 670 -22.89 47.31 -2.41
C THR A 670 -21.58 47.52 -1.64
N CYS A 671 -20.46 47.71 -2.34
CA CYS A 671 -19.23 48.00 -1.63
C CYS A 671 -19.09 49.48 -1.28
N GLY A 672 -20.02 50.32 -1.72
CA GLY A 672 -20.07 51.68 -1.23
C GLY A 672 -20.42 51.78 0.24
N PHE A 673 -21.21 50.82 0.75
CA PHE A 673 -21.58 50.89 2.16
C PHE A 673 -20.47 50.40 3.09
N GLU A 674 -19.61 49.48 2.64
CA GLU A 674 -18.46 49.10 3.45
C GLU A 674 -17.37 50.17 3.43
N ASP A 675 -16.99 50.62 2.24
CA ASP A 675 -15.86 51.49 2.00
C ASP A 675 -16.38 52.80 1.40
N PRO A 676 -16.13 53.95 2.06
CA PRO A 676 -16.48 55.29 1.44
C PRO A 676 -15.93 55.52 0.04
N HIS A 677 -14.77 54.97 -0.29
CA HIS A 677 -13.99 55.36 -1.46
C HIS A 677 -14.31 54.58 -2.74
N CYS A 678 -15.32 53.71 -2.74
CA CYS A 678 -15.46 52.81 -3.88
C CYS A 678 -16.20 53.52 -5.01
N GLU A 679 -15.48 53.81 -6.09
CA GLU A 679 -16.00 54.36 -7.33
C GLU A 679 -16.15 53.33 -8.45
N VAL A 680 -15.82 52.06 -8.21
CA VAL A 680 -15.66 51.11 -9.31
C VAL A 680 -16.36 49.80 -8.95
N GLY A 681 -17.27 49.36 -9.82
CA GLY A 681 -17.72 47.99 -9.83
C GLY A 681 -17.01 47.13 -10.86
N LEU A 682 -16.93 45.83 -10.59
CA LEU A 682 -16.38 44.84 -11.52
C LEU A 682 -17.04 43.50 -11.28
N ILE A 683 -17.32 42.78 -12.37
CA ILE A 683 -17.83 41.42 -12.26
C ILE A 683 -17.07 40.58 -13.26
N VAL A 684 -16.34 39.58 -12.78
CA VAL A 684 -15.86 38.55 -13.70
C VAL A 684 -16.62 37.28 -13.35
N GLY A 685 -17.63 37.03 -14.16
CA GLY A 685 -18.66 36.04 -13.99
C GLY A 685 -18.65 34.94 -15.01
N THR A 686 -19.84 34.37 -15.20
CA THR A 686 -20.21 33.88 -16.51
C THR A 686 -20.04 34.96 -17.58
N GLY A 687 -20.21 36.23 -17.21
CA GLY A 687 -19.86 37.33 -18.07
C GLY A 687 -18.67 38.11 -17.54
N SER A 688 -18.46 39.29 -18.11
CA SER A 688 -17.60 40.26 -17.45
C SER A 688 -17.97 41.69 -17.83
N ASN A 689 -17.90 42.59 -16.85
CA ASN A 689 -18.20 44.00 -17.11
C ASN A 689 -17.65 44.83 -15.95
N ALA A 690 -17.75 46.15 -16.09
CA ALA A 690 -17.15 47.06 -15.12
C ALA A 690 -17.81 48.43 -15.22
N CYS A 691 -17.66 49.22 -14.15
CA CYS A 691 -18.26 50.54 -14.10
C CYS A 691 -17.48 51.44 -13.16
N TYR A 692 -17.43 52.73 -13.51
CA TYR A 692 -16.92 53.76 -12.61
C TYR A 692 -17.88 54.93 -12.59
N MET A 693 -17.63 55.85 -11.64
CA MET A 693 -18.31 57.15 -11.62
C MET A 693 -17.47 58.16 -12.38
N GLU A 694 -17.95 58.56 -13.56
CA GLU A 694 -17.26 59.52 -14.40
C GLU A 694 -17.81 60.91 -14.18
N GLU A 695 -16.92 61.89 -14.27
CA GLU A 695 -17.32 63.28 -14.25
C GLU A 695 -18.40 63.56 -15.30
N MET A 696 -19.47 64.23 -14.86
CA MET A 696 -20.55 64.66 -15.75
C MET A 696 -20.02 65.47 -16.94
N ARG A 697 -18.89 66.16 -16.74
CA ARG A 697 -18.21 66.88 -17.80
C ARG A 697 -18.09 65.99 -19.04
N ASN A 698 -17.66 64.74 -18.85
CA ASN A 698 -17.21 63.89 -19.93
C ASN A 698 -18.31 63.05 -20.56
N VAL A 699 -19.50 62.96 -19.97
CA VAL A 699 -20.57 62.11 -20.51
C VAL A 699 -21.43 62.99 -21.42
N GLU A 700 -21.33 62.75 -22.73
CA GLU A 700 -21.86 63.68 -23.71
C GLU A 700 -23.28 63.36 -24.14
N LEU A 701 -23.82 62.21 -23.74
CA LEU A 701 -25.20 61.91 -24.12
C LEU A 701 -26.21 62.40 -23.11
N VAL A 702 -25.77 62.83 -21.94
CA VAL A 702 -26.64 63.47 -20.95
C VAL A 702 -26.26 64.95 -20.85
N GLU A 703 -27.26 65.82 -21.00
CA GLU A 703 -26.99 67.24 -20.92
C GLU A 703 -26.50 67.59 -19.52
N GLY A 704 -25.66 68.61 -19.45
CA GLY A 704 -25.07 69.12 -18.24
C GLY A 704 -23.70 68.57 -17.91
N GLU A 705 -22.85 69.46 -17.42
CA GLU A 705 -21.45 69.19 -17.08
C GLU A 705 -21.16 69.08 -15.59
N GLU A 706 -22.16 69.20 -14.73
CA GLU A 706 -21.95 69.45 -13.31
C GLU A 706 -22.16 68.17 -12.51
N GLY A 707 -21.13 67.77 -11.77
CA GLY A 707 -21.20 66.57 -10.96
C GLY A 707 -20.51 65.37 -11.60
N ARG A 708 -20.81 64.20 -11.03
CA ARG A 708 -20.36 62.93 -11.58
C ARG A 708 -21.50 61.94 -11.76
N MET A 709 -21.17 60.93 -12.55
CA MET A 709 -22.11 60.01 -13.16
C MET A 709 -21.47 58.63 -13.25
N CYS A 710 -22.21 57.60 -12.85
CA CYS A 710 -21.71 56.24 -13.05
C CYS A 710 -21.97 55.79 -14.48
N VAL A 711 -20.96 55.19 -15.09
CA VAL A 711 -21.07 54.68 -16.45
C VAL A 711 -21.00 53.16 -16.41
N ASN A 712 -21.93 52.52 -17.12
CA ASN A 712 -21.93 51.07 -17.34
C ASN A 712 -21.16 50.81 -18.62
N MET A 713 -19.96 50.27 -18.50
CA MET A 713 -19.05 50.25 -19.65
C MET A 713 -19.54 49.31 -20.72
N GLU A 714 -20.11 48.19 -20.31
CA GLU A 714 -20.35 47.07 -21.20
C GLU A 714 -19.07 46.75 -21.97
N TRP A 715 -17.97 46.54 -21.20
CA TRP A 715 -16.62 46.37 -21.73
C TRP A 715 -16.35 44.97 -22.28
N GLY A 716 -17.22 44.00 -22.01
CA GLY A 716 -17.06 42.71 -22.64
C GLY A 716 -17.11 42.82 -24.15
N ALA A 717 -17.58 43.95 -24.66
CA ALA A 717 -17.57 44.22 -26.08
C ALA A 717 -16.28 44.88 -26.55
N PHE A 718 -15.30 45.08 -25.67
CA PHE A 718 -14.02 45.60 -26.12
C PHE A 718 -13.42 44.64 -27.14
N GLY A 719 -13.11 45.15 -28.34
CA GLY A 719 -12.50 44.35 -29.36
C GLY A 719 -13.39 43.91 -30.51
N ASP A 720 -14.70 44.19 -30.46
CA ASP A 720 -15.58 43.82 -31.58
C ASP A 720 -15.44 44.72 -32.79
N ASN A 721 -14.65 45.78 -32.71
CA ASN A 721 -14.24 46.48 -33.92
C ASN A 721 -13.03 45.83 -34.58
N GLY A 722 -12.33 44.94 -33.87
CA GLY A 722 -11.07 44.39 -34.28
C GLY A 722 -9.86 44.84 -33.46
N CYS A 723 -10.02 45.77 -32.52
CA CYS A 723 -8.85 46.38 -31.90
C CYS A 723 -7.99 45.41 -31.11
N LEU A 724 -8.50 44.22 -30.76
CA LEU A 724 -7.70 43.18 -30.13
C LEU A 724 -7.21 42.10 -31.10
N ASP A 725 -7.53 42.19 -32.39
CA ASP A 725 -7.37 41.04 -33.28
C ASP A 725 -5.92 40.62 -33.48
N ASP A 726 -4.94 41.43 -33.07
CA ASP A 726 -3.56 40.98 -33.16
C ASP A 726 -3.10 40.19 -31.94
N PHE A 727 -3.87 40.21 -30.85
CA PHE A 727 -3.62 39.35 -29.69
C PHE A 727 -4.36 38.03 -29.73
N ARG A 728 -5.26 37.86 -30.68
CA ARG A 728 -6.23 36.77 -30.64
C ARG A 728 -5.64 35.56 -31.34
N THR A 729 -5.39 34.50 -30.58
CA THR A 729 -4.89 33.24 -31.09
C THR A 729 -5.98 32.50 -31.86
N GLU A 730 -5.58 31.56 -32.71
CA GLU A 730 -6.58 30.79 -33.43
C GLU A 730 -7.61 30.18 -32.48
N PHE A 731 -7.23 29.95 -31.22
CA PHE A 731 -8.16 29.35 -30.27
C PHE A 731 -9.24 30.34 -29.87
N ASP A 732 -8.84 31.60 -29.63
CA ASP A 732 -9.81 32.67 -29.41
C ASP A 732 -10.78 32.80 -30.59
N VAL A 733 -10.29 32.60 -31.81
CA VAL A 733 -11.16 32.66 -32.97
C VAL A 733 -12.00 31.40 -33.08
N ALA A 734 -11.49 30.25 -32.66
CA ALA A 734 -12.33 29.05 -32.64
C ALA A 734 -13.49 29.22 -31.65
N VAL A 735 -13.23 29.79 -30.48
CA VAL A 735 -14.31 30.03 -29.55
C VAL A 735 -15.28 31.06 -30.11
N ASP A 736 -14.73 32.15 -30.67
CA ASP A 736 -15.57 33.21 -31.21
C ASP A 736 -16.51 32.68 -32.29
N GLU A 737 -15.98 31.90 -33.23
CA GLU A 737 -16.80 31.53 -34.39
C GLU A 737 -17.94 30.58 -34.05
N LEU A 738 -17.78 29.68 -33.07
CA LEU A 738 -18.88 28.78 -32.71
C LEU A 738 -19.75 29.26 -31.54
N SER A 739 -19.52 30.45 -31.00
CA SER A 739 -20.42 30.99 -29.99
C SER A 739 -21.77 31.39 -30.59
N LEU A 740 -22.76 31.55 -29.71
CA LEU A 740 -24.07 32.07 -30.13
C LEU A 740 -24.00 33.47 -30.71
N ASN A 741 -23.00 34.27 -30.36
CA ASN A 741 -22.94 35.68 -30.74
C ASN A 741 -21.61 35.97 -31.44
N PRO A 742 -21.37 35.34 -32.59
CA PRO A 742 -20.05 35.42 -33.22
C PRO A 742 -19.61 36.84 -33.51
N GLY A 743 -18.36 37.14 -33.22
CA GLY A 743 -17.84 38.48 -33.44
C GLY A 743 -18.36 39.53 -32.49
N LYS A 744 -19.23 39.17 -31.56
CA LYS A 744 -19.68 40.07 -30.51
C LYS A 744 -19.16 39.59 -29.15
N GLN A 745 -18.83 40.54 -28.27
CA GLN A 745 -18.41 40.32 -26.88
C GLN A 745 -17.00 39.69 -26.72
N ARG A 746 -16.04 40.10 -27.57
CA ARG A 746 -14.77 39.37 -27.62
C ARG A 746 -13.94 39.50 -26.35
N PHE A 747 -13.88 40.69 -25.77
CA PHE A 747 -13.04 40.82 -24.57
C PHE A 747 -13.58 39.92 -23.47
N GLU A 748 -14.90 39.74 -23.45
CA GLU A 748 -15.52 38.81 -22.52
C GLU A 748 -15.03 37.39 -22.77
N LYS A 749 -15.00 36.98 -24.03
CA LYS A 749 -14.62 35.64 -24.42
C LYS A 749 -13.15 35.33 -24.16
N MET A 750 -12.32 36.34 -23.91
CA MET A 750 -10.97 36.10 -23.39
C MET A 750 -10.92 35.96 -21.87
N ILE A 751 -11.73 36.71 -21.12
CA ILE A 751 -11.56 36.77 -19.66
C ILE A 751 -12.57 35.96 -18.83
N SER A 752 -13.59 35.31 -19.41
CA SER A 752 -14.60 34.88 -18.43
C SER A 752 -15.44 33.69 -18.88
N GLY A 753 -16.13 33.12 -17.88
CA GLY A 753 -17.39 32.44 -18.09
C GLY A 753 -17.27 31.08 -18.76
N MET A 754 -18.22 30.80 -19.65
CA MET A 754 -18.17 29.56 -20.41
C MET A 754 -16.89 29.45 -21.21
N TYR A 755 -16.29 30.59 -21.55
CA TYR A 755 -15.37 30.68 -22.67
C TYR A 755 -14.01 30.10 -22.34
N LEU A 756 -13.52 30.29 -21.11
CA LEU A 756 -12.16 29.83 -20.84
C LEU A 756 -12.05 28.32 -20.95
N GLY A 757 -13.01 27.59 -20.39
CA GLY A 757 -13.03 26.15 -20.61
C GLY A 757 -12.94 25.82 -22.09
N GLU A 758 -13.65 26.56 -22.92
CA GLU A 758 -13.67 26.27 -24.34
C GLU A 758 -12.32 26.55 -24.99
N ILE A 759 -11.69 27.65 -24.59
CA ILE A 759 -10.33 27.92 -25.05
C ILE A 759 -9.41 26.78 -24.64
N VAL A 760 -9.41 26.43 -23.36
CA VAL A 760 -8.67 25.24 -22.90
C VAL A 760 -8.99 24.04 -23.78
N ARG A 761 -10.29 23.79 -24.03
CA ARG A 761 -10.62 22.58 -24.78
C ARG A 761 -10.08 22.62 -26.20
N ASN A 762 -10.07 23.79 -26.83
CA ASN A 762 -9.57 23.83 -28.19
C ASN A 762 -8.06 23.73 -28.25
N ILE A 763 -7.35 24.21 -27.22
CA ILE A 763 -5.91 23.99 -27.14
C ILE A 763 -5.63 22.50 -27.02
N LEU A 764 -6.27 21.83 -26.06
CA LEU A 764 -6.10 20.40 -25.88
C LEU A 764 -6.38 19.66 -27.19
N ILE A 765 -7.47 20.01 -27.87
CA ILE A 765 -7.74 19.37 -29.15
C ILE A 765 -6.58 19.60 -30.11
N ASP A 766 -6.02 20.81 -30.11
CA ASP A 766 -4.92 21.10 -31.03
C ASP A 766 -3.73 20.20 -30.73
N PHE A 767 -3.27 20.17 -29.46
CA PHE A 767 -2.17 19.30 -29.09
C PHE A 767 -2.43 17.88 -29.52
N THR A 768 -3.64 17.38 -29.26
CA THR A 768 -3.90 15.97 -29.52
C THR A 768 -3.85 15.69 -31.00
N LYS A 769 -4.28 16.63 -31.84
CA LYS A 769 -4.13 16.46 -33.29
C LYS A 769 -2.66 16.40 -33.69
N ARG A 770 -1.80 17.05 -32.93
CA ARG A 770 -0.37 17.11 -33.24
C ARG A 770 0.41 15.98 -32.57
N GLY A 771 -0.27 15.02 -31.96
CA GLY A 771 0.43 14.00 -31.25
C GLY A 771 1.01 14.46 -29.93
N LEU A 772 0.76 15.69 -29.53
CA LEU A 772 1.36 16.26 -28.33
C LEU A 772 0.60 15.93 -27.05
N LEU A 773 -0.64 15.47 -27.13
CA LEU A 773 -1.38 15.10 -25.93
C LEU A 773 -2.25 13.89 -26.24
N PHE A 774 -2.59 13.14 -25.19
CA PHE A 774 -3.58 12.07 -25.28
C PHE A 774 -3.24 11.02 -26.32
N ARG A 775 -1.95 10.78 -26.58
CA ARG A 775 -1.52 9.69 -27.45
C ARG A 775 -2.09 9.83 -28.87
N GLY A 776 -2.39 11.08 -29.26
CA GLY A 776 -2.82 11.41 -30.62
C GLY A 776 -4.29 11.16 -30.93
N ARG A 777 -5.10 10.74 -29.95
CA ARG A 777 -6.41 10.14 -30.21
C ARG A 777 -7.51 10.93 -29.53
N ILE A 778 -8.38 11.53 -30.33
CA ILE A 778 -9.40 12.46 -29.85
C ILE A 778 -10.67 11.68 -29.53
N SER A 779 -11.05 11.65 -28.24
CA SER A 779 -12.36 11.15 -27.86
C SER A 779 -13.44 11.91 -28.62
N GLU A 780 -14.52 11.21 -28.97
CA GLU A 780 -15.74 11.97 -29.25
C GLU A 780 -16.12 12.79 -28.03
N ARG A 781 -15.90 12.24 -26.83
CA ARG A 781 -16.17 12.99 -25.62
C ARG A 781 -15.27 14.21 -25.47
N LEU A 782 -14.13 14.27 -26.16
CA LEU A 782 -13.34 15.49 -26.15
C LEU A 782 -13.90 16.53 -27.12
N LYS A 783 -14.61 16.08 -28.15
CA LYS A 783 -15.21 16.99 -29.13
C LYS A 783 -16.46 17.67 -28.60
N THR A 784 -16.96 17.26 -27.43
CA THR A 784 -18.19 17.83 -26.88
C THR A 784 -17.93 19.20 -26.32
N ARG A 785 -18.69 20.19 -26.79
CA ARG A 785 -18.59 21.55 -26.28
C ARG A 785 -19.02 21.59 -24.82
N GLY A 786 -18.44 22.55 -24.07
CA GLY A 786 -18.85 22.86 -22.71
C GLY A 786 -18.36 21.94 -21.58
N ILE A 787 -17.61 20.87 -21.87
CA ILE A 787 -17.26 19.89 -20.82
C ILE A 787 -16.44 20.52 -19.71
N PHE A 788 -15.58 21.49 -20.03
CA PHE A 788 -14.72 22.07 -19.00
C PHE A 788 -15.45 23.28 -18.42
N GLU A 789 -15.92 23.10 -17.21
CA GLU A 789 -16.66 24.13 -16.49
C GLU A 789 -15.71 24.85 -15.55
N THR A 790 -15.96 26.15 -15.36
CA THR A 790 -15.05 26.99 -14.62
C THR A 790 -14.77 26.46 -13.21
N LYS A 791 -15.74 25.76 -12.59
CA LYS A 791 -15.45 25.14 -11.30
C LYS A 791 -14.38 24.07 -11.42
N PHE A 792 -14.30 23.40 -12.57
CA PHE A 792 -13.29 22.38 -12.81
C PHE A 792 -11.93 22.99 -13.09
N LEU A 793 -11.87 24.06 -13.89
CA LEU A 793 -10.60 24.77 -14.02
C LEU A 793 -10.08 25.23 -12.67
N SER A 794 -10.99 25.61 -11.77
CA SER A 794 -10.55 26.07 -10.45
C SER A 794 -9.92 24.93 -9.65
N GLN A 795 -10.54 23.76 -9.65
CA GLN A 795 -9.94 22.63 -8.95
C GLN A 795 -8.67 22.17 -9.64
N ILE A 796 -8.67 22.13 -10.98
CA ILE A 796 -7.46 21.75 -11.72
C ILE A 796 -6.31 22.61 -11.27
N GLU A 797 -6.45 23.95 -11.36
CA GLU A 797 -5.31 24.81 -11.06
C GLU A 797 -4.93 24.81 -9.58
N SER A 798 -5.84 24.46 -8.68
CA SER A 798 -5.45 24.40 -7.27
C SER A 798 -4.90 23.05 -6.84
N ASP A 799 -4.86 22.07 -7.74
CA ASP A 799 -4.27 20.77 -7.44
C ASP A 799 -2.74 20.85 -7.51
N CYS A 800 -2.08 19.92 -6.83
CA CYS A 800 -0.62 19.96 -6.78
C CYS A 800 -0.09 18.56 -6.49
N LEU A 801 1.23 18.46 -6.28
CA LEU A 801 1.90 17.19 -6.00
C LEU A 801 1.57 16.11 -7.02
N ALA A 802 0.93 15.03 -6.56
CA ALA A 802 0.61 13.91 -7.44
C ALA A 802 -0.46 14.24 -8.45
N LEU A 803 -1.12 15.41 -8.33
CA LEU A 803 -2.19 15.82 -9.22
C LEU A 803 -3.27 14.75 -9.31
N LEU A 804 -3.68 14.21 -8.16
CA LEU A 804 -4.74 13.21 -8.21
C LEU A 804 -6.10 13.84 -8.43
N GLN A 805 -6.24 15.13 -8.14
CA GLN A 805 -7.51 15.80 -8.34
C GLN A 805 -7.73 16.15 -9.81
N VAL A 806 -6.66 16.45 -10.55
CA VAL A 806 -6.81 16.63 -11.99
C VAL A 806 -7.19 15.31 -12.67
N ARG A 807 -6.53 14.20 -12.30
CA ARG A 807 -6.83 12.92 -12.95
C ARG A 807 -8.28 12.52 -12.69
N ALA A 808 -8.74 12.72 -11.45
CA ALA A 808 -10.13 12.42 -11.10
C ALA A 808 -11.08 13.16 -12.03
N ILE A 809 -10.96 14.49 -12.07
CA ILE A 809 -11.80 15.33 -12.92
C ILE A 809 -11.76 14.84 -14.37
N LEU A 810 -10.57 14.51 -14.86
CA LEU A 810 -10.47 14.03 -16.25
C LEU A 810 -11.18 12.70 -16.42
N GLN A 811 -11.13 11.83 -15.42
CA GLN A 811 -11.89 10.59 -15.52
C GLN A 811 -13.38 10.87 -15.40
N HIS A 812 -13.73 11.87 -14.59
CA HIS A 812 -15.11 12.28 -14.41
C HIS A 812 -15.72 12.80 -15.71
N LEU A 813 -14.94 13.47 -16.54
CA LEU A 813 -15.44 14.02 -17.79
C LEU A 813 -15.32 13.06 -18.96
N GLY A 814 -14.89 11.83 -18.71
CA GLY A 814 -14.80 10.86 -19.79
C GLY A 814 -13.56 11.00 -20.65
N LEU A 815 -12.45 11.46 -20.08
CA LEU A 815 -11.22 11.65 -20.82
C LEU A 815 -10.12 10.76 -20.22
N GLU A 816 -9.10 10.51 -21.04
CA GLU A 816 -7.90 9.78 -20.59
C GLU A 816 -7.25 10.47 -19.39
N SER A 817 -7.03 9.71 -18.32
CA SER A 817 -6.64 10.25 -17.02
C SER A 817 -5.14 10.14 -16.71
N THR A 818 -4.33 9.70 -17.66
CA THR A 818 -2.96 9.32 -17.34
C THR A 818 -2.17 10.46 -16.71
N CYS A 819 -1.18 10.10 -15.87
CA CYS A 819 -0.31 11.06 -15.19
C CYS A 819 0.27 12.11 -16.14
N ASP A 820 0.92 11.68 -17.23
CA ASP A 820 1.58 12.63 -18.11
C ASP A 820 0.56 13.60 -18.72
N ASP A 821 -0.64 13.11 -19.09
CA ASP A 821 -1.64 14.03 -19.63
C ASP A 821 -2.16 15.03 -18.60
N SER A 822 -2.13 14.70 -17.30
CA SER A 822 -2.55 15.67 -16.28
C SER A 822 -1.64 16.88 -16.26
N ILE A 823 -0.32 16.65 -16.25
CA ILE A 823 0.64 17.73 -16.17
C ILE A 823 0.33 18.78 -17.23
N ILE A 824 0.05 18.32 -18.46
CA ILE A 824 -0.20 19.23 -19.56
C ILE A 824 -1.53 19.96 -19.37
N VAL A 825 -2.60 19.19 -19.13
CA VAL A 825 -3.91 19.80 -18.93
C VAL A 825 -3.82 20.88 -17.88
N LYS A 826 -3.16 20.56 -16.75
CA LYS A 826 -2.98 21.58 -15.73
C LYS A 826 -2.24 22.79 -16.28
N GLU A 827 -1.19 22.56 -17.05
CA GLU A 827 -0.42 23.69 -17.55
C GLU A 827 -1.25 24.52 -18.53
N VAL A 828 -1.96 23.87 -19.46
CA VAL A 828 -2.82 24.61 -20.38
C VAL A 828 -3.82 25.47 -19.62
N CYS A 829 -4.42 24.91 -18.56
CA CYS A 829 -5.38 25.68 -17.78
C CYS A 829 -4.72 26.91 -17.16
N THR A 830 -3.57 26.70 -16.50
CA THR A 830 -2.93 27.79 -15.77
C THR A 830 -2.61 28.95 -16.69
N VAL A 831 -2.22 28.66 -17.93
CA VAL A 831 -1.86 29.70 -18.87
C VAL A 831 -3.10 30.43 -19.34
N VAL A 832 -4.18 29.69 -19.62
CA VAL A 832 -5.41 30.33 -20.06
C VAL A 832 -5.95 31.25 -18.98
N ALA A 833 -5.91 30.78 -17.73
CA ALA A 833 -6.47 31.56 -16.62
C ALA A 833 -5.60 32.75 -16.28
N ARG A 834 -4.28 32.57 -16.38
CA ARG A 834 -3.40 33.71 -16.17
C ARG A 834 -3.72 34.82 -17.16
N ARG A 835 -3.74 34.49 -18.47
CA ARG A 835 -4.02 35.53 -19.46
C ARG A 835 -5.32 36.24 -19.12
N ALA A 836 -6.32 35.48 -18.65
CA ALA A 836 -7.61 36.06 -18.32
C ALA A 836 -7.47 37.11 -17.23
N ALA A 837 -6.85 36.76 -16.10
CA ALA A 837 -6.66 37.76 -15.05
C ALA A 837 -5.82 38.92 -15.55
N GLN A 838 -4.78 38.62 -16.32
CA GLN A 838 -3.88 39.69 -16.77
C GLN A 838 -4.62 40.69 -17.66
N LEU A 839 -5.28 40.22 -18.72
CA LEU A 839 -6.10 41.12 -19.53
C LEU A 839 -7.14 41.84 -18.67
N CYS A 840 -7.54 41.23 -17.56
CA CYS A 840 -8.58 41.85 -16.75
C CYS A 840 -7.99 42.98 -15.92
N GLY A 841 -6.78 42.78 -15.40
CA GLY A 841 -6.08 43.88 -14.78
C GLY A 841 -5.86 45.03 -15.74
N ALA A 842 -5.32 44.72 -16.93
CA ALA A 842 -5.00 45.76 -17.90
C ALA A 842 -6.23 46.60 -18.26
N GLY A 843 -7.42 46.03 -18.17
CA GLY A 843 -8.64 46.79 -18.38
C GLY A 843 -9.00 47.61 -17.16
N MET A 844 -8.85 47.00 -16.00
CA MET A 844 -9.12 47.68 -14.74
C MET A 844 -8.08 48.76 -14.44
N ALA A 845 -6.90 48.67 -15.04
CA ALA A 845 -5.88 49.71 -14.91
C ALA A 845 -6.24 50.94 -15.73
N ALA A 846 -6.75 50.73 -16.94
CA ALA A 846 -7.24 51.86 -17.74
C ALA A 846 -8.26 52.67 -16.96
N VAL A 847 -9.20 51.98 -16.29
CA VAL A 847 -10.27 52.62 -15.54
C VAL A 847 -9.71 53.47 -14.41
N VAL A 848 -8.80 52.91 -13.61
CA VAL A 848 -8.31 53.66 -12.46
C VAL A 848 -7.35 54.77 -12.88
N ASP A 849 -6.73 54.68 -14.06
CA ASP A 849 -5.84 55.76 -14.45
C ASP A 849 -6.61 56.95 -14.99
N ARG A 850 -7.63 56.71 -15.79
CA ARG A 850 -8.41 57.82 -16.28
C ARG A 850 -9.22 58.47 -15.17
N ILE A 851 -9.60 57.73 -14.14
CA ILE A 851 -10.20 58.35 -12.97
C ILE A 851 -9.23 59.35 -12.35
N ARG A 852 -7.92 59.06 -12.38
CA ARG A 852 -6.92 60.06 -11.99
C ARG A 852 -6.86 61.20 -13.00
N GLU A 853 -6.86 60.88 -14.29
CA GLU A 853 -6.64 61.88 -15.31
C GLU A 853 -7.83 62.84 -15.45
N ASN A 854 -9.05 62.37 -15.11
CA ASN A 854 -10.21 63.28 -15.08
C ASN A 854 -10.06 64.36 -14.01
N ARG A 855 -9.42 64.03 -12.89
CA ARG A 855 -9.26 64.93 -11.75
C ARG A 855 -7.91 65.64 -11.67
N GLY A 856 -6.98 65.37 -12.58
CA GLY A 856 -5.65 65.97 -12.50
C GLY A 856 -4.85 65.50 -11.30
N LEU A 857 -5.43 64.59 -10.50
CA LEU A 857 -4.73 64.00 -9.37
C LEU A 857 -3.62 63.05 -9.82
N ASP A 858 -2.68 62.79 -8.92
CA ASP A 858 -1.60 61.83 -9.20
C ASP A 858 -1.65 60.66 -8.25
N ALA A 859 -1.35 60.84 -6.95
CA ALA A 859 -1.52 59.74 -6.02
C ALA A 859 -3.00 59.61 -5.67
N LEU A 860 -3.59 58.45 -5.98
CA LEU A 860 -5.04 58.24 -5.88
C LEU A 860 -5.36 56.89 -5.27
N LYS A 861 -6.06 56.90 -4.13
CA LYS A 861 -6.46 55.70 -3.40
C LYS A 861 -7.90 55.34 -3.78
N VAL A 862 -8.11 54.12 -4.29
CA VAL A 862 -9.41 53.70 -4.81
C VAL A 862 -9.75 52.31 -4.28
N THR A 863 -11.03 51.98 -4.33
CA THR A 863 -11.51 50.65 -4.00
C THR A 863 -12.44 50.16 -5.10
N VAL A 864 -12.37 48.86 -5.39
CA VAL A 864 -13.21 48.21 -6.38
C VAL A 864 -14.01 47.14 -5.68
N GLY A 865 -15.34 47.30 -5.65
CA GLY A 865 -16.21 46.19 -5.31
C GLY A 865 -16.28 45.24 -6.48
N VAL A 866 -16.17 43.95 -6.19
CA VAL A 866 -16.09 42.92 -7.23
C VAL A 866 -16.95 41.74 -6.83
N ASP A 867 -17.65 41.17 -7.80
CA ASP A 867 -18.44 39.96 -7.61
C ASP A 867 -18.13 39.05 -8.78
N GLY A 868 -18.80 37.92 -8.82
CA GLY A 868 -18.72 37.00 -9.94
C GLY A 868 -17.98 35.73 -9.58
N THR A 869 -18.36 34.66 -10.27
CA THR A 869 -18.10 33.30 -9.79
C THR A 869 -16.62 32.99 -9.86
N LEU A 870 -15.95 33.47 -10.89
CA LEU A 870 -14.56 33.10 -11.12
C LEU A 870 -13.60 33.88 -10.22
N TYR A 871 -13.89 35.16 -9.96
CA TYR A 871 -13.04 35.96 -9.09
C TYR A 871 -12.94 35.35 -7.70
N LYS A 872 -14.06 34.95 -7.12
CA LYS A 872 -14.06 34.48 -5.73
C LYS A 872 -13.45 33.08 -5.63
N LEU A 873 -13.84 32.18 -6.54
CA LEU A 873 -13.49 30.76 -6.47
C LEU A 873 -12.27 30.34 -7.27
N HIS A 874 -11.71 31.19 -8.15
CA HIS A 874 -10.52 30.63 -8.81
C HIS A 874 -9.32 30.82 -7.89
N PRO A 875 -8.45 29.82 -7.76
CA PRO A 875 -7.38 29.92 -6.75
C PRO A 875 -6.42 31.09 -6.96
N HIS A 876 -5.91 31.29 -8.16
CA HIS A 876 -4.95 32.35 -8.37
C HIS A 876 -5.51 33.63 -8.99
N PHE A 877 -6.78 33.67 -9.40
CA PHE A 877 -7.17 34.73 -10.33
C PHE A 877 -7.22 36.09 -9.64
N ALA A 878 -7.88 36.18 -8.48
CA ALA A 878 -7.91 37.44 -7.74
C ALA A 878 -6.50 37.96 -7.48
N LYS A 879 -5.59 37.10 -7.00
CA LYS A 879 -4.20 37.53 -6.85
C LYS A 879 -3.73 38.11 -8.17
N VAL A 880 -3.57 37.28 -9.20
CA VAL A 880 -2.87 37.67 -10.43
C VAL A 880 -3.36 39.02 -10.96
N MET A 881 -4.66 39.30 -10.87
CA MET A 881 -5.16 40.60 -11.32
C MET A 881 -4.70 41.72 -10.40
N HIS A 882 -4.70 41.48 -9.08
CA HIS A 882 -4.22 42.48 -8.15
C HIS A 882 -2.84 42.96 -8.58
N GLU A 883 -1.88 42.03 -8.74
CA GLU A 883 -0.56 42.48 -9.14
C GLU A 883 -0.57 43.07 -10.55
N THR A 884 -1.52 42.70 -11.40
CA THR A 884 -1.49 43.26 -12.76
C THR A 884 -1.81 44.76 -12.75
N VAL A 885 -2.79 45.20 -11.96
CA VAL A 885 -3.06 46.65 -11.90
C VAL A 885 -2.09 47.40 -10.99
N LYS A 886 -1.42 46.74 -10.05
CA LYS A 886 -0.36 47.43 -9.33
C LYS A 886 0.78 47.75 -10.26
N ASP A 887 1.10 46.84 -11.17
CA ASP A 887 2.22 47.02 -12.06
C ASP A 887 1.89 47.93 -13.25
N LEU A 888 0.65 47.89 -13.77
CA LEU A 888 0.29 48.70 -14.92
C LEU A 888 -0.27 50.10 -14.59
N ALA A 889 -0.58 50.38 -13.32
CA ALA A 889 -1.10 51.68 -12.90
C ALA A 889 -0.34 52.05 -11.63
N PRO A 890 0.91 52.47 -11.76
CA PRO A 890 1.79 52.56 -10.58
C PRO A 890 1.32 53.59 -9.57
N LYS A 891 0.65 54.65 -10.05
CA LYS A 891 0.29 55.79 -9.21
C LYS A 891 -0.94 55.51 -8.34
N CYS A 892 -1.92 54.80 -8.90
CA CYS A 892 -3.13 54.47 -8.16
C CYS A 892 -2.81 53.43 -7.08
N ASP A 893 -3.50 53.54 -5.96
CA ASP A 893 -3.45 52.53 -4.89
C ASP A 893 -4.83 51.89 -4.80
N VAL A 894 -4.95 50.65 -5.26
CA VAL A 894 -6.24 50.03 -5.56
C VAL A 894 -6.48 48.87 -4.61
N SER A 895 -7.51 48.99 -3.77
CA SER A 895 -8.01 47.88 -2.97
C SER A 895 -9.20 47.27 -3.69
N PHE A 896 -9.33 45.94 -3.63
CA PHE A 896 -10.54 45.26 -4.09
C PHE A 896 -11.27 44.62 -2.91
N LEU A 897 -12.53 44.99 -2.74
CA LEU A 897 -13.41 44.42 -1.73
C LEU A 897 -14.40 43.51 -2.42
N GLN A 898 -14.52 42.28 -1.92
CA GLN A 898 -15.49 41.36 -2.49
C GLN A 898 -16.89 41.78 -2.02
N SER A 899 -17.87 41.63 -2.93
CA SER A 899 -19.23 42.19 -2.79
C SER A 899 -20.23 41.16 -2.26
N GLU A 900 -20.36 39.99 -2.91
CA GLU A 900 -21.39 39.01 -2.55
C GLU A 900 -22.82 39.44 -2.83
N ASP A 901 -23.25 39.29 -4.09
CA ASP A 901 -24.64 39.44 -4.48
C ASP A 901 -25.05 40.91 -4.47
N GLY A 902 -24.13 41.76 -4.93
CA GLY A 902 -24.54 43.03 -5.52
C GLY A 902 -25.40 42.87 -6.76
N SER A 903 -25.54 41.64 -7.28
CA SER A 903 -26.48 41.39 -8.36
C SER A 903 -27.86 41.90 -7.96
N GLY A 904 -28.53 41.20 -7.04
CA GLY A 904 -29.81 41.68 -6.57
C GLY A 904 -29.81 42.59 -5.36
N LYS A 905 -28.85 42.42 -4.46
CA LYS A 905 -28.86 43.23 -3.25
C LYS A 905 -28.50 44.68 -3.56
N GLY A 906 -27.62 44.89 -4.54
CA GLY A 906 -27.27 46.24 -4.91
C GLY A 906 -28.43 47.05 -5.42
N ALA A 907 -29.49 46.38 -5.89
CA ALA A 907 -30.63 47.10 -6.45
C ALA A 907 -31.42 47.80 -5.36
N ALA A 908 -31.59 47.16 -4.21
CA ALA A 908 -32.21 47.85 -3.09
C ALA A 908 -31.35 49.00 -2.59
N LEU A 909 -30.03 48.84 -2.63
CA LEU A 909 -29.14 49.84 -2.06
C LEU A 909 -28.94 51.04 -2.97
N ILE A 910 -29.03 50.84 -4.30
CA ILE A 910 -29.16 51.99 -5.18
C ILE A 910 -30.42 52.78 -4.82
N THR A 911 -31.44 52.10 -4.32
CA THR A 911 -32.68 52.80 -3.99
C THR A 911 -32.53 53.63 -2.72
N ALA A 912 -31.98 53.02 -1.66
CA ALA A 912 -31.81 53.72 -0.39
C ALA A 912 -31.03 55.03 -0.57
N VAL A 913 -30.09 55.06 -1.51
CA VAL A 913 -29.39 56.31 -1.78
C VAL A 913 -30.27 57.25 -2.59
N ALA A 914 -31.00 56.70 -3.57
CA ALA A 914 -32.00 57.49 -4.30
C ALA A 914 -33.04 58.05 -3.35
N CYS A 915 -33.47 57.27 -2.36
CA CYS A 915 -34.44 57.75 -1.37
C CYS A 915 -33.90 58.90 -0.55
N ARG A 916 -32.57 58.95 -0.34
CA ARG A 916 -31.99 60.01 0.47
C ARG A 916 -32.23 61.40 -0.15
N ILE A 917 -32.63 61.47 -1.41
CA ILE A 917 -33.01 62.73 -2.03
C ILE A 917 -34.55 62.82 -2.17
N ASP B 23 -21.97 -67.03 -3.31
CA ASP B 23 -23.34 -67.18 -2.81
C ASP B 23 -24.09 -65.86 -2.96
N GLN B 24 -24.90 -65.52 -1.95
CA GLN B 24 -25.65 -64.27 -2.01
C GLN B 24 -24.75 -63.04 -1.95
N VAL B 25 -23.67 -63.08 -1.14
CA VAL B 25 -22.85 -61.88 -0.96
C VAL B 25 -21.96 -61.66 -2.19
N GLN B 26 -21.50 -62.74 -2.81
CA GLN B 26 -20.82 -62.57 -4.09
C GLN B 26 -21.79 -62.08 -5.15
N LYS B 27 -23.08 -62.43 -5.05
CA LYS B 27 -24.06 -61.93 -6.01
C LYS B 27 -24.29 -60.43 -5.83
N VAL B 28 -24.50 -59.96 -4.61
CA VAL B 28 -24.77 -58.53 -4.54
C VAL B 28 -23.49 -57.74 -4.69
N ASP B 29 -22.34 -58.28 -4.24
CA ASP B 29 -21.07 -57.57 -4.42
C ASP B 29 -20.85 -57.23 -5.89
N GLN B 30 -21.19 -58.15 -6.79
CA GLN B 30 -20.99 -57.88 -8.21
C GLN B 30 -22.09 -56.97 -8.76
N TYR B 31 -23.33 -57.16 -8.33
CA TYR B 31 -24.41 -56.26 -8.72
C TYR B 31 -24.08 -54.82 -8.36
N LEU B 32 -23.74 -54.58 -7.10
CA LEU B 32 -23.49 -53.27 -6.51
C LEU B 32 -22.06 -52.79 -6.68
N TYR B 33 -21.28 -53.41 -7.59
CA TYR B 33 -19.84 -53.22 -7.73
C TYR B 33 -19.41 -51.77 -7.62
N HIS B 34 -20.20 -50.85 -8.20
CA HIS B 34 -19.85 -49.44 -8.22
C HIS B 34 -20.18 -48.72 -6.91
N MET B 35 -20.69 -49.43 -5.91
CA MET B 35 -20.83 -48.84 -4.59
C MET B 35 -19.70 -49.23 -3.66
N ARG B 36 -18.83 -50.13 -4.10
CA ARG B 36 -17.69 -50.59 -3.30
C ARG B 36 -16.46 -49.87 -3.83
N LEU B 37 -15.98 -48.87 -3.08
CA LEU B 37 -15.03 -47.88 -3.59
C LEU B 37 -13.62 -48.17 -3.12
N SER B 38 -12.71 -48.25 -4.07
CA SER B 38 -11.32 -48.58 -3.73
C SER B 38 -10.66 -47.42 -3.00
N ASP B 39 -9.61 -47.75 -2.24
CA ASP B 39 -8.79 -46.69 -1.67
C ASP B 39 -8.30 -45.75 -2.76
N GLU B 40 -7.99 -46.29 -3.95
CA GLU B 40 -7.58 -45.41 -5.04
C GLU B 40 -8.70 -44.44 -5.42
N THR B 41 -9.96 -44.92 -5.50
CA THR B 41 -11.08 -44.02 -5.80
C THR B 41 -11.26 -42.97 -4.71
N LEU B 42 -11.21 -43.37 -3.44
CA LEU B 42 -11.36 -42.41 -2.36
C LEU B 42 -10.31 -41.32 -2.41
N LEU B 43 -9.05 -41.68 -2.68
CA LEU B 43 -8.01 -40.66 -2.82
C LEU B 43 -8.32 -39.69 -3.95
N GLU B 44 -8.93 -40.16 -5.04
CA GLU B 44 -9.36 -39.24 -6.09
C GLU B 44 -10.36 -38.22 -5.57
N ILE B 45 -11.39 -38.69 -4.85
CA ILE B 45 -12.37 -37.78 -4.26
C ILE B 45 -11.69 -36.78 -3.34
N SER B 46 -10.70 -37.23 -2.55
CA SER B 46 -9.94 -36.30 -1.70
C SER B 46 -9.34 -35.14 -2.48
N LYS B 47 -8.66 -35.44 -3.59
CA LYS B 47 -8.10 -34.35 -4.39
C LYS B 47 -9.20 -33.41 -4.88
N ARG B 48 -10.36 -33.96 -5.27
CA ARG B 48 -11.46 -33.11 -5.71
C ARG B 48 -11.98 -32.24 -4.56
N PHE B 49 -12.25 -32.85 -3.41
CA PHE B 49 -12.73 -32.03 -2.33
C PHE B 49 -11.71 -30.99 -1.92
N ARG B 50 -10.42 -31.22 -2.16
CA ARG B 50 -9.51 -30.13 -1.84
C ARG B 50 -9.65 -29.00 -2.86
N LYS B 51 -9.88 -29.34 -4.12
CA LYS B 51 -10.11 -28.28 -5.07
C LYS B 51 -11.43 -27.55 -4.82
N GLU B 52 -12.46 -28.21 -4.26
CA GLU B 52 -13.70 -27.49 -3.96
C GLU B 52 -13.52 -26.58 -2.75
N MET B 53 -12.78 -27.04 -1.74
CA MET B 53 -12.44 -26.15 -0.63
C MET B 53 -11.70 -24.92 -1.15
N GLU B 54 -10.80 -25.08 -2.10
CA GLU B 54 -10.11 -23.91 -2.63
C GLU B 54 -11.07 -23.01 -3.38
N LYS B 55 -11.95 -23.58 -4.22
CA LYS B 55 -12.96 -22.77 -4.89
C LYS B 55 -13.90 -22.08 -3.90
N GLY B 56 -14.14 -22.69 -2.74
CA GLY B 56 -15.05 -22.07 -1.78
C GLY B 56 -14.44 -20.85 -1.09
N LEU B 57 -13.14 -20.87 -0.85
CA LEU B 57 -12.49 -19.78 -0.13
C LEU B 57 -12.10 -18.61 -1.00
N GLY B 58 -11.94 -18.82 -2.31
CA GLY B 58 -11.45 -17.76 -3.18
C GLY B 58 -12.53 -16.75 -3.54
N ALA B 59 -12.19 -15.47 -3.44
CA ALA B 59 -13.12 -14.41 -3.84
C ALA B 59 -13.59 -14.61 -5.28
N THR B 60 -12.65 -14.84 -6.19
CA THR B 60 -13.01 -15.03 -7.59
C THR B 60 -13.94 -16.23 -7.78
N THR B 61 -13.68 -17.33 -7.08
CA THR B 61 -14.35 -18.60 -7.30
C THR B 61 -15.57 -18.84 -6.41
N HIS B 62 -15.77 -18.03 -5.37
CA HIS B 62 -16.82 -18.33 -4.39
C HIS B 62 -18.23 -18.32 -4.96
N PRO B 63 -18.63 -17.38 -5.83
CA PRO B 63 -20.04 -17.33 -6.24
C PRO B 63 -20.52 -18.58 -6.97
N THR B 64 -19.69 -19.20 -7.80
CA THR B 64 -20.08 -20.44 -8.43
C THR B 64 -19.59 -21.67 -7.69
N ALA B 65 -19.01 -21.49 -6.50
CA ALA B 65 -18.46 -22.63 -5.76
C ALA B 65 -19.58 -23.45 -5.17
N ALA B 66 -19.63 -24.74 -5.53
CA ALA B 66 -20.62 -25.67 -5.00
C ALA B 66 -20.49 -25.82 -3.49
N VAL B 67 -19.27 -25.84 -2.98
CA VAL B 67 -18.99 -26.00 -1.56
C VAL B 67 -18.66 -24.63 -0.98
N LYS B 68 -19.56 -24.09 -0.16
CA LYS B 68 -19.56 -22.65 0.07
C LYS B 68 -18.42 -22.19 0.99
N MET B 69 -17.98 -23.02 1.94
CA MET B 69 -16.93 -22.67 2.88
C MET B 69 -17.27 -21.38 3.65
N LEU B 70 -18.34 -21.45 4.42
CA LEU B 70 -18.87 -20.23 5.01
C LEU B 70 -18.03 -19.81 6.20
N PRO B 71 -17.65 -18.53 6.31
CA PRO B 71 -17.04 -18.04 7.55
C PRO B 71 -18.03 -18.13 8.69
N THR B 72 -17.59 -18.73 9.79
CA THR B 72 -18.40 -18.73 11.00
C THR B 72 -18.11 -17.59 11.95
N PHE B 73 -16.95 -16.92 11.82
CA PHE B 73 -16.48 -15.86 12.70
C PHE B 73 -16.07 -16.35 14.08
N VAL B 74 -16.14 -17.64 14.35
CA VAL B 74 -15.50 -18.18 15.55
C VAL B 74 -13.99 -18.04 15.38
N ARG B 75 -13.34 -17.34 16.30
CA ARG B 75 -11.92 -17.06 16.09
C ARG B 75 -10.98 -18.01 16.84
N SER B 76 -11.47 -18.78 17.82
CA SER B 76 -10.60 -19.71 18.52
C SER B 76 -11.42 -20.81 19.17
N THR B 77 -10.80 -21.99 19.30
CA THR B 77 -11.32 -23.11 20.06
C THR B 77 -10.95 -22.94 21.54
N PRO B 78 -11.54 -23.71 22.44
CA PRO B 78 -11.28 -23.49 23.87
C PRO B 78 -9.87 -23.93 24.23
N ASP B 79 -9.20 -23.13 25.08
CA ASP B 79 -7.90 -23.54 25.58
C ASP B 79 -7.98 -24.24 26.92
N GLY B 80 -9.13 -24.20 27.59
CA GLY B 80 -9.34 -24.90 28.84
C GLY B 80 -9.45 -24.02 30.04
N THR B 81 -9.11 -22.73 29.93
CA THR B 81 -9.21 -21.83 31.06
C THR B 81 -10.52 -21.04 31.08
N GLU B 82 -11.42 -21.29 30.13
CA GLU B 82 -12.71 -20.62 30.11
C GLU B 82 -13.43 -20.85 31.43
N HIS B 83 -14.11 -19.82 31.92
CA HIS B 83 -14.86 -19.94 33.16
C HIS B 83 -16.04 -18.99 33.15
N GLY B 84 -17.14 -19.42 33.72
CA GLY B 84 -18.27 -18.54 33.83
C GLY B 84 -19.57 -19.32 33.73
N GLU B 85 -20.59 -18.56 33.37
CA GLU B 85 -21.96 -19.01 33.40
C GLU B 85 -22.63 -18.48 32.14
N PHE B 86 -23.11 -19.37 31.29
CA PHE B 86 -23.58 -18.98 29.96
C PHE B 86 -24.85 -19.74 29.63
N LEU B 87 -25.75 -19.08 28.89
CA LEU B 87 -26.98 -19.70 28.42
C LEU B 87 -26.83 -20.09 26.96
N ALA B 88 -27.82 -20.84 26.46
CA ALA B 88 -27.86 -21.17 25.04
C ALA B 88 -29.28 -21.55 24.65
N LEU B 89 -29.60 -21.32 23.37
CA LEU B 89 -30.84 -21.75 22.75
C LEU B 89 -30.50 -22.73 21.65
N ASP B 90 -31.23 -23.84 21.59
CA ASP B 90 -31.08 -24.83 20.53
C ASP B 90 -32.43 -24.93 19.84
N LEU B 91 -32.48 -24.53 18.56
CA LEU B 91 -33.74 -24.28 17.89
C LEU B 91 -33.82 -25.06 16.59
N GLY B 92 -34.84 -25.90 16.47
CA GLY B 92 -35.26 -26.57 15.26
C GLY B 92 -36.45 -27.45 15.62
N GLY B 93 -37.31 -27.82 14.67
CA GLY B 93 -38.50 -28.62 15.03
C GLY B 93 -39.46 -27.86 15.95
N THR B 94 -40.47 -28.58 16.42
CA THR B 94 -41.41 -27.96 17.35
C THR B 94 -40.89 -27.97 18.80
N ASN B 95 -39.91 -28.80 19.12
CA ASN B 95 -39.24 -28.73 20.42
C ASN B 95 -37.96 -27.91 20.25
N PHE B 96 -37.80 -26.88 21.07
CA PHE B 96 -36.47 -26.33 21.18
C PHE B 96 -35.96 -26.56 22.59
N ARG B 97 -34.70 -26.24 22.80
CA ARG B 97 -34.05 -26.56 24.06
C ARG B 97 -33.46 -25.28 24.63
N VAL B 98 -33.59 -25.11 25.95
CA VAL B 98 -32.98 -23.98 26.64
C VAL B 98 -32.02 -24.52 27.67
N LEU B 99 -30.92 -23.83 27.86
CA LEU B 99 -29.71 -24.50 28.28
C LEU B 99 -28.84 -23.55 29.09
N TRP B 100 -28.20 -24.09 30.12
CA TRP B 100 -27.39 -23.35 31.06
C TRP B 100 -26.15 -24.13 31.39
N VAL B 101 -25.02 -23.44 31.44
CA VAL B 101 -23.70 -24.06 31.46
C VAL B 101 -22.82 -23.29 32.43
N LYS B 102 -22.10 -23.99 33.32
CA LYS B 102 -21.13 -23.36 34.20
C LYS B 102 -19.77 -23.98 33.96
N VAL B 103 -18.81 -23.19 33.54
CA VAL B 103 -17.47 -23.67 33.25
C VAL B 103 -16.56 -23.19 34.36
N THR B 104 -15.83 -24.12 34.96
CA THR B 104 -14.97 -23.82 36.11
C THR B 104 -13.52 -24.07 35.74
N ASP B 105 -12.67 -23.09 36.04
CA ASP B 105 -11.26 -23.08 35.64
C ASP B 105 -10.41 -24.00 36.50
N ASN B 106 -11.04 -24.74 37.42
CA ASN B 106 -10.31 -25.65 38.29
C ASN B 106 -9.36 -26.54 37.50
N GLY B 107 -9.78 -27.02 36.34
CA GLY B 107 -8.93 -27.88 35.54
C GLY B 107 -9.35 -29.34 35.47
N LEU B 108 -10.36 -29.77 36.26
CA LEU B 108 -11.00 -31.04 35.94
C LEU B 108 -11.77 -30.96 34.61
N GLN B 109 -12.07 -29.74 34.15
CA GLN B 109 -12.57 -29.53 32.79
C GLN B 109 -13.91 -30.24 32.58
N LYS B 110 -14.76 -30.21 33.60
CA LYS B 110 -16.12 -30.70 33.47
C LYS B 110 -17.09 -29.55 33.72
N VAL B 111 -18.27 -29.70 33.14
CA VAL B 111 -19.18 -28.59 32.87
C VAL B 111 -20.48 -28.88 33.59
N GLU B 112 -20.88 -27.98 34.48
CA GLU B 112 -22.21 -28.08 35.07
C GLU B 112 -23.25 -27.63 34.05
N MET B 113 -24.26 -28.47 33.80
CA MET B 113 -25.23 -28.14 32.78
C MET B 113 -26.66 -28.38 33.26
N GLU B 114 -27.58 -27.56 32.75
CA GLU B 114 -29.01 -27.69 33.00
C GLU B 114 -29.73 -27.44 31.68
N ASN B 115 -30.85 -28.13 31.47
CA ASN B 115 -31.59 -27.90 30.22
C ASN B 115 -33.05 -28.28 30.38
N GLN B 116 -33.89 -27.65 29.56
CA GLN B 116 -35.33 -27.91 29.54
C GLN B 116 -35.79 -27.89 28.08
N ILE B 117 -36.48 -28.94 27.66
CA ILE B 117 -37.15 -28.91 26.35
C ILE B 117 -38.44 -28.12 26.49
N TYR B 118 -38.78 -27.33 25.49
CA TYR B 118 -40.03 -26.60 25.48
C TYR B 118 -40.75 -26.83 24.17
N ALA B 119 -42.06 -26.99 24.23
CA ALA B 119 -42.84 -27.18 23.03
C ALA B 119 -43.21 -25.83 22.41
N ILE B 120 -43.19 -25.79 21.09
CA ILE B 120 -43.67 -24.63 20.35
C ILE B 120 -44.99 -25.04 19.72
N PRO B 121 -46.11 -24.59 20.27
CA PRO B 121 -47.41 -25.02 19.76
C PRO B 121 -47.62 -24.62 18.30
N GLU B 122 -48.56 -25.33 17.65
CA GLU B 122 -48.72 -25.24 16.19
C GLU B 122 -49.14 -23.84 15.74
N ASP B 123 -49.98 -23.18 16.52
CA ASP B 123 -50.37 -21.81 16.20
C ASP B 123 -49.15 -20.91 16.10
N ILE B 124 -48.23 -21.03 17.07
CA ILE B 124 -47.11 -20.11 17.13
C ILE B 124 -46.09 -20.37 16.02
N MET B 125 -45.99 -21.61 15.55
CA MET B 125 -45.11 -21.87 14.41
C MET B 125 -45.67 -21.30 13.12
N ARG B 126 -47.01 -21.27 12.97
CA ARG B 126 -47.62 -20.63 11.81
C ARG B 126 -47.73 -19.10 11.97
N GLY B 127 -47.74 -18.57 13.20
CA GLY B 127 -48.06 -17.17 13.47
C GLY B 127 -46.98 -16.17 13.08
N SER B 128 -47.04 -14.97 13.66
CA SER B 128 -46.10 -13.89 13.33
C SER B 128 -44.75 -14.09 14.01
N GLY B 129 -43.69 -13.64 13.33
CA GLY B 129 -42.36 -13.82 13.87
C GLY B 129 -42.15 -13.16 15.21
N THR B 130 -42.77 -12.01 15.44
CA THR B 130 -42.63 -11.35 16.73
C THR B 130 -43.22 -12.22 17.84
N GLN B 131 -44.34 -12.90 17.55
CA GLN B 131 -44.91 -13.80 18.55
C GLN B 131 -44.03 -15.04 18.75
N LEU B 132 -43.52 -15.60 17.65
CA LEU B 132 -42.61 -16.73 17.79
C LEU B 132 -41.49 -16.42 18.76
N PHE B 133 -40.90 -15.23 18.64
CA PHE B 133 -39.81 -14.87 19.54
C PHE B 133 -40.30 -14.38 20.89
N ASP B 134 -41.48 -13.76 20.95
CA ASP B 134 -42.06 -13.46 22.25
C ASP B 134 -42.18 -14.75 23.07
N HIS B 135 -42.56 -15.85 22.40
CA HIS B 135 -42.67 -17.15 23.06
C HIS B 135 -41.32 -17.63 23.57
N ILE B 136 -40.29 -17.54 22.73
CA ILE B 136 -38.94 -17.95 23.10
C ILE B 136 -38.44 -17.15 24.29
N ALA B 137 -38.57 -15.83 24.24
CA ALA B 137 -38.20 -15.02 25.38
C ALA B 137 -38.88 -15.50 26.65
N GLU B 138 -40.16 -15.84 26.54
CA GLU B 138 -40.93 -16.30 27.69
C GLU B 138 -40.36 -17.60 28.24
N CYS B 139 -40.20 -18.60 27.37
CA CYS B 139 -39.54 -19.85 27.77
C CYS B 139 -38.17 -19.58 28.37
N LEU B 140 -37.40 -18.71 27.73
CA LEU B 140 -36.10 -18.37 28.30
C LEU B 140 -36.27 -17.76 29.68
N ALA B 141 -37.22 -16.82 29.84
CA ALA B 141 -37.44 -16.23 31.14
C ALA B 141 -37.94 -17.26 32.14
N ASN B 142 -38.85 -18.14 31.69
CA ASN B 142 -39.34 -19.19 32.59
C ASN B 142 -38.19 -20.06 33.08
N PHE B 143 -37.24 -20.36 32.20
CA PHE B 143 -36.07 -21.14 32.57
C PHE B 143 -35.20 -20.42 33.62
N MET B 144 -34.95 -19.12 33.45
CA MET B 144 -34.06 -18.46 34.41
C MET B 144 -34.72 -18.30 35.75
N ASP B 145 -36.04 -18.25 35.80
CA ASP B 145 -36.71 -18.33 37.08
C ASP B 145 -36.41 -19.67 37.75
N LYS B 146 -36.55 -20.78 37.01
CA LYS B 146 -36.30 -22.10 37.58
C LYS B 146 -34.90 -22.21 38.19
N LEU B 147 -33.90 -21.65 37.53
CA LEU B 147 -32.55 -21.73 38.08
C LEU B 147 -32.25 -20.64 39.10
N GLN B 148 -33.18 -19.69 39.30
CA GLN B 148 -32.92 -18.52 40.14
C GLN B 148 -31.74 -17.71 39.61
N ILE B 149 -31.66 -17.56 38.28
CA ILE B 149 -30.64 -16.74 37.63
C ILE B 149 -31.21 -15.46 37.04
N LYS B 150 -32.49 -15.15 37.29
CA LYS B 150 -33.16 -14.05 36.60
C LYS B 150 -32.40 -12.73 36.68
N ASP B 151 -31.73 -12.47 37.80
CA ASP B 151 -31.00 -11.22 37.98
C ASP B 151 -29.62 -11.19 37.33
N LYS B 152 -29.14 -12.32 36.81
CA LYS B 152 -27.85 -12.36 36.12
C LYS B 152 -28.00 -11.95 34.66
N LYS B 153 -27.06 -11.15 34.16
CA LYS B 153 -26.97 -10.88 32.74
C LYS B 153 -25.83 -11.72 32.15
N LEU B 154 -26.18 -12.75 31.36
CA LEU B 154 -25.26 -13.76 30.84
C LEU B 154 -25.26 -13.78 29.31
N PRO B 155 -24.14 -14.14 28.68
CA PRO B 155 -24.12 -14.32 27.23
C PRO B 155 -25.07 -15.43 26.82
N LEU B 156 -25.41 -15.44 25.53
CA LEU B 156 -26.41 -16.35 25.00
C LEU B 156 -25.91 -17.00 23.71
N GLY B 157 -25.80 -18.33 23.71
CA GLY B 157 -25.43 -19.05 22.52
C GLY B 157 -26.64 -19.41 21.70
N PHE B 158 -26.47 -19.45 20.38
CA PHE B 158 -27.52 -19.81 19.43
C PHE B 158 -26.98 -20.90 18.53
N THR B 159 -27.46 -22.12 18.69
CA THR B 159 -27.28 -23.08 17.62
C THR B 159 -28.54 -23.13 16.78
N PHE B 160 -28.35 -23.10 15.48
CA PHE B 160 -29.41 -23.26 14.51
C PHE B 160 -29.22 -24.52 13.67
N SER B 161 -30.35 -25.03 13.22
CA SER B 161 -30.37 -25.66 11.91
C SER B 161 -31.59 -25.07 11.21
N PHE B 162 -31.36 -23.98 10.47
CA PHE B 162 -32.14 -23.36 9.41
C PHE B 162 -31.07 -22.67 8.57
N PRO B 163 -31.19 -22.62 7.25
CA PRO B 163 -30.13 -22.00 6.46
C PRO B 163 -30.16 -20.48 6.60
N CYS B 164 -28.98 -19.86 6.64
CA CYS B 164 -28.97 -18.42 6.82
C CYS B 164 -27.67 -17.83 6.29
N HIS B 165 -27.66 -16.51 6.15
CA HIS B 165 -26.52 -15.73 5.69
C HIS B 165 -25.95 -14.94 6.86
N GLN B 166 -24.71 -15.24 7.24
CA GLN B 166 -24.13 -14.75 8.50
C GLN B 166 -22.98 -13.76 8.25
N THR B 167 -23.25 -12.48 8.50
CA THR B 167 -22.27 -11.41 8.32
C THR B 167 -21.38 -11.17 9.53
N LYS B 168 -21.90 -11.34 10.74
CA LYS B 168 -21.19 -11.14 12.00
C LYS B 168 -21.35 -12.40 12.86
N LEU B 169 -20.54 -12.50 13.91
CA LEU B 169 -20.76 -13.61 14.84
C LEU B 169 -22.15 -13.52 15.50
N ASP B 170 -22.61 -12.31 15.80
CA ASP B 170 -23.93 -12.07 16.41
C ASP B 170 -25.01 -11.63 15.43
N GLU B 171 -24.85 -11.85 14.12
CA GLU B 171 -25.88 -11.45 13.15
C GLU B 171 -26.14 -12.55 12.12
N SER B 172 -27.38 -13.03 12.03
CA SER B 172 -27.75 -14.08 11.08
C SER B 172 -29.11 -13.85 10.45
N PHE B 173 -29.15 -13.84 9.12
CA PHE B 173 -30.37 -13.58 8.37
C PHE B 173 -30.96 -14.89 7.87
N LEU B 174 -32.16 -15.21 8.36
CA LEU B 174 -32.80 -16.46 7.93
C LEU B 174 -33.09 -16.43 6.44
N VAL B 175 -32.55 -17.40 5.69
CA VAL B 175 -32.78 -17.46 4.26
C VAL B 175 -34.09 -18.17 3.94
N SER B 176 -34.34 -19.31 4.58
CA SER B 176 -35.58 -20.06 4.34
C SER B 176 -35.90 -20.92 5.55
N TRP B 177 -37.21 -21.12 5.76
CA TRP B 177 -37.69 -21.97 6.83
C TRP B 177 -37.61 -23.44 6.48
N THR B 178 -37.65 -24.28 7.52
CA THR B 178 -37.50 -25.72 7.42
C THR B 178 -38.40 -26.39 8.45
N LYS B 179 -38.84 -27.61 8.15
CA LYS B 179 -39.48 -28.51 9.13
C LYS B 179 -40.75 -27.91 9.73
N GLY B 180 -41.52 -27.21 8.89
CA GLY B 180 -42.85 -26.78 9.27
C GLY B 180 -42.98 -25.42 9.93
N PHE B 181 -41.94 -24.57 9.88
CA PHE B 181 -42.08 -23.18 10.29
C PHE B 181 -42.59 -22.37 9.11
N LYS B 182 -43.75 -21.73 9.25
CA LYS B 182 -44.25 -20.79 8.25
C LYS B 182 -44.08 -19.31 8.64
N SER B 183 -43.54 -19.03 9.83
CA SER B 183 -43.75 -17.73 10.50
C SER B 183 -43.36 -16.54 9.63
N SER B 184 -44.21 -15.51 9.67
CA SER B 184 -44.02 -14.30 8.89
C SER B 184 -42.92 -13.42 9.49
N GLY B 185 -42.42 -12.50 8.66
CA GLY B 185 -41.58 -11.41 9.14
C GLY B 185 -40.22 -11.79 9.67
N VAL B 186 -39.65 -12.89 9.17
CA VAL B 186 -38.41 -13.47 9.70
C VAL B 186 -37.41 -13.72 8.58
N GLU B 187 -37.82 -14.44 7.54
CA GLU B 187 -36.96 -14.64 6.36
C GLU B 187 -36.52 -13.30 5.79
N GLY B 188 -35.21 -13.11 5.70
CA GLY B 188 -34.62 -11.82 5.37
C GLY B 188 -34.28 -10.97 6.58
N ARG B 189 -34.58 -11.44 7.79
CA ARG B 189 -34.40 -10.67 9.02
C ARG B 189 -33.32 -11.32 9.88
N ASP B 190 -32.81 -10.52 10.81
CA ASP B 190 -31.72 -10.92 11.69
C ASP B 190 -32.32 -11.53 12.95
N VAL B 191 -32.21 -12.86 13.08
CA VAL B 191 -32.78 -13.52 14.26
C VAL B 191 -32.20 -12.96 15.54
N VAL B 192 -30.93 -12.54 15.54
CA VAL B 192 -30.39 -12.00 16.78
C VAL B 192 -31.12 -10.72 17.14
N ALA B 193 -31.36 -9.85 16.19
CA ALA B 193 -32.13 -8.66 16.52
C ALA B 193 -33.51 -9.06 17.04
N LEU B 194 -34.13 -10.07 16.43
CA LEU B 194 -35.48 -10.49 16.81
C LEU B 194 -35.54 -11.02 18.23
N ILE B 195 -34.52 -11.75 18.66
CA ILE B 195 -34.55 -12.24 20.04
C ILE B 195 -34.17 -11.13 21.00
N ARG B 196 -33.30 -10.22 20.57
CA ARG B 196 -32.97 -9.08 21.41
C ARG B 196 -34.21 -8.21 21.64
N LYS B 197 -35.00 -7.98 20.59
CA LYS B 197 -36.20 -7.16 20.75
C LYS B 197 -37.33 -7.90 21.49
N ALA B 198 -37.49 -9.22 21.29
CA ALA B 198 -38.40 -9.96 22.15
C ALA B 198 -37.99 -9.83 23.61
N ILE B 199 -36.70 -9.78 23.88
CA ILE B 199 -36.29 -9.73 25.28
C ILE B 199 -36.48 -8.33 25.86
N GLN B 200 -36.31 -7.29 25.07
CA GLN B 200 -36.49 -5.97 25.66
C GLN B 200 -37.97 -5.63 25.80
N ARG B 201 -38.85 -6.19 24.96
CA ARG B 201 -40.29 -6.00 25.14
C ARG B 201 -40.75 -6.49 26.51
N ARG B 202 -40.20 -7.61 26.99
CA ARG B 202 -40.53 -8.05 28.34
C ARG B 202 -40.01 -7.06 29.40
N GLY B 203 -38.75 -6.63 29.28
CA GLY B 203 -38.13 -5.75 30.26
C GLY B 203 -37.87 -6.47 31.57
N ASP B 204 -38.00 -7.80 31.49
CA ASP B 204 -37.93 -8.69 32.63
C ASP B 204 -36.48 -9.01 33.02
N PHE B 205 -35.66 -9.38 32.04
CA PHE B 205 -34.26 -9.75 32.21
C PHE B 205 -33.48 -9.16 31.06
N ASP B 206 -32.17 -9.41 31.04
CA ASP B 206 -31.34 -8.91 29.96
C ASP B 206 -30.25 -9.93 29.67
N ILE B 207 -29.74 -9.91 28.45
CA ILE B 207 -28.64 -10.79 28.09
C ILE B 207 -27.47 -9.95 27.61
N ASP B 208 -26.31 -10.59 27.66
CA ASP B 208 -25.04 -10.06 27.21
C ASP B 208 -24.82 -10.46 25.77
N ILE B 209 -23.56 -10.55 25.34
CA ILE B 209 -23.19 -10.89 23.98
C ILE B 209 -23.92 -12.16 23.54
N VAL B 210 -24.20 -12.26 22.24
CA VAL B 210 -24.89 -13.39 21.64
C VAL B 210 -24.00 -13.95 20.55
N ALA B 211 -23.97 -15.28 20.43
CA ALA B 211 -23.31 -15.90 19.30
C ALA B 211 -24.26 -16.87 18.61
N VAL B 212 -24.26 -16.86 17.28
CA VAL B 212 -25.00 -17.82 16.45
C VAL B 212 -24.00 -18.74 15.76
N VAL B 213 -24.09 -20.04 16.05
CA VAL B 213 -23.16 -21.04 15.55
C VAL B 213 -23.95 -22.12 14.80
N ASN B 214 -23.41 -22.55 13.67
CA ASN B 214 -23.93 -23.75 13.02
C ASN B 214 -23.67 -24.92 13.94
N ASP B 215 -24.39 -26.04 13.73
CA ASP B 215 -24.34 -27.14 14.70
C ASP B 215 -23.01 -27.90 14.68
N THR B 216 -22.35 -28.01 13.52
CA THR B 216 -21.01 -28.60 13.51
C THR B 216 -20.00 -27.72 14.24
N VAL B 217 -20.09 -26.40 14.07
CA VAL B 217 -19.29 -25.51 14.88
C VAL B 217 -19.54 -25.78 16.35
N GLY B 218 -20.80 -26.00 16.72
CA GLY B 218 -21.09 -26.33 18.09
C GLY B 218 -20.40 -27.61 18.53
N THR B 219 -20.45 -28.64 17.68
CA THR B 219 -19.89 -29.92 18.06
C THR B 219 -18.38 -29.81 18.26
N MET B 220 -17.69 -29.09 17.38
CA MET B 220 -16.26 -28.92 17.53
C MET B 220 -15.91 -28.14 18.80
N MET B 221 -16.64 -27.05 19.08
CA MET B 221 -16.30 -26.23 20.23
C MET B 221 -16.53 -26.97 21.54
N THR B 222 -17.60 -27.75 21.63
CA THR B 222 -17.77 -28.50 22.88
C THR B 222 -16.69 -29.58 22.99
N CYS B 223 -16.40 -30.28 21.89
CA CYS B 223 -15.33 -31.26 21.96
C CYS B 223 -14.00 -30.57 22.26
N GLY B 224 -13.74 -29.45 21.59
CA GLY B 224 -12.51 -28.71 21.84
C GLY B 224 -12.29 -28.36 23.30
N TYR B 225 -13.36 -28.23 24.09
CA TYR B 225 -13.17 -27.99 25.51
C TYR B 225 -12.52 -29.20 26.17
N ASP B 226 -12.94 -30.40 25.77
CA ASP B 226 -12.38 -31.59 26.41
C ASP B 226 -11.03 -31.97 25.83
N ASP B 227 -10.85 -31.77 24.53
CA ASP B 227 -9.59 -32.08 23.87
C ASP B 227 -9.16 -30.84 23.10
N HIS B 228 -8.06 -30.24 23.53
CA HIS B 228 -7.59 -28.97 22.99
C HIS B 228 -6.86 -29.14 21.67
N ASN B 229 -6.83 -30.35 21.14
CA ASN B 229 -6.37 -30.59 19.78
C ASN B 229 -7.50 -30.72 18.76
N CYS B 230 -8.77 -30.50 19.15
CA CYS B 230 -9.89 -30.70 18.25
C CYS B 230 -10.01 -29.50 17.33
N GLU B 231 -9.71 -29.70 16.06
CA GLU B 231 -9.85 -28.67 15.05
C GLU B 231 -10.91 -28.96 13.98
N ILE B 232 -11.69 -30.02 14.12
CA ILE B 232 -12.70 -30.37 13.12
C ILE B 232 -13.99 -30.78 13.82
N GLY B 233 -15.12 -30.23 13.38
CA GLY B 233 -16.43 -30.81 13.68
C GLY B 233 -17.00 -31.63 12.56
N LEU B 234 -17.67 -32.72 12.93
CA LEU B 234 -18.26 -33.66 11.98
C LEU B 234 -19.64 -34.07 12.46
N ILE B 235 -20.64 -33.94 11.61
CA ILE B 235 -21.95 -34.52 11.88
C ILE B 235 -22.30 -35.46 10.75
N VAL B 236 -22.49 -36.75 11.06
CA VAL B 236 -23.21 -37.62 10.16
C VAL B 236 -24.51 -38.01 10.84
N GLY B 237 -25.53 -37.24 10.57
CA GLY B 237 -26.82 -37.35 11.24
C GLY B 237 -27.89 -37.65 10.22
N THR B 238 -29.11 -37.20 10.51
CA THR B 238 -30.12 -37.12 9.47
C THR B 238 -29.60 -36.37 8.24
N GLY B 239 -28.85 -35.27 8.45
CA GLY B 239 -28.02 -34.67 7.44
C GLY B 239 -26.53 -34.88 7.72
N SER B 240 -25.68 -34.36 6.82
CA SER B 240 -24.23 -34.44 7.06
C SER B 240 -23.46 -33.19 6.60
N ASN B 241 -22.60 -32.69 7.50
CA ASN B 241 -21.79 -31.49 7.28
C ASN B 241 -20.62 -31.52 8.26
N ALA B 242 -19.59 -30.75 7.94
CA ALA B 242 -18.40 -30.64 8.78
C ALA B 242 -17.84 -29.23 8.74
N CYS B 243 -17.06 -28.90 9.76
CA CYS B 243 -16.38 -27.61 9.85
C CYS B 243 -14.96 -27.84 10.37
N TYR B 244 -14.08 -26.88 10.11
CA TYR B 244 -12.73 -26.97 10.63
C TYR B 244 -12.13 -25.57 10.81
N MET B 245 -11.14 -25.47 11.69
CA MET B 245 -10.36 -24.26 11.81
C MET B 245 -9.52 -24.04 10.55
N GLU B 246 -9.60 -22.84 9.98
CA GLU B 246 -8.81 -22.45 8.83
C GLU B 246 -8.05 -21.17 9.16
N GLU B 247 -7.00 -20.87 8.40
CA GLU B 247 -6.19 -19.68 8.62
C GLU B 247 -6.67 -18.54 7.72
N MET B 248 -6.72 -17.34 8.31
CA MET B 248 -7.34 -16.18 7.68
C MET B 248 -6.69 -15.79 6.35
N ARG B 249 -5.42 -16.13 6.12
CA ARG B 249 -4.81 -15.79 4.84
C ARG B 249 -5.52 -16.51 3.70
N HIS B 250 -6.12 -17.66 3.98
CA HIS B 250 -6.83 -18.40 2.95
C HIS B 250 -8.30 -18.04 2.84
N ILE B 251 -8.81 -17.19 3.72
CA ILE B 251 -10.21 -16.77 3.67
C ILE B 251 -10.23 -15.37 3.06
N ASP B 252 -10.56 -15.28 1.76
CA ASP B 252 -10.54 -13.99 1.06
C ASP B 252 -11.78 -13.17 1.40
N MET B 253 -12.87 -13.83 1.72
CA MET B 253 -14.15 -13.16 1.91
C MET B 253 -14.29 -12.53 3.29
N VAL B 254 -13.24 -12.59 4.10
CA VAL B 254 -13.16 -11.86 5.35
C VAL B 254 -11.86 -11.09 5.33
N GLU B 255 -11.93 -9.77 5.49
CA GLU B 255 -10.70 -8.98 5.48
C GLU B 255 -9.86 -9.33 6.68
N GLY B 256 -8.55 -9.24 6.48
CA GLY B 256 -7.53 -9.62 7.43
C GLY B 256 -6.90 -10.96 7.08
N ASP B 257 -5.57 -11.03 7.22
CA ASP B 257 -4.83 -12.25 7.03
C ASP B 257 -4.27 -12.88 8.31
N GLU B 258 -4.42 -12.22 9.46
CA GLU B 258 -3.87 -12.73 10.70
C GLU B 258 -4.85 -13.65 11.40
N GLY B 259 -4.33 -14.70 12.01
CA GLY B 259 -5.14 -15.55 12.87
C GLY B 259 -5.88 -16.65 12.15
N ARG B 260 -6.89 -17.17 12.84
CA ARG B 260 -7.66 -18.31 12.37
C ARG B 260 -9.15 -18.05 12.52
N MET B 261 -9.94 -18.74 11.70
CA MET B 261 -11.39 -18.67 11.78
C MET B 261 -12.01 -20.00 11.36
N CYS B 262 -13.08 -20.39 12.05
CA CYS B 262 -13.74 -21.65 11.73
C CYS B 262 -14.54 -21.48 10.44
N ILE B 263 -14.52 -22.52 9.61
CA ILE B 263 -15.18 -22.53 8.31
C ILE B 263 -16.21 -23.64 8.35
N ASN B 264 -17.48 -23.27 8.08
CA ASN B 264 -18.56 -24.24 7.93
C ASN B 264 -18.59 -24.61 6.46
N MET B 265 -18.24 -25.85 6.16
CA MET B 265 -18.05 -26.20 4.76
C MET B 265 -19.38 -26.32 4.02
N GLU B 266 -20.44 -26.77 4.70
CA GLU B 266 -21.67 -27.17 4.03
C GLU B 266 -21.36 -28.16 2.90
N TRP B 267 -20.80 -29.31 3.28
CA TRP B 267 -20.21 -30.16 2.26
C TRP B 267 -21.22 -31.10 1.61
N GLY B 268 -22.49 -31.00 1.99
CA GLY B 268 -23.52 -31.80 1.34
C GLY B 268 -23.73 -31.43 -0.11
N ALA B 269 -23.28 -30.25 -0.51
CA ALA B 269 -23.42 -29.79 -1.88
C ALA B 269 -22.26 -30.18 -2.77
N PHE B 270 -21.22 -30.80 -2.21
CA PHE B 270 -20.10 -31.31 -2.99
C PHE B 270 -20.64 -32.22 -4.11
N GLY B 271 -20.33 -31.88 -5.35
CA GLY B 271 -20.86 -32.63 -6.46
C GLY B 271 -22.12 -32.06 -7.09
N ASP B 272 -22.78 -31.09 -6.46
CA ASP B 272 -23.99 -30.51 -7.05
C ASP B 272 -23.77 -30.06 -8.47
N ASP B 273 -22.56 -29.56 -8.76
CA ASP B 273 -22.19 -29.13 -10.10
C ASP B 273 -21.66 -30.27 -10.96
N GLY B 274 -21.68 -31.50 -10.44
CA GLY B 274 -21.40 -32.70 -11.24
C GLY B 274 -20.03 -33.31 -11.09
N SER B 275 -19.20 -32.83 -10.16
CA SER B 275 -17.85 -33.34 -10.02
C SER B 275 -17.81 -34.78 -9.54
N LEU B 276 -18.92 -35.30 -9.01
CA LEU B 276 -19.00 -36.67 -8.54
C LEU B 276 -19.72 -37.60 -9.52
N ASN B 277 -20.07 -37.12 -10.71
CA ASN B 277 -20.98 -37.89 -11.55
C ASN B 277 -20.45 -39.25 -11.95
N ASP B 278 -19.13 -39.47 -11.92
CA ASP B 278 -18.59 -40.78 -12.23
C ASP B 278 -18.46 -41.70 -11.02
N ILE B 279 -18.71 -41.20 -9.79
CA ILE B 279 -18.88 -42.06 -8.61
C ILE B 279 -20.35 -42.26 -8.22
N ARG B 280 -21.27 -41.44 -8.73
CA ARG B 280 -22.67 -41.66 -8.44
C ARG B 280 -23.22 -42.76 -9.34
N THR B 281 -24.20 -43.52 -8.83
CA THR B 281 -24.82 -44.62 -9.56
C THR B 281 -26.26 -44.27 -9.89
N GLU B 282 -26.91 -45.17 -10.62
CA GLU B 282 -28.30 -44.94 -11.01
C GLU B 282 -29.21 -44.81 -9.80
N PHE B 283 -28.93 -45.56 -8.72
CA PHE B 283 -29.74 -45.41 -7.51
C PHE B 283 -29.59 -44.02 -6.92
N ASP B 284 -28.37 -43.49 -6.89
CA ASP B 284 -28.13 -42.13 -6.45
C ASP B 284 -28.94 -41.13 -7.28
N GLN B 285 -29.04 -41.35 -8.59
CA GLN B 285 -29.88 -40.48 -9.42
C GLN B 285 -31.33 -40.61 -9.03
N GLU B 286 -31.77 -41.84 -8.74
CA GLU B 286 -33.17 -42.07 -8.46
C GLU B 286 -33.56 -41.44 -7.12
N ILE B 287 -32.70 -41.57 -6.10
CA ILE B 287 -32.86 -40.77 -4.88
C ILE B 287 -33.03 -39.31 -5.25
N ASP B 288 -32.13 -38.80 -6.10
CA ASP B 288 -32.09 -37.38 -6.40
C ASP B 288 -33.34 -36.93 -7.14
N MET B 289 -33.68 -37.61 -8.24
CA MET B 289 -34.81 -37.17 -9.06
C MET B 289 -36.14 -37.26 -8.33
N GLY B 290 -36.24 -38.13 -7.33
CA GLY B 290 -37.43 -38.24 -6.54
C GLY B 290 -37.42 -37.50 -5.23
N SER B 291 -36.45 -36.61 -4.99
CA SER B 291 -36.41 -35.85 -3.75
C SER B 291 -37.09 -34.48 -3.95
N LEU B 292 -37.20 -33.73 -2.84
CA LEU B 292 -37.84 -32.41 -2.85
C LEU B 292 -36.96 -31.32 -3.42
N ASN B 293 -35.67 -31.61 -3.65
CA ASN B 293 -34.70 -30.58 -4.03
C ASN B 293 -33.78 -31.16 -5.08
N PRO B 294 -34.33 -31.55 -6.23
CA PRO B 294 -33.56 -32.29 -7.22
C PRO B 294 -32.34 -31.49 -7.69
N GLY B 295 -31.17 -32.12 -7.61
CA GLY B 295 -29.93 -31.51 -8.04
C GLY B 295 -29.16 -30.79 -6.95
N LYS B 296 -29.71 -30.72 -5.75
CA LYS B 296 -28.97 -30.16 -4.62
C LYS B 296 -28.51 -31.29 -3.70
N GLN B 297 -27.64 -30.94 -2.77
CA GLN B 297 -27.16 -31.82 -1.70
C GLN B 297 -26.83 -33.25 -2.17
N LEU B 298 -26.16 -33.40 -3.32
CA LEU B 298 -25.90 -34.73 -3.87
C LEU B 298 -24.93 -35.53 -3.00
N PHE B 299 -23.93 -34.88 -2.42
CA PHE B 299 -23.02 -35.60 -1.54
C PHE B 299 -23.77 -36.09 -0.29
N GLU B 300 -24.56 -35.21 0.32
CA GLU B 300 -25.40 -35.57 1.47
C GLU B 300 -26.36 -36.71 1.14
N LYS B 301 -26.87 -36.75 -0.09
CA LYS B 301 -27.81 -37.80 -0.47
C LYS B 301 -27.12 -39.14 -0.62
N MET B 302 -25.79 -39.19 -0.64
CA MET B 302 -25.07 -40.46 -0.60
C MET B 302 -24.61 -40.84 0.79
N ILE B 303 -24.81 -39.99 1.79
CA ILE B 303 -24.14 -40.15 3.07
C ILE B 303 -25.12 -40.30 4.21
N SER B 304 -25.98 -39.29 4.37
CA SER B 304 -26.64 -39.05 5.65
C SER B 304 -27.79 -40.02 5.86
N GLY B 305 -28.42 -39.90 7.03
CA GLY B 305 -29.45 -40.83 7.46
C GLY B 305 -30.81 -40.58 6.88
N MET B 306 -30.99 -39.50 6.15
CA MET B 306 -32.27 -39.32 5.50
C MET B 306 -32.38 -40.21 4.27
N TYR B 307 -31.30 -40.36 3.51
CA TYR B 307 -31.36 -41.04 2.23
C TYR B 307 -30.82 -42.47 2.24
N MET B 308 -30.29 -42.94 3.37
CA MET B 308 -29.65 -44.25 3.33
C MET B 308 -30.68 -45.38 3.37
N GLY B 309 -31.73 -45.23 4.18
CA GLY B 309 -32.83 -46.19 4.09
C GLY B 309 -33.38 -46.27 2.67
N GLU B 310 -33.64 -45.11 2.07
CA GLU B 310 -34.28 -45.11 0.75
C GLU B 310 -33.36 -45.70 -0.32
N LEU B 311 -32.05 -45.46 -0.19
CA LEU B 311 -31.10 -46.13 -1.09
C LEU B 311 -31.30 -47.65 -1.07
N VAL B 312 -31.33 -48.23 0.13
CA VAL B 312 -31.48 -49.68 0.19
C VAL B 312 -32.85 -50.09 -0.34
N ARG B 313 -33.88 -49.28 -0.08
CA ARG B 313 -35.19 -49.65 -0.60
C ARG B 313 -35.18 -49.61 -2.12
N LEU B 314 -34.55 -48.59 -2.70
CA LEU B 314 -34.47 -48.51 -4.16
C LEU B 314 -33.73 -49.71 -4.73
N ILE B 315 -32.68 -50.16 -4.05
CA ILE B 315 -31.90 -51.30 -4.54
C ILE B 315 -32.69 -52.58 -4.34
N LEU B 316 -33.49 -52.65 -3.28
CA LEU B 316 -34.37 -53.79 -3.11
C LEU B 316 -35.44 -53.86 -4.18
N VAL B 317 -35.99 -52.72 -4.62
CA VAL B 317 -37.06 -52.84 -5.60
C VAL B 317 -36.48 -53.20 -6.95
N LYS B 318 -35.36 -52.59 -7.35
CA LYS B 318 -34.84 -52.87 -8.67
C LYS B 318 -34.43 -54.33 -8.78
N MET B 319 -33.70 -54.83 -7.79
CA MET B 319 -33.32 -56.24 -7.78
C MET B 319 -34.55 -57.16 -7.83
N ALA B 320 -35.66 -56.74 -7.25
CA ALA B 320 -36.85 -57.57 -7.31
C ALA B 320 -37.45 -57.56 -8.71
N LYS B 321 -37.47 -56.41 -9.36
CA LYS B 321 -37.99 -56.32 -10.71
C LYS B 321 -37.15 -57.15 -11.67
N GLU B 322 -35.88 -57.35 -11.35
CA GLU B 322 -35.01 -58.24 -12.10
C GLU B 322 -35.12 -59.68 -11.62
N GLU B 323 -36.02 -59.95 -10.67
CA GLU B 323 -36.29 -61.30 -10.17
C GLU B 323 -35.07 -61.88 -9.45
N LEU B 324 -34.24 -61.02 -8.89
CA LEU B 324 -33.09 -61.44 -8.10
C LEU B 324 -33.41 -61.64 -6.63
N LEU B 325 -34.57 -61.19 -6.16
CA LEU B 325 -34.96 -61.31 -4.77
C LEU B 325 -36.47 -61.48 -4.69
N PHE B 326 -36.92 -62.09 -3.58
CA PHE B 326 -38.34 -62.19 -3.26
C PHE B 326 -39.09 -62.94 -4.34
N GLY B 327 -38.38 -63.83 -5.05
CA GLY B 327 -38.93 -64.52 -6.19
C GLY B 327 -39.52 -63.55 -7.20
N GLY B 328 -39.00 -62.33 -7.26
CA GLY B 328 -39.52 -61.38 -8.21
C GLY B 328 -40.90 -60.83 -7.88
N LYS B 329 -41.47 -61.18 -6.73
CA LYS B 329 -42.75 -60.64 -6.32
C LYS B 329 -42.47 -59.42 -5.45
N LEU B 330 -43.22 -58.35 -5.67
CA LEU B 330 -43.08 -57.14 -4.88
C LEU B 330 -44.35 -56.92 -4.07
N SER B 331 -44.35 -55.87 -3.26
CA SER B 331 -45.47 -55.58 -2.36
C SER B 331 -45.70 -54.07 -2.36
N PRO B 332 -46.89 -53.64 -1.92
CA PRO B 332 -47.18 -52.19 -1.95
C PRO B 332 -46.35 -51.38 -0.97
N GLU B 333 -46.04 -51.93 0.20
CA GLU B 333 -45.22 -51.21 1.15
C GLU B 333 -43.78 -51.08 0.64
N LEU B 334 -43.22 -52.18 0.10
CA LEU B 334 -41.88 -52.14 -0.48
C LEU B 334 -41.76 -51.02 -1.51
N LEU B 335 -42.80 -50.83 -2.30
CA LEU B 335 -42.78 -49.80 -3.33
C LEU B 335 -43.08 -48.40 -2.79
N ASN B 336 -43.43 -48.29 -1.52
CA ASN B 336 -43.82 -47.00 -0.97
C ASN B 336 -42.58 -46.27 -0.43
N THR B 337 -42.48 -44.99 -0.76
CA THR B 337 -41.31 -44.21 -0.37
C THR B 337 -41.27 -43.99 1.15
N GLY B 338 -40.06 -44.05 1.71
CA GLY B 338 -39.83 -43.84 3.13
C GLY B 338 -39.82 -45.10 3.99
N ARG B 339 -40.49 -46.18 3.55
CA ARG B 339 -40.85 -47.23 4.48
C ARG B 339 -39.68 -48.12 4.91
N PHE B 340 -38.51 -48.02 4.28
CA PHE B 340 -37.32 -48.72 4.75
C PHE B 340 -36.42 -47.65 5.38
N GLU B 341 -36.39 -47.62 6.70
CA GLU B 341 -35.72 -46.58 7.45
C GLU B 341 -34.24 -46.88 7.65
N THR B 342 -33.47 -45.81 7.85
CA THR B 342 -32.08 -45.96 8.22
C THR B 342 -31.93 -46.68 9.55
N LYS B 343 -32.91 -46.55 10.45
CA LYS B 343 -32.88 -47.35 11.68
C LYS B 343 -32.87 -48.85 11.34
N ASP B 344 -33.58 -49.23 10.28
CA ASP B 344 -33.56 -50.64 9.87
C ASP B 344 -32.17 -51.06 9.45
N ILE B 345 -31.43 -50.19 8.78
CA ILE B 345 -30.08 -50.56 8.36
C ILE B 345 -29.22 -50.84 9.58
N SER B 346 -29.32 -50.00 10.62
CA SER B 346 -28.60 -50.24 11.87
C SER B 346 -29.02 -51.56 12.51
N ASP B 347 -30.32 -51.75 12.71
CA ASP B 347 -30.80 -52.96 13.36
C ASP B 347 -30.33 -54.22 12.64
N ILE B 348 -30.54 -54.27 11.31
CA ILE B 348 -30.18 -55.46 10.55
C ILE B 348 -28.70 -55.77 10.71
N GLU B 349 -27.88 -54.75 10.65
CA GLU B 349 -26.45 -54.93 10.59
C GLU B 349 -25.86 -55.23 11.96
N GLY B 350 -26.60 -54.94 13.03
CA GLY B 350 -26.24 -55.23 14.41
C GLY B 350 -26.37 -56.68 14.84
N GLU B 351 -26.63 -57.60 13.92
CA GLU B 351 -26.61 -59.02 14.24
C GLU B 351 -25.45 -59.71 13.53
N LYS B 352 -24.84 -60.69 14.23
CA LYS B 352 -23.63 -61.34 13.72
C LYS B 352 -23.89 -61.96 12.35
N ASP B 353 -24.83 -62.91 12.30
CA ASP B 353 -25.44 -63.38 11.06
C ASP B 353 -26.78 -62.66 10.97
N GLY B 354 -26.89 -61.73 10.02
CA GLY B 354 -27.92 -60.70 10.12
C GLY B 354 -29.34 -61.13 9.81
N ILE B 355 -29.57 -62.44 9.73
CA ILE B 355 -30.76 -62.93 9.04
C ILE B 355 -32.02 -62.76 9.88
N ARG B 356 -31.96 -63.01 11.18
CA ARG B 356 -33.20 -63.06 11.95
C ARG B 356 -33.93 -61.71 11.93
N LYS B 357 -33.20 -60.60 12.10
CA LYS B 357 -33.86 -59.29 12.07
C LYS B 357 -34.16 -58.82 10.66
N ALA B 358 -33.33 -59.21 9.69
CA ALA B 358 -33.62 -58.87 8.31
C ALA B 358 -34.95 -59.46 7.85
N ARG B 359 -35.26 -60.70 8.28
CA ARG B 359 -36.59 -61.26 8.06
C ARG B 359 -37.66 -60.37 8.68
N GLU B 360 -37.46 -59.99 9.95
CA GLU B 360 -38.47 -59.21 10.66
C GLU B 360 -38.84 -57.96 9.88
N VAL B 361 -37.84 -57.20 9.45
CA VAL B 361 -38.09 -55.94 8.75
C VAL B 361 -38.77 -56.21 7.41
N LEU B 362 -38.22 -57.13 6.61
CA LEU B 362 -38.80 -57.41 5.31
C LEU B 362 -40.25 -57.84 5.41
N MET B 363 -40.60 -58.55 6.50
CA MET B 363 -42.00 -58.94 6.69
C MET B 363 -42.88 -57.73 6.96
N ARG B 364 -42.46 -56.84 7.87
CA ARG B 364 -43.19 -55.58 8.04
C ARG B 364 -43.45 -54.90 6.71
N LEU B 365 -42.51 -55.02 5.76
CA LEU B 365 -42.77 -54.46 4.43
C LEU B 365 -43.78 -55.29 3.63
N GLY B 366 -44.23 -56.43 4.14
CA GLY B 366 -45.23 -57.24 3.46
C GLY B 366 -44.67 -58.27 2.51
N LEU B 367 -43.46 -58.79 2.76
CA LEU B 367 -42.78 -59.77 1.93
C LEU B 367 -42.61 -61.05 2.74
N ASP B 368 -42.43 -62.18 2.04
CA ASP B 368 -42.15 -63.47 2.68
C ASP B 368 -40.81 -63.95 2.15
N PRO B 369 -39.71 -63.41 2.65
CA PRO B 369 -38.41 -63.68 2.07
C PRO B 369 -37.79 -65.00 2.51
N THR B 370 -36.93 -65.52 1.65
CA THR B 370 -36.13 -66.68 1.98
C THR B 370 -34.93 -66.26 2.84
N GLN B 371 -34.11 -67.20 3.25
CA GLN B 371 -32.88 -66.84 3.95
C GLN B 371 -31.90 -66.14 3.01
N GLU B 372 -31.73 -66.68 1.81
CA GLU B 372 -30.94 -66.02 0.79
C GLU B 372 -31.38 -64.56 0.64
N ASP B 373 -32.69 -64.34 0.49
CA ASP B 373 -33.22 -62.98 0.40
C ASP B 373 -32.72 -62.11 1.55
N CYS B 374 -32.89 -62.58 2.78
CA CYS B 374 -32.41 -61.86 3.96
C CYS B 374 -30.91 -61.60 3.89
N VAL B 375 -30.10 -62.61 3.54
CA VAL B 375 -28.65 -62.43 3.48
C VAL B 375 -28.30 -61.29 2.53
N ALA B 376 -28.97 -61.21 1.40
CA ALA B 376 -28.70 -60.13 0.45
C ALA B 376 -29.09 -58.78 1.02
N THR B 377 -30.25 -58.70 1.66
CA THR B 377 -30.65 -57.45 2.30
C THR B 377 -29.59 -56.99 3.32
N HIS B 378 -28.98 -57.94 4.03
CA HIS B 378 -27.91 -57.58 4.94
C HIS B 378 -26.72 -57.00 4.18
N ARG B 379 -26.31 -57.67 3.10
CA ARG B 379 -25.14 -57.21 2.39
C ARG B 379 -25.39 -55.88 1.70
N ILE B 380 -26.61 -55.67 1.19
CA ILE B 380 -26.92 -54.36 0.60
C ILE B 380 -26.83 -53.29 1.67
N CYS B 381 -27.30 -53.57 2.88
CA CYS B 381 -27.16 -52.61 3.97
C CYS B 381 -25.69 -52.33 4.27
N GLN B 382 -24.89 -53.38 4.29
CA GLN B 382 -23.45 -53.27 4.53
C GLN B 382 -22.77 -52.44 3.45
N ILE B 383 -23.02 -52.76 2.18
CA ILE B 383 -22.43 -52.00 1.08
C ILE B 383 -22.75 -50.52 1.24
N VAL B 384 -24.02 -50.20 1.48
CA VAL B 384 -24.44 -48.80 1.52
C VAL B 384 -23.79 -48.07 2.68
N SER B 385 -23.94 -48.60 3.91
CA SER B 385 -23.43 -47.87 5.06
C SER B 385 -21.92 -47.75 5.00
N THR B 386 -21.25 -48.77 4.44
CA THR B 386 -19.79 -48.70 4.35
C THR B 386 -19.34 -47.74 3.26
N ARG B 387 -20.13 -47.56 2.20
CA ARG B 387 -19.81 -46.52 1.24
C ARG B 387 -19.88 -45.14 1.90
N SER B 388 -21.00 -44.87 2.58
CA SER B 388 -21.15 -43.60 3.29
C SER B 388 -19.98 -43.34 4.22
N ALA B 389 -19.56 -44.35 4.97
CA ALA B 389 -18.42 -44.18 5.86
C ALA B 389 -17.15 -43.87 5.07
N SER B 390 -16.92 -44.59 3.97
CA SER B 390 -15.74 -44.31 3.15
C SER B 390 -15.81 -42.91 2.56
N LEU B 391 -16.99 -42.49 2.09
CA LEU B 391 -17.08 -41.16 1.52
C LEU B 391 -16.81 -40.09 2.57
N CYS B 392 -17.20 -40.34 3.82
CA CYS B 392 -16.83 -39.41 4.88
C CYS B 392 -15.32 -39.40 5.10
N ALA B 393 -14.72 -40.57 5.20
CA ALA B 393 -13.27 -40.64 5.30
C ALA B 393 -12.59 -39.79 4.24
N ALA B 394 -13.09 -39.82 3.00
CA ALA B 394 -12.39 -39.17 1.90
C ALA B 394 -12.32 -37.66 2.09
N THR B 395 -13.44 -37.03 2.37
CA THR B 395 -13.38 -35.59 2.61
C THR B 395 -12.65 -35.27 3.91
N LEU B 396 -12.85 -36.08 4.95
CA LEU B 396 -12.10 -35.87 6.18
C LEU B 396 -10.61 -35.90 5.91
N ALA B 397 -10.18 -36.88 5.12
CA ALA B 397 -8.79 -36.95 4.70
C ALA B 397 -8.33 -35.61 4.14
N ALA B 398 -9.05 -35.11 3.13
CA ALA B 398 -8.71 -33.82 2.54
C ALA B 398 -8.52 -32.74 3.61
N VAL B 399 -9.40 -32.72 4.61
CA VAL B 399 -9.33 -31.63 5.58
C VAL B 399 -8.12 -31.82 6.48
N LEU B 400 -7.87 -33.05 6.92
CA LEU B 400 -6.67 -33.31 7.71
C LEU B 400 -5.42 -32.91 6.93
N GLN B 401 -5.35 -33.30 5.66
CA GLN B 401 -4.25 -32.90 4.81
C GLN B 401 -4.04 -31.38 4.82
N ARG B 402 -5.12 -30.63 4.60
CA ARG B 402 -5.04 -29.17 4.65
C ARG B 402 -4.45 -28.70 5.97
N ILE B 403 -4.97 -29.20 7.09
CA ILE B 403 -4.51 -28.71 8.37
C ILE B 403 -3.04 -29.01 8.55
N LYS B 404 -2.59 -30.19 8.08
CA LYS B 404 -1.18 -30.53 8.14
C LYS B 404 -0.34 -29.48 7.41
N GLU B 405 -0.74 -29.10 6.20
CA GLU B 405 -0.02 -28.06 5.46
C GLU B 405 -0.12 -26.72 6.18
N ASN B 406 -1.28 -26.37 6.72
CA ASN B 406 -1.38 -25.09 7.43
C ASN B 406 -0.45 -25.07 8.62
N LYS B 407 -0.37 -26.17 9.36
CA LYS B 407 0.49 -26.19 10.54
C LYS B 407 1.95 -26.31 10.18
N GLY B 408 2.28 -26.67 8.93
CA GLY B 408 3.65 -26.96 8.56
C GLY B 408 4.26 -28.14 9.30
N GLU B 409 3.42 -28.95 9.94
CA GLU B 409 3.87 -30.11 10.66
C GLU B 409 4.25 -31.20 9.66
N GLU B 410 5.36 -31.90 9.94
CA GLU B 410 5.68 -33.06 9.12
C GLU B 410 4.62 -34.15 9.30
N ARG B 411 4.18 -34.39 10.55
CA ARG B 411 3.17 -35.39 10.84
C ARG B 411 2.19 -34.82 11.86
N LEU B 412 0.90 -34.81 11.51
CA LEU B 412 -0.14 -34.07 12.23
C LEU B 412 -0.75 -34.82 13.41
N ARG B 413 -1.12 -34.05 14.44
CA ARG B 413 -1.91 -34.54 15.56
C ARG B 413 -3.19 -33.74 15.68
N SER B 414 -4.34 -34.39 15.44
CA SER B 414 -5.59 -33.66 15.38
C SER B 414 -6.76 -34.54 15.84
N THR B 415 -7.77 -33.90 16.43
CA THR B 415 -8.93 -34.59 16.98
C THR B 415 -10.19 -34.14 16.25
N ILE B 416 -11.08 -35.10 15.97
CA ILE B 416 -12.31 -34.83 15.22
C ILE B 416 -13.51 -35.08 16.15
N GLY B 417 -14.15 -34.01 16.59
CA GLY B 417 -15.39 -34.14 17.35
C GLY B 417 -16.57 -34.48 16.44
N VAL B 418 -17.29 -35.56 16.79
CA VAL B 418 -18.32 -36.10 15.92
C VAL B 418 -19.62 -36.20 16.69
N ASP B 419 -20.74 -35.98 15.98
CA ASP B 419 -22.07 -36.10 16.53
C ASP B 419 -22.99 -36.64 15.43
N GLY B 420 -24.17 -37.09 15.84
CA GLY B 420 -25.22 -37.48 14.91
C GLY B 420 -25.68 -38.92 14.91
N SER B 421 -26.94 -39.12 14.52
CA SER B 421 -27.59 -40.40 14.74
C SER B 421 -26.90 -41.55 14.01
N VAL B 422 -26.49 -41.32 12.77
CA VAL B 422 -25.78 -42.36 12.03
C VAL B 422 -24.50 -42.76 12.77
N TYR B 423 -23.70 -41.77 13.18
CA TYR B 423 -22.43 -42.13 13.80
C TYR B 423 -22.64 -42.77 15.17
N LYS B 424 -23.55 -42.23 15.98
CA LYS B 424 -23.70 -42.72 17.36
C LYS B 424 -24.50 -44.01 17.45
N LYS B 425 -25.56 -44.16 16.66
CA LYS B 425 -26.42 -45.32 16.80
C LYS B 425 -26.14 -46.44 15.80
N HIS B 426 -25.22 -46.27 14.83
CA HIS B 426 -24.99 -47.37 13.89
C HIS B 426 -23.84 -48.25 14.39
N PRO B 427 -23.98 -49.57 14.35
CA PRO B 427 -23.01 -50.42 15.03
C PRO B 427 -21.60 -50.39 14.43
N HIS B 428 -21.45 -50.24 13.11
CA HIS B 428 -20.12 -50.26 12.51
C HIS B 428 -19.66 -48.96 11.86
N PHE B 429 -20.54 -47.96 11.74
CA PHE B 429 -20.17 -46.83 10.89
C PHE B 429 -18.91 -46.15 11.43
N ALA B 430 -18.89 -45.83 12.72
CA ALA B 430 -17.76 -45.13 13.29
C ALA B 430 -16.47 -45.95 13.16
N LYS B 431 -16.55 -47.26 13.40
CA LYS B 431 -15.33 -48.06 13.31
C LYS B 431 -14.78 -48.06 11.90
N ARG B 432 -15.67 -48.18 10.89
CA ARG B 432 -15.22 -48.08 9.51
C ARG B 432 -14.71 -46.68 9.20
N LEU B 433 -15.39 -45.66 9.70
CA LEU B 433 -14.94 -44.29 9.48
C LEU B 433 -13.52 -44.12 10.02
N HIS B 434 -13.31 -44.50 11.29
CA HIS B 434 -11.99 -44.41 11.92
C HIS B 434 -10.95 -45.19 11.13
N LYS B 435 -11.23 -46.46 10.85
CA LYS B 435 -10.26 -47.28 10.13
C LYS B 435 -9.91 -46.65 8.78
N THR B 436 -10.93 -46.37 7.95
CA THR B 436 -10.66 -45.90 6.60
C THR B 436 -9.85 -44.60 6.59
N VAL B 437 -10.16 -43.67 7.48
CA VAL B 437 -9.44 -42.40 7.42
C VAL B 437 -7.99 -42.61 7.79
N ARG B 438 -7.74 -43.44 8.80
CA ARG B 438 -6.37 -43.66 9.23
C ARG B 438 -5.54 -44.32 8.12
N ARG B 439 -6.18 -45.10 7.25
CA ARG B 439 -5.49 -45.58 6.05
C ARG B 439 -5.10 -44.43 5.12
N LEU B 440 -5.99 -43.44 4.93
CA LEU B 440 -5.77 -42.44 3.90
C LEU B 440 -4.88 -41.28 4.36
N VAL B 441 -4.68 -41.10 5.66
CA VAL B 441 -3.67 -40.15 6.14
C VAL B 441 -2.68 -40.87 7.05
N PRO B 442 -1.78 -41.69 6.49
CA PRO B 442 -0.78 -42.37 7.33
C PRO B 442 0.09 -41.41 8.11
N GLY B 443 0.17 -40.15 7.65
CA GLY B 443 0.95 -39.09 8.28
C GLY B 443 0.21 -38.26 9.31
N CYS B 444 -0.82 -38.85 9.93
CA CYS B 444 -1.55 -38.19 11.00
C CYS B 444 -1.88 -39.19 12.11
N ASP B 445 -1.87 -38.68 13.34
CA ASP B 445 -2.47 -39.37 14.47
C ASP B 445 -3.83 -38.72 14.71
N VAL B 446 -4.89 -39.44 14.37
CA VAL B 446 -6.24 -38.88 14.33
C VAL B 446 -7.01 -39.46 15.50
N ARG B 447 -7.50 -38.60 16.38
CA ARG B 447 -8.42 -39.03 17.42
C ARG B 447 -9.84 -38.59 17.09
N PHE B 448 -10.80 -39.47 17.36
CA PHE B 448 -12.21 -39.13 17.25
C PHE B 448 -12.81 -39.05 18.63
N LEU B 449 -13.65 -38.07 18.85
CA LEU B 449 -14.27 -37.85 20.14
C LEU B 449 -15.76 -37.65 19.88
N ARG B 450 -16.59 -38.23 20.72
CA ARG B 450 -18.03 -38.26 20.48
C ARG B 450 -18.69 -37.21 21.36
N SER B 451 -19.22 -36.14 20.76
CA SER B 451 -19.88 -35.12 21.55
C SER B 451 -21.18 -35.71 22.09
N GLU B 452 -21.29 -35.79 23.40
CA GLU B 452 -22.44 -36.49 23.99
C GLU B 452 -23.63 -35.58 24.26
N ASP B 453 -23.42 -34.33 24.65
CA ASP B 453 -24.56 -33.44 24.83
C ASP B 453 -24.74 -32.40 23.72
N GLY B 454 -23.83 -32.33 22.75
CA GLY B 454 -24.16 -31.81 21.43
C GLY B 454 -24.21 -30.29 21.28
N SER B 455 -24.93 -29.91 20.22
CA SER B 455 -24.79 -28.59 19.58
C SER B 455 -24.88 -27.46 20.59
N GLY B 456 -25.97 -27.41 21.36
CA GLY B 456 -26.26 -26.23 22.17
C GLY B 456 -25.14 -25.89 23.13
N LYS B 457 -24.60 -26.89 23.84
CA LYS B 457 -23.50 -26.65 24.77
C LYS B 457 -22.33 -25.97 24.07
N GLY B 458 -22.04 -26.36 22.82
CA GLY B 458 -20.96 -25.70 22.10
C GLY B 458 -21.22 -24.23 21.85
N ALA B 459 -22.46 -23.88 21.50
CA ALA B 459 -22.79 -22.48 21.28
C ALA B 459 -22.45 -21.66 22.52
N ALA B 460 -22.87 -22.14 23.69
CA ALA B 460 -22.50 -21.47 24.93
C ALA B 460 -20.98 -21.30 25.02
N MET B 461 -20.24 -22.31 24.57
CA MET B 461 -18.79 -22.31 24.74
C MET B 461 -18.14 -21.24 23.88
N VAL B 462 -18.68 -21.02 22.67
CA VAL B 462 -18.19 -19.94 21.81
C VAL B 462 -18.22 -18.60 22.54
N THR B 463 -19.34 -18.31 23.23
CA THR B 463 -19.37 -17.09 24.04
C THR B 463 -18.36 -17.17 25.18
N ALA B 464 -18.24 -18.35 25.80
CA ALA B 464 -17.28 -18.54 26.89
C ALA B 464 -15.88 -18.22 26.43
N VAL B 465 -15.53 -18.64 25.22
CA VAL B 465 -14.21 -18.38 24.70
C VAL B 465 -14.06 -16.90 24.39
N ALA B 466 -15.09 -16.32 23.76
CA ALA B 466 -15.09 -14.90 23.48
C ALA B 466 -14.75 -14.10 24.73
N TYR B 467 -15.32 -14.48 25.87
CA TYR B 467 -14.94 -13.82 27.12
C TYR B 467 -13.48 -14.06 27.47
N ARG B 468 -12.97 -15.27 27.19
CA ARG B 468 -11.58 -15.54 27.54
C ARG B 468 -10.62 -14.72 26.67
N LEU B 469 -10.79 -14.77 25.34
CA LEU B 469 -9.94 -13.95 24.47
C LEU B 469 -9.94 -12.50 24.93
N ALA B 470 -11.09 -12.01 25.41
CA ALA B 470 -11.18 -10.64 25.88
C ALA B 470 -10.39 -10.47 27.17
N ASP B 471 -10.58 -11.37 28.15
CA ASP B 471 -9.90 -11.22 29.44
C ASP B 471 -8.40 -11.37 29.27
N GLN B 472 -7.96 -12.38 28.49
CA GLN B 472 -6.55 -12.58 28.25
C GLN B 472 -5.93 -11.39 27.56
N HIS B 473 -6.54 -10.93 26.46
CA HIS B 473 -6.03 -9.77 25.74
C HIS B 473 -5.82 -8.59 26.69
N ARG B 474 -6.68 -8.46 27.69
CA ARG B 474 -6.57 -7.30 28.58
C ARG B 474 -5.43 -7.51 29.57
N ALA B 475 -5.29 -8.73 30.10
CA ALA B 475 -4.18 -9.01 30.99
C ALA B 475 -2.85 -8.68 30.33
N ARG B 476 -2.70 -9.11 29.06
CA ARG B 476 -1.48 -8.81 28.31
C ARG B 476 -1.28 -7.31 28.19
N GLN B 477 -2.34 -6.58 27.81
CA GLN B 477 -2.21 -5.15 27.61
C GLN B 477 -1.85 -4.43 28.89
N LYS B 478 -2.40 -4.88 30.03
CA LYS B 478 -2.08 -4.25 31.30
C LYS B 478 -0.58 -4.37 31.58
N THR B 479 -0.01 -5.54 31.33
CA THR B 479 1.43 -5.71 31.54
C THR B 479 2.24 -4.86 30.57
N LEU B 480 1.93 -4.93 29.26
CA LEU B 480 2.71 -4.15 28.30
C LEU B 480 2.59 -2.66 28.56
N GLU B 481 1.48 -2.23 29.17
CA GLU B 481 1.28 -0.82 29.46
C GLU B 481 2.45 -0.24 30.26
N HIS B 482 3.14 -1.09 31.03
CA HIS B 482 4.28 -0.66 31.82
C HIS B 482 5.50 -0.34 30.98
N LEU B 483 5.54 -0.85 29.75
CA LEU B 483 6.62 -0.53 28.85
C LEU B 483 6.29 0.63 27.92
N GLN B 484 5.15 1.28 28.11
CA GLN B 484 4.74 2.41 27.27
C GLN B 484 4.80 3.69 28.09
N LEU B 485 5.77 4.54 27.75
CA LEU B 485 6.00 5.77 28.48
C LEU B 485 5.24 6.89 27.78
N SER B 486 4.71 7.82 28.58
CA SER B 486 3.98 8.95 28.01
C SER B 486 4.93 10.07 27.66
N HIS B 487 4.38 11.11 27.05
CA HIS B 487 5.19 12.25 26.66
C HIS B 487 5.68 13.01 27.91
N ASP B 488 4.85 13.06 28.96
CA ASP B 488 5.29 13.63 30.23
C ASP B 488 6.39 12.79 30.89
N GLN B 489 6.26 11.47 30.88
CA GLN B 489 7.32 10.63 31.43
C GLN B 489 8.61 10.76 30.63
N LEU B 490 8.50 10.80 29.30
CA LEU B 490 9.70 10.93 28.48
C LEU B 490 10.44 12.23 28.76
N LEU B 491 9.73 13.32 29.07
CA LEU B 491 10.39 14.55 29.44
C LEU B 491 11.12 14.43 30.78
N GLU B 492 10.60 13.62 31.70
CA GLU B 492 11.35 13.32 32.91
C GLU B 492 12.63 12.56 32.59
N VAL B 493 12.54 11.60 31.67
CA VAL B 493 13.75 10.91 31.26
C VAL B 493 14.74 11.90 30.68
N LYS B 494 14.25 12.82 29.85
CA LYS B 494 15.07 13.92 29.38
C LYS B 494 15.66 14.73 30.53
N ARG B 495 14.81 15.16 31.46
CA ARG B 495 15.32 16.04 32.51
C ARG B 495 16.41 15.35 33.33
N ARG B 496 16.21 14.07 33.65
CA ARG B 496 17.17 13.37 34.51
C ARG B 496 18.47 13.10 33.75
N MET B 497 18.37 12.84 32.45
CA MET B 497 19.58 12.77 31.64
C MET B 497 20.33 14.09 31.72
N LYS B 498 19.62 15.22 31.67
CA LYS B 498 20.30 16.50 31.80
C LYS B 498 20.93 16.64 33.18
N VAL B 499 20.21 16.23 34.24
CA VAL B 499 20.78 16.25 35.58
C VAL B 499 22.07 15.44 35.62
N GLU B 500 21.99 14.18 35.19
CA GLU B 500 23.17 13.32 35.25
C GLU B 500 24.30 13.84 34.38
N MET B 501 23.98 14.59 33.32
CA MET B 501 25.03 15.18 32.50
C MET B 501 25.78 16.26 33.27
N GLU B 502 25.05 17.13 33.97
CA GLU B 502 25.70 18.15 34.78
C GLU B 502 26.57 17.50 35.85
N ARG B 503 26.10 16.39 36.42
CA ARG B 503 26.82 15.70 37.48
C ARG B 503 28.12 15.08 36.98
N GLY B 504 28.13 14.58 35.75
CA GLY B 504 29.36 14.01 35.22
C GLY B 504 30.40 15.06 34.89
N LEU B 505 29.97 16.26 34.49
CA LEU B 505 30.90 17.31 34.08
C LEU B 505 31.47 18.08 35.27
N SER B 506 30.72 18.15 36.37
CA SER B 506 31.18 18.89 37.55
C SER B 506 32.32 18.13 38.21
N LYS B 507 33.48 18.79 38.37
CA LYS B 507 34.66 18.15 38.94
C LYS B 507 34.38 17.63 40.34
N GLU B 508 33.44 18.24 41.04
CA GLU B 508 33.21 17.91 42.43
C GLU B 508 32.41 16.62 42.58
N THR B 509 31.44 16.40 41.69
CA THR B 509 30.56 15.24 41.73
C THR B 509 30.96 14.10 40.79
N HIS B 510 32.05 14.25 40.02
CA HIS B 510 32.34 13.32 38.93
C HIS B 510 32.65 11.91 39.41
N ALA B 511 33.28 11.78 40.59
CA ALA B 511 33.59 10.44 41.08
C ALA B 511 32.34 9.62 41.34
N SER B 512 31.26 10.28 41.79
CA SER B 512 30.03 9.56 42.11
C SER B 512 29.18 9.29 40.87
N ALA B 513 29.30 10.13 39.84
CA ALA B 513 28.32 10.13 38.77
C ALA B 513 28.30 8.81 38.00
N PRO B 514 27.12 8.27 37.70
CA PRO B 514 27.05 7.13 36.77
C PRO B 514 27.39 7.48 35.33
N VAL B 515 26.97 8.66 34.86
CA VAL B 515 27.27 9.12 33.50
C VAL B 515 28.57 9.91 33.55
N LYS B 516 29.65 9.33 33.03
CA LYS B 516 30.99 9.84 33.40
C LYS B 516 31.43 11.04 32.59
N MET B 517 30.85 11.30 31.42
CA MET B 517 31.13 12.50 30.64
C MET B 517 32.63 12.66 30.36
N LEU B 518 33.27 11.58 29.91
CA LEU B 518 34.74 11.51 29.86
C LEU B 518 35.30 12.43 28.77
N PRO B 519 36.24 13.32 29.12
CA PRO B 519 36.94 14.12 28.09
C PRO B 519 37.65 13.23 27.08
N THR B 520 37.42 13.52 25.79
CA THR B 520 38.14 12.85 24.71
C THR B 520 39.36 13.60 24.20
N TYR B 521 39.56 14.87 24.60
CA TYR B 521 40.62 15.72 24.05
C TYR B 521 40.56 15.77 22.52
N VAL B 522 39.36 15.69 21.95
CA VAL B 522 39.12 15.95 20.54
C VAL B 522 38.49 17.34 20.47
N CYS B 523 39.27 18.33 20.05
CA CYS B 523 38.86 19.71 20.19
C CYS B 523 38.38 20.38 18.90
N ALA B 524 38.46 19.71 17.77
CA ALA B 524 38.04 20.40 16.56
C ALA B 524 37.30 19.45 15.64
N THR B 525 36.13 19.91 15.20
CA THR B 525 35.46 19.31 14.08
C THR B 525 36.12 19.78 12.78
N PRO B 526 35.83 19.10 11.68
CA PRO B 526 36.54 19.36 10.42
C PRO B 526 36.07 20.63 9.70
N ASP B 527 37.05 21.39 9.17
CA ASP B 527 36.76 22.52 8.29
C ASP B 527 36.94 22.23 6.79
N GLY B 528 37.46 21.06 6.41
CA GLY B 528 37.53 20.67 5.02
C GLY B 528 38.87 20.85 4.33
N THR B 529 39.86 21.49 4.97
CA THR B 529 41.19 21.62 4.39
C THR B 529 42.09 20.43 4.68
N GLU B 530 41.61 19.40 5.38
CA GLU B 530 42.47 18.29 5.75
C GLU B 530 42.91 17.50 4.52
N LYS B 531 44.15 17.04 4.55
CA LYS B 531 44.70 16.25 3.46
C LYS B 531 45.77 15.32 4.01
N GLY B 532 45.84 14.12 3.48
CA GLY B 532 46.97 13.26 3.74
C GLY B 532 46.57 11.81 3.66
N ASP B 533 47.59 10.95 3.76
CA ASP B 533 47.42 9.51 3.96
C ASP B 533 47.52 9.24 5.47
N PHE B 534 46.58 8.45 6.00
CA PHE B 534 46.48 8.24 7.45
C PHE B 534 46.20 6.77 7.76
N LEU B 535 46.90 6.25 8.77
CA LEU B 535 46.72 4.89 9.27
C LEU B 535 45.75 4.85 10.45
N ALA B 536 44.93 3.78 10.49
CA ALA B 536 44.05 3.50 11.62
C ALA B 536 44.18 2.03 12.05
N LEU B 537 44.12 1.80 13.36
CA LEU B 537 43.87 0.46 13.90
C LEU B 537 42.49 0.42 14.53
N ASP B 538 41.84 -0.74 14.48
CA ASP B 538 40.64 -0.96 15.27
C ASP B 538 40.83 -2.25 16.03
N LEU B 539 41.02 -2.15 17.34
CA LEU B 539 41.24 -3.34 18.14
C LEU B 539 40.48 -3.18 19.44
N GLY B 540 40.61 -4.19 20.30
CA GLY B 540 39.56 -4.54 21.23
C GLY B 540 38.81 -5.80 20.86
N GLY B 541 39.30 -6.56 19.87
CA GLY B 541 38.72 -7.84 19.51
C GLY B 541 39.85 -8.77 19.10
N THR B 542 39.50 -10.05 18.91
CA THR B 542 40.50 -11.04 18.54
C THR B 542 41.03 -10.82 17.12
N ASN B 543 40.15 -10.40 16.19
CA ASN B 543 40.55 -10.04 14.83
C ASN B 543 40.37 -8.53 14.65
N PHE B 544 41.48 -7.82 14.62
CA PHE B 544 41.50 -6.41 14.36
C PHE B 544 41.82 -6.19 12.89
N ARG B 545 41.84 -4.94 12.46
CA ARG B 545 42.25 -4.65 11.09
C ARG B 545 42.89 -3.27 11.05
N VAL B 546 43.89 -3.14 10.19
CA VAL B 546 44.62 -1.89 9.97
C VAL B 546 44.05 -1.23 8.73
N LEU B 547 43.99 0.09 8.74
CA LEU B 547 43.35 0.83 7.66
C LEU B 547 44.28 1.89 7.11
N LEU B 548 44.15 2.15 5.80
CA LEU B 548 44.73 3.32 5.17
C LEU B 548 43.59 4.22 4.75
N VAL B 549 43.73 5.52 5.02
CA VAL B 549 42.70 6.49 4.70
C VAL B 549 43.38 7.67 4.00
N ARG B 550 42.97 7.92 2.75
CA ARG B 550 43.52 8.98 1.91
C ARG B 550 42.48 10.07 1.77
N VAL B 551 42.83 11.27 2.21
CA VAL B 551 41.91 12.40 2.30
C VAL B 551 42.38 13.49 1.33
N ARG B 552 41.44 14.04 0.56
CA ARG B 552 41.75 14.96 -0.54
C ARG B 552 41.14 16.34 -0.27
N ASN B 553 42.00 17.34 -0.05
CA ASN B 553 41.64 18.74 -0.29
C ASN B 553 42.09 18.99 -1.72
N GLY B 554 41.14 19.27 -2.61
CA GLY B 554 39.78 19.51 -2.23
C GLY B 554 38.99 20.22 -3.31
N LYS B 555 38.01 20.97 -2.82
CA LYS B 555 37.02 21.73 -3.55
C LYS B 555 35.97 20.82 -4.18
N TRP B 556 36.35 19.60 -4.63
CA TRP B 556 35.47 18.43 -4.66
C TRP B 556 35.93 17.25 -3.77
N GLY B 557 37.11 17.32 -3.15
CA GLY B 557 37.83 16.17 -2.65
C GLY B 557 37.12 15.18 -1.75
N GLY B 558 37.38 13.89 -1.95
CA GLY B 558 36.78 12.84 -1.16
C GLY B 558 37.77 12.14 -0.23
N VAL B 559 37.36 10.97 0.27
CA VAL B 559 38.23 10.09 1.05
C VAL B 559 38.10 8.67 0.52
N GLU B 560 39.14 7.90 0.78
CA GLU B 560 39.36 6.57 0.21
C GLU B 560 39.96 5.69 1.30
N MET B 561 39.43 4.47 1.47
CA MET B 561 39.85 3.60 2.58
C MET B 561 40.22 2.21 2.08
N HIS B 562 41.40 1.75 2.49
CA HIS B 562 41.84 0.36 2.31
C HIS B 562 42.01 -0.30 3.69
N ASN B 563 41.52 -1.52 3.82
CA ASN B 563 41.67 -2.26 5.06
C ASN B 563 42.08 -3.68 4.76
N LYS B 564 42.70 -4.32 5.73
CA LYS B 564 42.94 -5.76 5.66
C LYS B 564 42.82 -6.28 7.08
N ILE B 565 42.13 -7.40 7.25
CA ILE B 565 41.85 -7.92 8.58
C ILE B 565 42.92 -8.94 8.97
N TYR B 566 43.48 -8.76 10.17
CA TYR B 566 44.46 -9.65 10.76
C TYR B 566 43.86 -10.32 11.97
N ALA B 567 44.30 -11.54 12.23
CA ALA B 567 43.88 -12.27 13.42
C ALA B 567 45.04 -12.27 14.40
N ILE B 568 44.71 -12.29 15.69
CA ILE B 568 45.73 -12.38 16.73
C ILE B 568 45.66 -13.80 17.32
N PRO B 569 46.77 -14.54 17.33
CA PRO B 569 46.78 -15.86 17.97
C PRO B 569 46.55 -15.79 19.47
N GLN B 570 45.95 -16.84 20.03
CA GLN B 570 45.82 -16.92 21.48
C GLN B 570 47.18 -16.99 22.17
N GLU B 571 48.17 -17.65 21.56
CA GLU B 571 49.49 -17.68 22.16
C GLU B 571 50.03 -16.28 22.41
N VAL B 572 49.81 -15.36 21.47
CA VAL B 572 50.28 -13.99 21.65
C VAL B 572 49.29 -13.14 22.46
N MET B 573 47.99 -13.45 22.38
CA MET B 573 47.03 -12.77 23.24
C MET B 573 47.25 -13.08 24.72
N HIS B 574 47.86 -14.22 25.04
CA HIS B 574 48.12 -14.56 26.43
C HIS B 574 49.56 -14.28 26.88
N GLY B 575 50.43 -13.87 25.96
CA GLY B 575 51.84 -13.72 26.24
C GLY B 575 52.17 -12.36 26.84
N THR B 576 53.43 -11.95 26.65
CA THR B 576 53.93 -10.70 27.20
C THR B 576 53.40 -9.51 26.41
N GLY B 577 53.43 -8.34 27.05
CA GLY B 577 53.05 -7.13 26.35
C GLY B 577 53.89 -6.92 25.09
N ASP B 578 55.21 -7.01 25.24
CA ASP B 578 56.09 -6.80 24.09
C ASP B 578 55.72 -7.75 22.96
N GLU B 579 55.37 -8.99 23.31
CA GLU B 579 54.99 -9.98 22.30
C GLU B 579 53.67 -9.63 21.61
N LEU B 580 52.72 -9.04 22.35
CA LEU B 580 51.43 -8.68 21.76
C LEU B 580 51.57 -7.52 20.79
N PHE B 581 52.26 -6.46 21.19
CA PHE B 581 52.37 -5.31 20.31
C PHE B 581 53.40 -5.52 19.22
N ASP B 582 54.47 -6.29 19.49
CA ASP B 582 55.36 -6.69 18.41
C ASP B 582 54.58 -7.34 17.29
N HIS B 583 53.51 -8.07 17.64
CA HIS B 583 52.66 -8.70 16.62
C HIS B 583 51.84 -7.65 15.86
N ILE B 584 51.14 -6.78 16.59
CA ILE B 584 50.37 -5.73 15.93
C ILE B 584 51.26 -4.94 14.98
N VAL B 585 52.46 -4.59 15.43
CA VAL B 585 53.39 -3.87 14.56
C VAL B 585 53.78 -4.72 13.36
N GLN B 586 53.91 -6.04 13.52
CA GLN B 586 54.11 -6.90 12.35
C GLN B 586 52.93 -6.80 11.40
N CYS B 587 51.72 -6.71 11.94
CA CYS B 587 50.55 -6.60 11.08
C CYS B 587 50.53 -5.28 10.33
N ILE B 588 50.86 -4.18 11.02
CA ILE B 588 50.91 -2.87 10.36
C ILE B 588 51.93 -2.90 9.24
N ALA B 589 53.11 -3.46 9.52
CA ALA B 589 54.20 -3.48 8.55
C ALA B 589 53.82 -4.26 7.31
N ASP B 590 53.27 -5.46 7.50
CA ASP B 590 52.86 -6.27 6.35
C ASP B 590 51.83 -5.54 5.51
N PHE B 591 50.96 -4.76 6.16
CA PHE B 591 49.92 -4.05 5.43
C PHE B 591 50.50 -2.93 4.59
N LEU B 592 51.41 -2.15 5.16
CA LEU B 592 52.07 -1.08 4.40
C LEU B 592 52.91 -1.65 3.28
N GLU B 593 53.56 -2.79 3.52
CA GLU B 593 54.37 -3.42 2.48
C GLU B 593 53.53 -3.76 1.25
N TYR B 594 52.25 -4.06 1.46
CA TYR B 594 51.31 -4.47 0.44
C TYR B 594 50.40 -3.32 -0.02
N MET B 595 50.64 -2.11 0.49
CA MET B 595 50.30 -0.87 -0.17
C MET B 595 51.48 -0.30 -0.95
N GLY B 596 52.59 -1.02 -1.01
CA GLY B 596 53.80 -0.52 -1.63
C GLY B 596 54.47 0.61 -0.88
N MET B 597 54.01 0.90 0.34
CA MET B 597 54.45 2.02 1.15
C MET B 597 55.54 1.64 2.15
N LYS B 598 56.15 0.45 2.02
CA LYS B 598 57.23 0.03 2.90
C LYS B 598 58.30 1.12 3.02
N GLY B 599 58.67 1.43 4.26
CA GLY B 599 59.58 2.51 4.56
C GLY B 599 58.91 3.83 4.90
N VAL B 600 57.64 4.03 4.50
CA VAL B 600 56.96 5.30 4.70
C VAL B 600 56.46 5.39 6.14
N SER B 601 56.48 6.60 6.68
CA SER B 601 56.10 6.88 8.05
C SER B 601 54.87 7.76 8.03
N LEU B 602 53.75 7.24 8.52
CA LEU B 602 52.48 7.94 8.51
C LEU B 602 51.99 8.19 9.92
N PRO B 603 51.12 9.19 10.11
CA PRO B 603 50.44 9.32 11.40
C PRO B 603 49.37 8.25 11.55
N LEU B 604 49.15 7.81 12.79
CA LEU B 604 48.25 6.70 13.06
C LEU B 604 47.33 7.03 14.23
N GLY B 605 46.16 6.40 14.23
CA GLY B 605 45.26 6.48 15.36
C GLY B 605 44.56 5.15 15.48
N PHE B 606 43.97 4.91 16.65
CA PHE B 606 43.28 3.65 16.85
C PHE B 606 42.19 3.78 17.91
N THR B 607 41.26 2.84 17.84
CA THR B 607 40.24 2.64 18.86
C THR B 607 40.68 1.50 19.77
N PHE B 608 40.35 1.62 21.05
CA PHE B 608 40.74 0.66 22.07
C PHE B 608 39.49 0.36 22.87
N SER B 609 39.00 -0.87 22.78
CA SER B 609 37.72 -1.25 23.38
C SER B 609 37.88 -1.71 24.82
N PHE B 610 39.05 -1.66 25.37
CA PHE B 610 39.18 -2.02 26.76
C PHE B 610 38.97 -0.80 27.65
N PRO B 611 38.52 -0.99 28.89
CA PRO B 611 38.26 0.16 29.77
C PRO B 611 39.55 0.89 30.13
N CYS B 612 39.55 2.21 29.94
CA CYS B 612 40.77 3.00 30.08
C CYS B 612 40.47 4.28 30.84
N GLN B 613 41.54 4.95 31.23
CA GLN B 613 41.53 6.30 31.76
C GLN B 613 42.35 7.16 30.81
N GLN B 614 41.71 8.15 30.19
CA GLN B 614 42.28 8.90 29.07
C GLN B 614 42.68 10.29 29.58
N ASN B 615 44.00 10.50 29.68
CA ASN B 615 44.57 11.73 30.22
C ASN B 615 44.91 12.78 29.17
N SER B 616 44.97 12.42 27.88
CA SER B 616 45.18 13.34 26.77
C SER B 616 44.93 12.59 25.46
N LEU B 617 45.12 13.29 24.33
CA LEU B 617 44.76 12.69 23.06
C LEU B 617 45.65 11.49 22.74
N ASP B 618 46.95 11.61 22.98
CA ASP B 618 47.91 10.53 22.81
C ASP B 618 48.26 9.76 24.10
N GLU B 619 47.52 9.92 25.20
CA GLU B 619 47.81 9.18 26.43
C GLU B 619 46.54 8.57 27.01
N SER B 620 46.49 7.24 27.06
CA SER B 620 45.38 6.53 27.71
C SER B 620 45.91 5.30 28.46
N ILE B 621 45.58 5.21 29.75
CA ILE B 621 46.06 4.12 30.60
C ILE B 621 45.00 3.02 30.64
N LEU B 622 45.40 1.80 30.26
CA LEU B 622 44.51 0.64 30.30
C LEU B 622 44.27 0.19 31.75
N LEU B 623 43.00 0.01 32.12
CA LEU B 623 42.66 -0.38 33.51
C LEU B 623 42.65 -1.90 33.69
N LYS B 624 41.71 -2.59 33.04
CA LYS B 624 41.60 -4.03 33.11
C LYS B 624 41.46 -4.57 31.70
N TRP B 625 42.24 -5.60 31.37
CA TRP B 625 41.94 -6.38 30.17
C TRP B 625 40.56 -7.01 30.30
N THR B 626 39.83 -7.06 29.18
CA THR B 626 38.56 -7.76 29.10
C THR B 626 38.58 -8.61 27.83
N LYS B 627 37.48 -9.35 27.59
CA LYS B 627 37.26 -10.04 26.32
C LYS B 627 38.26 -11.18 26.08
N GLY B 628 39.12 -11.49 27.04
CA GLY B 628 39.99 -12.66 26.95
C GLY B 628 41.47 -12.37 26.81
N PHE B 629 41.87 -11.11 26.61
CA PHE B 629 43.28 -10.78 26.62
C PHE B 629 43.82 -10.89 28.05
N LYS B 630 44.96 -11.55 28.19
CA LYS B 630 45.78 -11.47 29.40
C LYS B 630 47.21 -11.20 28.94
N ALA B 631 47.73 -10.01 29.25
CA ALA B 631 49.04 -9.62 28.72
C ALA B 631 49.93 -9.09 29.83
N SER B 632 51.12 -9.66 29.91
CA SER B 632 52.12 -9.25 30.90
C SER B 632 52.42 -7.77 30.75
N GLY B 633 52.38 -7.04 31.87
CA GLY B 633 52.95 -5.72 31.96
C GLY B 633 52.23 -4.64 31.20
N CYS B 634 50.93 -4.82 30.94
CA CYS B 634 50.12 -3.86 30.19
C CYS B 634 49.21 -3.05 31.11
N GLU B 635 48.36 -3.72 31.89
CA GLU B 635 47.50 -3.03 32.85
C GLU B 635 48.32 -2.05 33.69
N GLY B 636 47.84 -0.81 33.77
CA GLY B 636 48.54 0.22 34.50
C GLY B 636 49.50 1.06 33.68
N GLU B 637 49.65 0.76 32.39
CA GLU B 637 50.58 1.47 31.53
C GLU B 637 49.79 2.19 30.43
N ASP B 638 50.43 3.22 29.87
CA ASP B 638 49.86 3.92 28.73
C ASP B 638 49.87 3.00 27.50
N VAL B 639 48.70 2.74 26.93
CA VAL B 639 48.66 1.89 25.75
C VAL B 639 49.45 2.54 24.61
N VAL B 640 49.45 3.87 24.53
CA VAL B 640 50.11 4.52 23.42
C VAL B 640 51.63 4.37 23.51
N THR B 641 52.20 4.50 24.71
CA THR B 641 53.63 4.23 24.81
C THR B 641 53.96 2.77 24.48
N LEU B 642 53.10 1.83 24.94
CA LEU B 642 53.31 0.43 24.61
C LEU B 642 53.36 0.19 23.11
N LEU B 643 52.44 0.81 22.37
CA LEU B 643 52.47 0.67 20.92
C LEU B 643 53.71 1.34 20.33
N LYS B 644 54.09 2.52 20.85
CA LYS B 644 55.26 3.21 20.32
C LYS B 644 56.54 2.45 20.64
N GLU B 645 56.64 1.94 21.86
CA GLU B 645 57.79 1.11 22.22
C GLU B 645 57.94 -0.06 21.25
N ALA B 646 56.83 -0.67 20.83
CA ALA B 646 56.90 -1.72 19.82
C ALA B 646 57.43 -1.19 18.50
N ILE B 647 56.96 -0.02 18.07
CA ILE B 647 57.38 0.53 16.79
C ILE B 647 58.85 0.90 16.81
N HIS B 648 59.34 1.38 17.96
CA HIS B 648 60.74 1.71 18.02
C HIS B 648 61.62 0.47 17.89
N ARG B 649 61.15 -0.69 18.38
CA ARG B 649 61.95 -1.92 18.33
C ARG B 649 62.09 -2.50 16.93
N ARG B 650 61.34 -1.99 15.93
CA ARG B 650 61.35 -2.57 14.59
C ARG B 650 62.49 -2.06 13.69
N GLU B 651 63.04 -0.88 13.99
CA GLU B 651 64.39 -0.46 13.60
C GLU B 651 64.58 -0.14 12.11
N GLU B 652 63.75 -0.72 11.24
CA GLU B 652 63.65 -0.32 9.85
C GLU B 652 62.43 0.56 9.62
N PHE B 653 61.74 0.93 10.70
CA PHE B 653 60.32 1.19 10.69
C PHE B 653 60.01 2.29 11.71
N ASP B 654 59.21 3.27 11.30
CA ASP B 654 58.76 4.29 12.24
C ASP B 654 57.44 4.89 11.79
N LEU B 655 56.63 5.29 12.78
CA LEU B 655 55.28 5.81 12.59
C LEU B 655 54.95 6.76 13.73
N ASP B 656 54.02 7.68 13.45
CA ASP B 656 53.62 8.73 14.40
C ASP B 656 52.23 8.40 14.96
N VAL B 657 52.17 8.09 16.25
CA VAL B 657 50.91 7.78 16.92
C VAL B 657 50.40 9.04 17.60
N VAL B 658 49.23 9.55 17.18
CA VAL B 658 48.70 10.81 17.67
C VAL B 658 47.48 10.61 18.56
N ALA B 659 46.45 9.93 18.07
CA ALA B 659 45.16 9.88 18.74
C ALA B 659 44.76 8.46 19.13
N VAL B 660 44.14 8.33 20.30
CA VAL B 660 43.39 7.14 20.68
C VAL B 660 42.00 7.60 21.13
N VAL B 661 40.96 6.96 20.59
CA VAL B 661 39.62 7.50 20.69
C VAL B 661 38.63 6.38 20.83
N ASN B 662 37.45 6.74 21.31
CA ASN B 662 36.30 5.87 21.51
C ASN B 662 35.49 5.78 20.22
N ASP B 663 34.91 4.61 19.97
CA ASP B 663 34.29 4.35 18.67
C ASP B 663 33.12 5.29 18.37
N THR B 664 32.52 5.96 19.36
CA THR B 664 31.48 6.93 19.02
C THR B 664 32.06 8.25 18.53
N VAL B 665 33.25 8.65 18.99
CA VAL B 665 33.81 9.90 18.50
C VAL B 665 34.30 9.73 17.08
N GLY B 666 34.74 8.53 16.72
CA GLY B 666 34.95 8.23 15.32
C GLY B 666 33.67 8.34 14.52
N THR B 667 32.55 7.89 15.08
CA THR B 667 31.30 8.01 14.36
C THR B 667 30.92 9.48 14.16
N MET B 668 31.09 10.30 15.19
CA MET B 668 30.81 11.74 15.04
C MET B 668 31.72 12.36 13.99
N MET B 669 32.99 11.99 13.98
CA MET B 669 33.92 12.65 13.08
C MET B 669 33.72 12.22 11.64
N THR B 670 33.48 10.93 11.37
CA THR B 670 33.30 10.55 9.96
C THR B 670 32.05 11.18 9.39
N CYS B 671 31.06 11.48 10.22
CA CYS B 671 29.96 12.29 9.73
C CYS B 671 30.45 13.67 9.36
N GLY B 672 31.14 14.35 10.28
CA GLY B 672 31.53 15.73 10.06
C GLY B 672 32.18 16.01 8.71
N PHE B 673 32.90 15.03 8.16
CA PHE B 673 33.47 15.19 6.83
C PHE B 673 32.40 15.28 5.73
N GLU B 674 31.14 14.90 6.02
CA GLU B 674 30.01 15.12 5.12
C GLU B 674 29.13 16.33 5.50
N ASP B 675 29.47 17.11 6.53
CA ASP B 675 28.52 18.07 7.06
C ASP B 675 29.20 18.93 8.12
N PRO B 676 29.10 20.29 8.07
CA PRO B 676 29.81 21.11 9.05
C PRO B 676 29.13 21.01 10.41
N HIS B 677 27.83 20.78 10.39
CA HIS B 677 27.00 20.91 11.58
C HIS B 677 27.00 19.67 12.45
N CYS B 678 27.81 18.65 12.13
CA CYS B 678 27.66 17.43 12.91
C CYS B 678 28.53 17.55 14.15
N GLU B 679 27.86 17.80 15.28
CA GLU B 679 28.48 17.91 16.58
C GLU B 679 28.17 16.75 17.55
N VAL B 680 27.49 15.70 17.10
CA VAL B 680 27.06 14.63 18.01
C VAL B 680 27.32 13.28 17.35
N GLY B 681 27.95 12.36 18.08
CA GLY B 681 27.94 10.94 17.72
C GLY B 681 26.91 10.12 18.50
N LEU B 682 26.39 9.07 17.88
CA LEU B 682 25.52 8.13 18.59
C LEU B 682 25.62 6.74 17.99
N ILE B 683 25.67 5.72 18.85
CA ILE B 683 25.66 4.34 18.40
C ILE B 683 24.56 3.62 19.13
N VAL B 684 23.72 2.92 18.38
CA VAL B 684 22.74 2.02 18.94
C VAL B 684 22.95 0.69 18.22
N GLY B 685 23.37 -0.32 18.97
CA GLY B 685 24.08 -1.47 18.44
C GLY B 685 24.26 -2.51 19.53
N THR B 686 25.32 -3.31 19.45
CA THR B 686 25.66 -4.27 20.51
C THR B 686 25.50 -3.62 21.87
N GLY B 687 25.79 -2.31 21.95
CA GLY B 687 25.61 -1.49 23.12
C GLY B 687 25.21 -0.11 22.65
N SER B 688 24.97 0.80 23.59
CA SER B 688 24.59 2.16 23.20
C SER B 688 25.43 3.20 23.90
N ASN B 689 25.81 4.23 23.13
CA ASN B 689 26.63 5.31 23.66
C ASN B 689 26.48 6.54 22.78
N ALA B 690 26.79 7.70 23.36
CA ALA B 690 26.68 8.98 22.67
C ALA B 690 27.80 9.93 23.09
N CYS B 691 28.11 10.87 22.19
CA CYS B 691 29.15 11.87 22.40
C CYS B 691 28.75 13.15 21.72
N TYR B 692 29.24 14.28 22.24
CA TYR B 692 28.97 15.55 21.59
C TYR B 692 30.07 16.55 21.96
N MET B 693 30.19 17.60 21.14
CA MET B 693 31.05 18.74 21.47
C MET B 693 30.41 19.58 22.57
N GLU B 694 31.17 19.80 23.65
CA GLU B 694 30.74 20.58 24.80
C GLU B 694 31.61 21.84 24.92
N GLU B 695 31.05 22.83 25.60
CA GLU B 695 31.82 24.01 25.94
C GLU B 695 32.92 23.66 26.92
N MET B 696 34.10 24.23 26.68
CA MET B 696 35.28 23.87 27.43
C MET B 696 35.20 24.33 28.89
N ARG B 697 34.39 25.36 29.17
CA ARG B 697 34.23 25.80 30.54
C ARG B 697 33.38 24.84 31.36
N ASN B 698 32.47 24.10 30.70
CA ASN B 698 31.65 23.12 31.41
C ASN B 698 32.39 21.83 31.70
N VAL B 699 33.50 21.58 31.01
CA VAL B 699 34.32 20.41 31.28
C VAL B 699 35.33 20.85 32.33
N GLU B 700 35.06 20.48 33.58
CA GLU B 700 35.88 20.94 34.68
C GLU B 700 37.09 20.06 34.93
N LEU B 701 37.13 18.85 34.39
CA LEU B 701 38.29 17.99 34.60
C LEU B 701 39.43 18.29 33.64
N VAL B 702 39.25 19.23 32.72
CA VAL B 702 40.35 19.71 31.88
C VAL B 702 40.50 21.21 32.09
N GLU B 703 41.74 21.65 32.31
CA GLU B 703 42.02 23.04 32.59
C GLU B 703 41.85 23.90 31.34
N GLY B 704 41.30 25.08 31.53
CA GLY B 704 40.90 25.99 30.47
C GLY B 704 39.41 25.99 30.23
N GLU B 705 38.90 27.19 29.97
CA GLU B 705 37.50 27.42 29.68
C GLU B 705 37.22 27.83 28.23
N GLU B 706 38.21 27.83 27.35
CA GLU B 706 38.04 28.38 26.01
C GLU B 706 38.03 27.24 24.97
N GLY B 707 37.13 27.34 24.01
CA GLY B 707 37.03 26.36 22.95
C GLY B 707 35.97 25.30 23.21
N ARG B 708 36.08 24.21 22.46
CA ARG B 708 35.19 23.09 22.67
C ARG B 708 36.00 21.81 22.72
N MET B 709 35.51 20.86 23.54
CA MET B 709 36.05 19.52 23.60
C MET B 709 34.92 18.52 23.41
N CYS B 710 35.16 17.50 22.61
CA CYS B 710 34.19 16.42 22.53
C CYS B 710 34.17 15.67 23.84
N VAL B 711 32.98 15.37 24.34
CA VAL B 711 32.78 14.57 25.53
C VAL B 711 32.26 13.19 25.13
N ASN B 712 32.81 12.15 25.73
CA ASN B 712 32.33 10.79 25.51
C ASN B 712 31.45 10.44 26.70
N MET B 713 30.14 10.45 26.50
CA MET B 713 29.22 10.43 27.63
C MET B 713 29.32 9.14 28.44
N GLU B 714 29.66 8.03 27.78
CA GLU B 714 29.44 6.69 28.32
C GLU B 714 28.09 6.67 29.01
N TRP B 715 27.04 6.91 28.21
CA TRP B 715 25.71 7.13 28.77
C TRP B 715 25.00 5.84 29.10
N GLY B 716 25.55 4.70 28.65
CA GLY B 716 24.95 3.43 28.99
C GLY B 716 24.73 3.26 30.47
N ALA B 717 25.56 3.93 31.28
CA ALA B 717 25.46 3.79 32.73
C ALA B 717 24.29 4.54 33.32
N PHE B 718 23.58 5.34 32.53
CA PHE B 718 22.47 6.14 33.03
C PHE B 718 21.44 5.25 33.74
N GLY B 719 21.18 5.55 35.01
CA GLY B 719 20.38 4.70 35.87
C GLY B 719 21.16 3.93 36.90
N ASP B 720 22.47 3.74 36.73
CA ASP B 720 23.22 2.92 37.67
C ASP B 720 23.15 3.44 39.09
N ASN B 721 22.67 4.67 39.28
CA ASN B 721 22.39 5.24 40.59
C ASN B 721 20.93 5.11 41.00
N GLY B 722 20.11 4.46 40.20
CA GLY B 722 18.69 4.31 40.51
C GLY B 722 17.81 5.41 39.97
N CYS B 723 18.38 6.40 39.31
CA CYS B 723 17.61 7.55 38.86
C CYS B 723 16.65 7.20 37.74
N LEU B 724 16.73 5.99 37.19
CA LEU B 724 15.72 5.49 36.27
C LEU B 724 14.71 4.55 36.93
N ASP B 725 14.88 4.25 38.24
CA ASP B 725 14.25 3.08 38.83
C ASP B 725 12.73 3.06 38.65
N ASP B 726 12.09 4.22 38.67
CA ASP B 726 10.64 4.17 38.63
C ASP B 726 10.05 4.18 37.22
N PHE B 727 10.88 4.12 36.19
CA PHE B 727 10.43 3.69 34.86
C PHE B 727 10.79 2.24 34.52
N ARG B 728 11.44 1.51 35.42
CA ARG B 728 11.93 0.18 35.10
C ARG B 728 10.93 -0.88 35.56
N THR B 729 10.73 -1.88 34.73
CA THR B 729 9.74 -2.89 35.04
C THR B 729 10.38 -4.03 35.84
N GLU B 730 9.50 -4.93 36.26
CA GLU B 730 9.89 -6.26 36.73
C GLU B 730 10.86 -6.94 35.76
N PHE B 731 10.59 -6.81 34.47
CA PHE B 731 11.39 -7.50 33.48
C PHE B 731 12.77 -6.86 33.34
N ASP B 732 12.85 -5.53 33.45
CA ASP B 732 14.13 -4.85 33.36
C ASP B 732 15.07 -5.28 34.47
N VAL B 733 14.51 -5.53 35.66
CA VAL B 733 15.28 -6.03 36.80
C VAL B 733 15.82 -7.43 36.51
N ALA B 734 14.92 -8.34 36.12
CA ALA B 734 15.31 -9.69 35.76
C ALA B 734 16.46 -9.69 34.74
N VAL B 735 16.37 -8.87 33.70
CA VAL B 735 17.43 -8.78 32.70
C VAL B 735 18.72 -8.33 33.36
N ASP B 736 18.61 -7.35 34.25
CA ASP B 736 19.80 -6.82 34.92
C ASP B 736 20.39 -7.85 35.87
N GLU B 737 19.55 -8.41 36.75
CA GLU B 737 20.06 -9.28 37.82
C GLU B 737 20.66 -10.59 37.31
N LEU B 738 20.31 -11.04 36.11
CA LEU B 738 20.99 -12.20 35.55
C LEU B 738 22.06 -11.85 34.52
N SER B 739 22.34 -10.58 34.30
CA SER B 739 23.42 -10.20 33.40
C SER B 739 24.77 -10.48 34.03
N LEU B 740 25.82 -10.49 33.19
CA LEU B 740 27.21 -10.60 33.65
C LEU B 740 27.67 -9.40 34.47
N ASN B 741 26.91 -8.30 34.49
CA ASN B 741 27.31 -7.09 35.20
C ASN B 741 26.09 -6.50 35.90
N PRO B 742 25.57 -7.19 36.92
CA PRO B 742 24.39 -6.71 37.63
C PRO B 742 24.56 -5.28 38.13
N GLY B 743 23.55 -4.45 37.91
CA GLY B 743 23.52 -3.11 38.43
C GLY B 743 24.25 -2.06 37.61
N LYS B 744 24.98 -2.47 36.58
CA LYS B 744 25.71 -1.59 35.68
C LYS B 744 24.98 -1.46 34.34
N GLN B 745 25.10 -0.29 33.73
CA GLN B 745 24.67 -0.11 32.34
C GLN B 745 23.16 -0.33 32.16
N ARG B 746 22.37 0.12 33.14
CA ARG B 746 20.94 -0.14 33.10
C ARG B 746 20.26 0.51 31.90
N PHE B 747 20.85 1.58 31.34
CA PHE B 747 20.25 2.31 30.22
C PHE B 747 20.47 1.58 28.91
N GLU B 748 21.69 1.08 28.68
CA GLU B 748 21.91 0.14 27.58
C GLU B 748 20.91 -0.98 27.65
N LYS B 749 20.77 -1.55 28.84
CA LYS B 749 19.95 -2.73 29.06
C LYS B 749 18.48 -2.47 28.77
N MET B 750 18.05 -1.21 28.67
CA MET B 750 16.74 -0.96 28.12
C MET B 750 16.69 -0.64 26.63
N ILE B 751 17.77 -0.15 26.01
CA ILE B 751 17.65 0.37 24.65
C ILE B 751 18.43 -0.41 23.58
N SER B 752 19.14 -1.49 23.89
CA SER B 752 19.97 -1.98 22.80
C SER B 752 20.32 -3.46 22.92
N GLY B 753 21.11 -3.92 21.94
CA GLY B 753 22.02 -5.06 21.96
C GLY B 753 21.39 -6.39 22.28
N MET B 754 22.10 -7.19 23.09
CA MET B 754 21.52 -8.44 23.60
C MET B 754 20.21 -8.17 24.31
N TYR B 755 20.16 -7.09 25.09
CA TYR B 755 19.17 -6.98 26.16
C TYR B 755 17.72 -6.92 25.64
N LEU B 756 17.49 -6.26 24.49
CA LEU B 756 16.11 -6.14 24.01
C LEU B 756 15.49 -7.50 23.76
N GLY B 757 16.28 -8.46 23.29
CA GLY B 757 15.77 -9.82 23.15
C GLY B 757 15.50 -10.47 24.49
N GLU B 758 16.27 -10.13 25.52
CA GLU B 758 16.04 -10.78 26.79
C GLU B 758 14.82 -10.19 27.48
N ILE B 759 14.60 -8.87 27.38
CA ILE B 759 13.35 -8.30 27.88
C ILE B 759 12.17 -9.02 27.25
N VAL B 760 12.21 -9.15 25.92
CA VAL B 760 11.15 -9.87 25.22
C VAL B 760 10.98 -11.26 25.82
N ARG B 761 12.07 -12.03 25.88
CA ARG B 761 11.93 -13.41 26.31
C ARG B 761 11.37 -13.48 27.72
N ASN B 762 11.75 -12.55 28.59
CA ASN B 762 11.20 -12.62 29.94
C ASN B 762 9.69 -12.38 29.93
N ILE B 763 9.19 -11.52 29.05
CA ILE B 763 7.76 -11.26 29.03
C ILE B 763 7.02 -12.47 28.48
N LEU B 764 7.56 -13.10 27.44
CA LEU B 764 6.91 -14.31 26.94
C LEU B 764 6.82 -15.36 28.05
N ILE B 765 7.85 -15.46 28.90
CA ILE B 765 7.79 -16.44 29.99
C ILE B 765 6.70 -16.05 30.99
N ASP B 766 6.59 -14.76 31.31
CA ASP B 766 5.54 -14.34 32.23
C ASP B 766 4.15 -14.61 31.65
N PHE B 767 3.89 -14.15 30.43
CA PHE B 767 2.63 -14.43 29.76
C PHE B 767 2.31 -15.93 29.81
N THR B 768 3.30 -16.77 29.58
CA THR B 768 3.05 -18.20 29.51
C THR B 768 2.72 -18.77 30.89
N LYS B 769 3.46 -18.33 31.92
CA LYS B 769 3.13 -18.71 33.30
C LYS B 769 1.69 -18.36 33.65
N ARG B 770 1.17 -17.29 33.07
CA ARG B 770 -0.14 -16.75 33.38
C ARG B 770 -1.22 -17.27 32.45
N GLY B 771 -0.88 -18.25 31.61
CA GLY B 771 -1.80 -18.80 30.63
C GLY B 771 -2.11 -17.92 29.44
N LEU B 772 -1.40 -16.79 29.25
CA LEU B 772 -1.73 -15.83 28.20
C LEU B 772 -0.96 -16.04 26.90
N LEU B 773 -0.08 -17.02 26.83
CA LEU B 773 0.62 -17.33 25.59
C LEU B 773 1.06 -18.80 25.63
N PHE B 774 1.16 -19.41 24.44
CA PHE B 774 1.72 -20.76 24.25
C PHE B 774 0.89 -21.87 24.90
N ARG B 775 -0.42 -21.67 25.04
CA ARG B 775 -1.27 -22.62 25.75
C ARG B 775 -0.78 -22.85 27.19
N GLY B 776 -0.05 -21.89 27.75
CA GLY B 776 0.37 -21.94 29.13
C GLY B 776 1.41 -22.99 29.47
N ARG B 777 2.09 -23.54 28.47
CA ARG B 777 3.13 -24.55 28.69
C ARG B 777 4.45 -23.92 28.28
N ILE B 778 5.31 -23.66 29.27
CA ILE B 778 6.65 -23.15 28.97
C ILE B 778 7.52 -24.32 28.59
N SER B 779 8.03 -24.31 27.37
CA SER B 779 9.02 -25.32 27.02
C SER B 779 10.37 -25.03 27.68
N GLU B 780 11.17 -26.09 27.78
CA GLU B 780 12.58 -25.96 28.19
C GLU B 780 13.32 -25.00 27.26
N ARG B 781 13.03 -25.08 25.96
CA ARG B 781 13.70 -24.26 24.97
C ARG B 781 13.48 -22.77 25.20
N LEU B 782 12.26 -22.39 25.61
CA LEU B 782 11.97 -20.98 25.90
C LEU B 782 12.76 -20.45 27.09
N LYS B 783 13.29 -21.33 27.92
CA LYS B 783 14.12 -20.91 29.05
C LYS B 783 15.58 -20.79 28.66
N THR B 784 15.93 -21.16 27.43
CA THR B 784 17.30 -20.95 26.96
C THR B 784 17.53 -19.46 26.74
N ARG B 785 18.54 -18.92 27.40
CA ARG B 785 18.80 -17.50 27.38
C ARG B 785 19.44 -17.07 26.06
N GLY B 786 19.15 -15.85 25.64
CA GLY B 786 19.79 -15.30 24.46
C GLY B 786 19.28 -15.84 23.15
N ILE B 787 18.12 -16.50 23.14
CA ILE B 787 17.64 -17.07 21.89
C ILE B 787 16.99 -16.04 20.98
N PHE B 788 16.57 -14.88 21.51
CA PHE B 788 16.05 -13.84 20.64
C PHE B 788 17.18 -12.87 20.31
N GLU B 789 17.68 -12.97 19.09
CA GLU B 789 18.70 -12.10 18.58
C GLU B 789 18.03 -10.88 17.96
N THR B 790 18.68 -9.73 18.09
CA THR B 790 18.12 -8.50 17.53
C THR B 790 17.62 -8.73 16.11
N LYS B 791 18.39 -9.44 15.27
CA LYS B 791 17.92 -9.67 13.90
C LYS B 791 16.50 -10.24 13.90
N PHE B 792 16.19 -11.16 14.82
CA PHE B 792 14.86 -11.75 14.88
C PHE B 792 13.81 -10.72 15.29
N LEU B 793 14.12 -9.85 16.25
CA LEU B 793 13.16 -8.82 16.60
C LEU B 793 12.96 -7.80 15.50
N SER B 794 13.86 -7.73 14.52
CA SER B 794 13.64 -6.86 13.37
C SER B 794 12.73 -7.53 12.33
N GLN B 795 13.02 -8.79 11.98
CA GLN B 795 12.17 -9.47 11.00
C GLN B 795 10.75 -9.64 11.54
N ILE B 796 10.61 -9.94 12.84
CA ILE B 796 9.29 -10.06 13.44
C ILE B 796 8.51 -8.76 13.29
N GLU B 797 9.09 -7.65 13.74
CA GLU B 797 8.41 -6.35 13.63
C GLU B 797 8.15 -5.96 12.18
N SER B 798 9.08 -6.26 11.27
CA SER B 798 8.89 -5.95 9.86
C SER B 798 7.77 -6.77 9.21
N ASP B 799 7.38 -7.88 9.80
CA ASP B 799 6.49 -8.79 9.10
C ASP B 799 5.08 -8.21 9.03
N CYS B 800 4.31 -8.71 8.07
CA CYS B 800 2.96 -8.22 7.81
C CYS B 800 2.13 -9.41 7.34
N LEU B 801 0.92 -9.13 6.84
CA LEU B 801 0.01 -10.15 6.27
C LEU B 801 -0.25 -11.22 7.33
N ALA B 802 -0.04 -12.50 7.02
CA ALA B 802 -0.40 -13.61 7.89
C ALA B 802 0.64 -13.91 8.96
N LEU B 803 1.72 -13.12 9.04
CA LEU B 803 2.79 -13.25 10.02
C LEU B 803 3.59 -14.55 9.86
N LEU B 804 3.70 -15.07 8.63
CA LEU B 804 4.36 -16.36 8.44
C LEU B 804 5.84 -16.34 8.84
N GLN B 805 6.53 -15.19 8.67
CA GLN B 805 7.93 -15.13 9.08
C GLN B 805 8.07 -15.24 10.60
N VAL B 806 7.20 -14.57 11.35
CA VAL B 806 7.21 -14.75 12.81
C VAL B 806 7.02 -16.22 13.14
N ARG B 807 5.99 -16.83 12.57
CA ARG B 807 5.79 -18.27 12.76
C ARG B 807 7.05 -19.04 12.35
N ALA B 808 7.69 -18.65 11.25
CA ALA B 808 8.90 -19.35 10.83
C ALA B 808 9.99 -19.21 11.89
N ILE B 809 10.25 -17.98 12.33
CA ILE B 809 11.25 -17.72 13.37
C ILE B 809 10.92 -18.50 14.64
N LEU B 810 9.65 -18.49 15.06
CA LEU B 810 9.29 -19.24 16.26
C LEU B 810 9.55 -20.75 16.11
N GLN B 811 9.21 -21.32 14.96
CA GLN B 811 9.55 -22.72 14.72
C GLN B 811 11.07 -22.90 14.65
N HIS B 812 11.78 -21.97 14.01
CA HIS B 812 13.24 -22.04 13.94
C HIS B 812 13.88 -22.17 15.31
N LEU B 813 13.39 -21.40 16.27
CA LEU B 813 13.97 -21.46 17.61
C LEU B 813 13.40 -22.61 18.44
N GLY B 814 12.53 -23.44 17.89
CA GLY B 814 11.99 -24.55 18.64
C GLY B 814 10.89 -24.23 19.63
N LEU B 815 9.94 -23.36 19.23
CA LEU B 815 8.83 -22.94 20.08
C LEU B 815 7.52 -23.18 19.33
N GLU B 816 6.40 -23.25 20.06
CA GLU B 816 5.11 -23.53 19.43
C GLU B 816 4.67 -22.32 18.60
N SER B 817 4.46 -22.54 17.29
CA SER B 817 4.39 -21.48 16.28
C SER B 817 2.97 -21.09 15.83
N THR B 818 1.92 -21.46 16.59
CA THR B 818 0.54 -21.23 16.12
C THR B 818 0.28 -19.77 15.75
N CYS B 819 -0.67 -19.59 14.82
CA CYS B 819 -1.00 -18.28 14.26
C CYS B 819 -1.25 -17.23 15.33
N ASP B 820 -1.94 -17.61 16.42
CA ASP B 820 -2.29 -16.61 17.42
C ASP B 820 -1.10 -16.29 18.31
N ASP B 821 -0.25 -17.28 18.56
CA ASP B 821 0.98 -17.04 19.31
C ASP B 821 1.84 -15.98 18.64
N SER B 822 2.02 -16.08 17.33
CA SER B 822 2.86 -15.09 16.66
C SER B 822 2.24 -13.70 16.63
N ILE B 823 0.91 -13.56 16.78
CA ILE B 823 0.33 -12.22 16.93
C ILE B 823 0.74 -11.58 18.25
N ILE B 824 0.78 -12.36 19.32
CA ILE B 824 1.19 -11.82 20.61
C ILE B 824 2.68 -11.52 20.62
N VAL B 825 3.48 -12.37 19.98
CA VAL B 825 4.93 -12.17 20.00
C VAL B 825 5.29 -10.86 19.30
N LYS B 826 4.68 -10.60 18.13
CA LYS B 826 4.97 -9.37 17.41
C LYS B 826 4.65 -8.12 18.23
N GLU B 827 3.55 -8.14 18.97
CA GLU B 827 3.24 -6.96 19.76
C GLU B 827 4.25 -6.78 20.89
N VAL B 828 4.59 -7.86 21.60
CA VAL B 828 5.60 -7.75 22.66
C VAL B 828 6.92 -7.24 22.10
N CYS B 829 7.28 -7.64 20.89
CA CYS B 829 8.50 -7.08 20.33
C CYS B 829 8.32 -5.60 20.01
N THR B 830 7.18 -5.24 19.42
CA THR B 830 7.00 -3.85 18.99
C THR B 830 7.03 -2.89 20.17
N VAL B 831 6.49 -3.33 21.32
CA VAL B 831 6.44 -2.48 22.50
C VAL B 831 7.83 -2.25 23.05
N VAL B 832 8.63 -3.32 23.16
CA VAL B 832 9.99 -3.19 23.67
C VAL B 832 10.85 -2.36 22.73
N ALA B 833 10.70 -2.58 21.42
CA ALA B 833 11.40 -1.75 20.44
C ALA B 833 10.97 -0.30 20.55
N ARG B 834 9.67 -0.06 20.74
CA ARG B 834 9.22 1.32 20.83
C ARG B 834 9.83 1.98 22.05
N ARG B 835 9.74 1.32 23.20
CA ARG B 835 10.35 1.89 24.38
C ARG B 835 11.82 2.12 24.15
N ALA B 836 12.47 1.20 23.42
CA ALA B 836 13.90 1.34 23.17
C ALA B 836 14.21 2.63 22.39
N ALA B 837 13.43 2.89 21.32
CA ALA B 837 13.70 4.09 20.52
C ALA B 837 13.31 5.34 21.29
N GLN B 838 12.16 5.30 21.95
CA GLN B 838 11.71 6.47 22.69
C GLN B 838 12.72 6.84 23.77
N LEU B 839 13.15 5.87 24.57
CA LEU B 839 14.16 6.15 25.59
C LEU B 839 15.43 6.70 24.94
N CYS B 840 15.82 6.13 23.82
CA CYS B 840 16.99 6.65 23.12
C CYS B 840 16.77 8.10 22.69
N GLY B 841 15.58 8.38 22.13
CA GLY B 841 15.27 9.74 21.74
C GLY B 841 15.28 10.71 22.90
N ALA B 842 14.72 10.31 24.04
CA ALA B 842 14.73 11.19 25.20
C ALA B 842 16.16 11.58 25.57
N GLY B 843 17.08 10.62 25.54
CA GLY B 843 18.47 10.93 25.81
C GLY B 843 19.05 11.87 24.78
N MET B 844 18.80 11.60 23.50
CA MET B 844 19.31 12.44 22.43
C MET B 844 18.64 13.82 22.42
N ALA B 845 17.43 13.93 22.95
CA ALA B 845 16.81 15.24 23.11
C ALA B 845 17.49 16.04 24.20
N ALA B 846 17.90 15.39 25.29
CA ALA B 846 18.65 16.07 26.33
C ALA B 846 20.00 16.55 25.82
N VAL B 847 20.68 15.75 25.00
CA VAL B 847 21.98 16.18 24.47
C VAL B 847 21.81 17.46 23.66
N VAL B 848 20.96 17.41 22.62
CA VAL B 848 20.84 18.58 21.73
C VAL B 848 20.31 19.80 22.49
N ASP B 849 19.40 19.60 23.45
CA ASP B 849 18.84 20.74 24.15
C ASP B 849 19.79 21.34 25.18
N ARG B 850 20.80 20.59 25.64
CA ARG B 850 21.83 21.25 26.44
C ARG B 850 22.79 22.02 25.54
N ILE B 851 23.12 21.48 24.37
CA ILE B 851 23.96 22.21 23.43
C ILE B 851 23.30 23.52 23.02
N ARG B 852 21.98 23.49 22.78
CA ARG B 852 21.26 24.75 22.56
C ARG B 852 21.44 25.67 23.76
N GLU B 853 21.08 25.20 24.95
CA GLU B 853 21.11 26.06 26.13
C GLU B 853 22.52 26.54 26.47
N ASN B 854 23.54 25.69 26.24
CA ASN B 854 24.91 26.11 26.50
C ASN B 854 25.26 27.34 25.67
N ARG B 855 24.96 27.28 24.39
CA ARG B 855 25.39 28.31 23.47
C ARG B 855 24.50 29.53 23.49
N GLY B 856 23.52 29.56 24.39
CA GLY B 856 22.62 30.68 24.54
C GLY B 856 21.64 30.90 23.41
N LEU B 857 21.52 29.96 22.48
CA LEU B 857 20.53 30.08 21.43
C LEU B 857 19.14 29.74 21.95
N ASP B 858 18.12 30.31 21.31
CA ASP B 858 16.76 29.80 21.50
C ASP B 858 16.36 28.81 20.40
N ALA B 859 17.18 28.66 19.36
CA ALA B 859 16.95 27.63 18.36
C ALA B 859 18.30 27.16 17.86
N LEU B 860 18.35 25.89 17.43
CA LEU B 860 19.59 25.25 17.00
C LEU B 860 19.30 24.25 15.89
N LYS B 861 20.24 24.15 14.94
CA LYS B 861 20.22 23.17 13.86
C LYS B 861 21.51 22.37 13.98
N VAL B 862 21.39 21.05 14.09
CA VAL B 862 22.54 20.19 14.43
C VAL B 862 22.38 18.82 13.78
N THR B 863 23.50 18.25 13.34
CA THR B 863 23.54 16.95 12.70
C THR B 863 24.14 15.91 13.62
N VAL B 864 23.54 14.72 13.66
CA VAL B 864 23.99 13.62 14.51
C VAL B 864 24.56 12.53 13.63
N GLY B 865 25.83 12.18 13.84
CA GLY B 865 26.39 10.97 13.27
C GLY B 865 25.86 9.76 14.03
N VAL B 866 25.26 8.82 13.31
CA VAL B 866 24.60 7.67 13.92
C VAL B 866 25.12 6.40 13.29
N ASP B 867 25.30 5.37 14.10
CA ASP B 867 25.63 4.04 13.59
C ASP B 867 25.01 3.01 14.51
N GLY B 868 25.23 1.77 14.18
CA GLY B 868 24.80 0.65 14.98
C GLY B 868 23.74 -0.18 14.27
N THR B 869 23.73 -1.47 14.60
CA THR B 869 23.01 -2.44 13.79
C THR B 869 21.52 -2.41 14.09
N LEU B 870 21.14 -2.16 15.34
CA LEU B 870 19.73 -1.96 15.68
C LEU B 870 19.17 -0.73 14.98
N TYR B 871 19.92 0.39 14.99
CA TYR B 871 19.46 1.59 14.31
C TYR B 871 19.30 1.38 12.80
N LYS B 872 20.34 0.85 12.16
CA LYS B 872 20.34 0.57 10.72
C LYS B 872 19.17 -0.34 10.31
N LEU B 873 19.16 -1.59 10.81
CA LEU B 873 18.34 -2.69 10.30
C LEU B 873 16.93 -2.79 10.90
N HIS B 874 16.73 -2.50 12.18
CA HIS B 874 15.41 -2.62 12.77
C HIS B 874 14.46 -1.67 12.05
N PRO B 875 13.27 -2.12 11.68
CA PRO B 875 12.44 -1.30 10.77
C PRO B 875 12.02 0.04 11.33
N HIS B 876 11.58 0.13 12.59
CA HIS B 876 11.03 1.39 13.08
C HIS B 876 11.93 2.21 14.00
N PHE B 877 13.08 1.70 14.44
CA PHE B 877 13.82 2.36 15.54
C PHE B 877 14.16 3.78 15.17
N ALA B 878 14.84 3.97 14.04
CA ALA B 878 15.24 5.30 13.61
C ALA B 878 14.06 6.25 13.53
N LYS B 879 13.02 5.87 12.78
CA LYS B 879 11.82 6.69 12.62
C LYS B 879 11.26 7.10 13.96
N VAL B 880 10.99 6.12 14.84
CA VAL B 880 10.39 6.41 16.14
C VAL B 880 11.31 7.28 16.97
N MET B 881 12.63 7.11 16.83
CA MET B 881 13.56 7.96 17.58
C MET B 881 13.53 9.40 17.05
N HIS B 882 13.72 9.59 15.73
CA HIS B 882 13.65 10.94 15.17
C HIS B 882 12.38 11.63 15.66
N GLU B 883 11.25 10.92 15.64
CA GLU B 883 9.98 11.48 16.11
C GLU B 883 10.07 11.91 17.56
N THR B 884 10.71 11.11 18.41
CA THR B 884 10.75 11.47 19.83
C THR B 884 11.67 12.66 20.08
N VAL B 885 12.78 12.73 19.36
CA VAL B 885 13.66 13.89 19.44
C VAL B 885 12.93 15.14 19.04
N LYS B 886 12.23 15.09 17.89
CA LYS B 886 11.53 16.28 17.39
C LYS B 886 10.49 16.75 18.39
N ASP B 887 9.86 15.81 19.09
CA ASP B 887 8.76 16.07 20.00
C ASP B 887 9.22 16.61 21.37
N LEU B 888 10.34 16.13 21.90
CA LEU B 888 10.82 16.57 23.20
C LEU B 888 11.84 17.71 23.14
N ALA B 889 12.32 18.05 21.95
CA ALA B 889 13.20 19.20 21.76
C ALA B 889 12.58 20.06 20.66
N PRO B 890 11.46 20.73 20.96
CA PRO B 890 10.82 21.62 19.96
C PRO B 890 11.76 22.64 19.37
N LYS B 891 12.71 23.14 20.15
CA LYS B 891 13.59 24.23 19.74
C LYS B 891 14.82 23.76 18.95
N CYS B 892 14.93 22.47 18.62
CA CYS B 892 16.13 21.97 17.93
C CYS B 892 15.73 21.22 16.67
N ASP B 893 16.23 21.67 15.53
CA ASP B 893 16.03 20.97 14.27
C ASP B 893 17.22 20.03 14.07
N VAL B 894 16.97 18.72 14.23
CA VAL B 894 18.03 17.71 14.23
C VAL B 894 17.92 16.88 12.97
N SER B 895 19.03 16.73 12.26
CA SER B 895 19.10 15.84 11.11
C SER B 895 20.05 14.71 11.44
N PHE B 896 19.68 13.49 11.08
CA PHE B 896 20.51 12.32 11.35
C PHE B 896 21.13 11.83 10.05
N LEU B 897 22.44 11.65 10.06
CA LEU B 897 23.16 11.04 8.96
C LEU B 897 23.78 9.76 9.45
N GLN B 898 23.73 8.74 8.59
CA GLN B 898 24.33 7.45 8.91
C GLN B 898 25.82 7.51 8.63
N SER B 899 26.62 7.29 9.65
CA SER B 899 28.05 7.14 9.50
C SER B 899 28.36 5.68 9.74
N GLU B 900 29.36 5.16 9.03
CA GLU B 900 29.75 3.78 9.23
C GLU B 900 31.24 3.70 9.49
N ASP B 901 31.64 2.66 10.22
CA ASP B 901 33.04 2.41 10.52
C ASP B 901 33.62 3.51 11.40
N GLY B 902 32.85 3.94 12.40
CA GLY B 902 33.38 4.90 13.36
C GLY B 902 34.69 4.43 13.98
N SER B 903 34.76 3.17 14.40
CA SER B 903 35.97 2.68 15.06
C SER B 903 37.12 2.51 14.07
N GLY B 904 36.86 2.11 12.83
CA GLY B 904 37.93 2.01 11.86
C GLY B 904 38.43 3.28 11.20
N LYS B 905 37.62 3.94 10.37
CA LYS B 905 38.14 5.11 9.68
C LYS B 905 37.92 6.37 10.48
N GLY B 906 37.06 6.34 11.50
CA GLY B 906 36.93 7.48 12.38
C GLY B 906 38.21 7.76 13.13
N ALA B 907 38.90 6.70 13.54
CA ALA B 907 40.21 6.87 14.17
C ALA B 907 41.13 7.68 13.27
N ALA B 908 41.26 7.27 12.01
CA ALA B 908 42.14 7.98 11.09
C ALA B 908 41.66 9.39 10.84
N LEU B 909 40.36 9.56 10.54
CA LEU B 909 39.87 10.91 10.26
C LEU B 909 40.07 11.84 11.46
N ILE B 910 39.93 11.32 12.68
CA ILE B 910 40.23 12.14 13.84
C ILE B 910 41.69 12.59 13.81
N THR B 911 42.60 11.66 13.51
CA THR B 911 44.00 12.06 13.39
C THR B 911 44.17 13.07 12.27
N ALA B 912 43.43 12.89 11.17
CA ALA B 912 43.51 13.83 10.05
C ALA B 912 43.22 15.26 10.50
N VAL B 913 42.21 15.44 11.35
CA VAL B 913 41.92 16.77 11.87
C VAL B 913 43.01 17.19 12.85
N ALA B 914 43.32 16.32 13.81
CA ALA B 914 44.38 16.63 14.77
C ALA B 914 45.65 17.04 14.05
N CYS B 915 45.93 16.45 12.88
CA CYS B 915 47.13 16.81 12.14
C CYS B 915 47.06 18.22 11.57
N ARG B 916 45.88 18.65 11.13
CA ARG B 916 45.78 19.99 10.57
C ARG B 916 45.92 21.05 11.66
N ILE B 917 45.28 20.82 12.82
CA ILE B 917 45.37 21.76 13.91
C ILE B 917 46.82 21.97 14.37
N ARG B 918 47.73 21.06 14.01
CA ARG B 918 49.06 21.15 14.60
C ARG B 918 49.97 22.18 13.92
N GLU B 919 49.59 22.67 12.74
CA GLU B 919 50.21 23.88 12.18
C GLU B 919 49.45 25.13 12.66
C1 603 C . 24.73 -10.05 -13.54
C2 603 C . 21.92 -2.86 -7.91
C3 603 C . 22.14 -3.55 -6.74
C4 603 C . 21.74 -3.51 -9.11
C5 603 C . 22.55 -9.21 -7.04
C6 603 C . 23.34 -11.78 -14.56
C7 603 C . 23.09 -9.51 -15.25
C8 603 C . 22.20 -4.93 -6.74
C9 603 C . 21.80 -4.89 -9.10
C10 603 C . 22.45 -7.84 -6.91
C11 603 C . 22.29 -9.83 -8.24
C12 603 C . 22.37 -12.19 -15.45
C13 603 C . 22.10 -9.90 -16.14
C14 603 C . 21.83 -7.68 -9.20
C15 603 C . 23.71 -10.45 -14.47
C16 603 C . 22.03 -5.61 -7.93
C17 603 C . 22.09 -7.06 -8.01
C18 603 C . 21.92 -9.06 -9.30
C19 603 C . 21.75 -11.23 -16.23
C20 603 C . 21.64 -9.64 -10.61
C21 603 C . 20.37 -9.34 -12.61
C22 603 C . 19.28 -8.42 -13.08
C23 603 C . 19.11 -8.71 -14.54
C24 603 C . 18.59 -10.12 -14.68
C25 603 C . 19.94 -10.76 -12.85
C26 603 C . 18.46 -10.41 -16.17
N27 603 C . 25.54 -9.70 -12.78
N28 603 C . 20.56 -9.11 -11.21
N29 603 C . 19.08 -11.73 -16.37
O30 603 C . 22.36 -10.51 -11.08
O31 603 C . 20.24 -10.70 -18.36
O32 603 C . 20.73 -13.12 -17.74
O33 603 C . 19.58 -11.01 -14.21
O34 603 C . 19.71 -7.08 -12.95
O35 603 C . 18.16 -7.78 -15.04
O36 603 C . 18.85 -11.03 -12.01
S37 603 C . 20.47 -11.75 -17.37
C1 603 D . -26.67 38.55 -19.92
C2 603 D . -25.90 47.95 -25.18
C3 603 D . -24.77 47.46 -25.79
C4 603 D . -26.69 47.15 -24.39
C5 603 D . -24.17 41.84 -25.53
C6 603 D . -24.68 37.66 -18.84
C7 603 D . -26.07 39.24 -17.69
C8 603 D . -24.43 46.15 -25.61
C9 603 D . -26.34 45.83 -24.21
C10 603 D . -24.53 43.16 -25.70
C11 603 D . -24.15 41.31 -24.26
C12 603 D . -23.82 37.60 -17.77
C13 603 D . -25.23 39.17 -16.61
C14 603 D . -24.82 43.42 -23.36
C15 603 D . -25.79 38.48 -18.80
C16 603 D . -25.21 45.33 -24.82
C17 603 D . -24.85 43.95 -24.63
C18 603 D . -24.47 42.11 -23.20
C19 603 D . -24.12 38.37 -16.67
C20 603 D . -24.45 41.55 -21.85
C21 603 D . -23.49 41.68 -19.63
C22 603 D . -23.39 42.86 -18.70
C23 603 D . -23.13 42.41 -17.29
C24 603 D . -22.02 41.38 -17.19
C25 603 D . -22.27 40.80 -19.44
C26 603 D . -22.15 40.85 -15.77
N27 603 D . -27.38 38.64 -20.84
N28 603 D . -23.56 42.14 -21.00
N29 603 D . -21.83 39.41 -15.73
O30 603 D . -25.21 40.64 -21.56
O31 603 D . -23.88 38.89 -14.18
O32 603 D . -22.49 36.99 -15.18
O33 603 D . -22.25 40.32 -18.11
O34 603 D . -24.64 43.50 -18.64
O35 603 D . -22.68 43.57 -16.62
O36 603 D . -21.10 41.51 -19.81
S37 603 D . -23.06 38.32 -15.25
C1 603 E . -31.57 -28.24 7.96
C2 603 E . -26.08 -21.24 5.38
C3 603 E . -26.31 -21.21 4.02
C4 603 E . -26.39 -22.34 6.16
C5 603 E . -28.86 -25.82 1.84
C6 603 E . -31.10 -30.55 8.55
C7 603 E . -29.81 -28.80 9.50
C8 603 E . -26.87 -22.28 3.37
C9 603 E . -26.95 -23.40 5.50
C10 603 E . -28.27 -24.65 2.27
C11 603 E . -28.95 -26.90 2.68
C12 603 E . -30.35 -31.47 9.25
C13 603 E . -29.05 -29.71 10.20
C14 603 E . -27.86 -25.65 4.39
C15 603 E . -30.82 -29.22 8.67
C16 603 E . -27.18 -23.38 4.13
C17 603 E . -27.77 -24.56 3.55
C18 603 E . -28.44 -26.80 3.95
C19 603 E . -29.35 -31.04 10.07
C20 603 E . -28.50 -27.89 4.92
C21 603 E . -27.23 -28.67 6.90
C22 603 E . -25.96 -28.20 7.56
C23 603 E . -25.92 -28.81 8.92
C24 603 E . -25.94 -30.31 8.91
C25 603 E . -27.27 -30.18 6.88
C26 603 E . -26.27 -30.62 10.35
N27 603 E . -32.18 -27.43 7.39
N28 603 E . -27.31 -28.09 5.58
N29 603 E . -26.77 -31.99 10.45
O30 603 E . -29.56 -28.48 5.06
O31 603 E . -28.61 -31.86 12.37
O32 603 E . -28.76 -33.53 10.46
O33 603 E . -26.99 -30.86 8.11
O34 603 E . -26.11 -26.82 7.85
O35 603 E . -24.73 -28.35 9.54
O36 603 E . -26.60 -30.71 5.76
S37 603 E . -28.39 -32.22 10.98
C1 603 F . 33.33 -3.06 24.46
C2 603 F . 34.23 4.62 31.78
C3 603 F . 32.85 4.57 31.80
C4 603 F . 34.98 3.52 31.43
C5 603 F . 31.22 -1.00 31.11
C6 603 F . 31.02 -2.75 23.70
C7 603 F . 32.84 -1.85 22.43
C8 603 F . 32.22 3.41 31.46
C9 603 F . 34.35 2.35 31.08
C10 603 F . 31.85 0.14 31.57
C11 603 F . 31.04 -1.19 29.76
C12 603 F . 30.13 -2.25 22.76
C13 603 F . 31.96 -1.35 21.49
C14 603 F . 32.11 0.91 29.33
C15 603 F . 32.38 -2.55 23.52
C16 603 F . 32.97 2.29 31.10
C17 603 F . 32.30 1.09 30.69
C18 603 F . 31.48 -0.23 28.89
C19 603 F . 30.60 -1.55 21.67
C20 603 F . 31.31 -0.39 27.45
C21 603 F . 30.70 0.79 25.39
C22 603 F . 31.05 2.13 24.79
C23 603 F . 30.72 2.08 23.32
C24 603 F . 29.30 1.62 23.10
C25 603 F . 29.26 0.44 25.06
C26 603 F . 29.05 1.54 21.61
N27 603 F . 34.12 -3.50 25.19
N28 603 F . 30.97 0.78 26.81
N29 603 F . 28.55 0.18 21.38
O30 603 F . 31.48 -1.50 26.94
O31 603 F . 30.39 -0.14 19.56
O32 603 F . 28.61 -1.89 19.88
O33 603 F . 29.17 0.31 23.64
O34 603 F . 32.45 2.25 24.87
O35 603 F . 30.91 3.36 22.73
O36 603 F . 28.38 1.45 25.52
S37 603 F . 29.51 -0.88 20.43
#